data_2E46
# 
_entry.id   2E46 
# 
_audit_conform.dict_name       mmcif_pdbx.dic 
_audit_conform.dict_version    5.397 
_audit_conform.dict_location   http://mmcif.pdb.org/dictionaries/ascii/mmcif_pdbx.dic 
# 
loop_
_database_2.database_id 
_database_2.database_code 
_database_2.pdbx_database_accession 
_database_2.pdbx_DOI 
PDB   2E46         pdb_00002e46 10.2210/pdb2e46/pdb 
RCSB  RCSB026202   ?            ?                   
WWPDB D_1000026202 ?            ?                   
# 
loop_
_pdbx_audit_revision_history.ordinal 
_pdbx_audit_revision_history.data_content_type 
_pdbx_audit_revision_history.major_revision 
_pdbx_audit_revision_history.minor_revision 
_pdbx_audit_revision_history.revision_date 
1 'Structure model' 1 0 2008-02-05 
2 'Structure model' 1 1 2011-07-13 
3 'Structure model' 1 2 2023-10-25 
4 'Structure model' 1 3 2024-10-30 
# 
_pdbx_audit_revision_details.ordinal             1 
_pdbx_audit_revision_details.revision_ordinal    1 
_pdbx_audit_revision_details.data_content_type   'Structure model' 
_pdbx_audit_revision_details.provider            repository 
_pdbx_audit_revision_details.type                'Initial release' 
_pdbx_audit_revision_details.description         ? 
_pdbx_audit_revision_details.details             ? 
# 
loop_
_pdbx_audit_revision_group.ordinal 
_pdbx_audit_revision_group.revision_ordinal 
_pdbx_audit_revision_group.data_content_type 
_pdbx_audit_revision_group.group 
1 2 'Structure model' 'Version format compliance' 
2 3 'Structure model' 'Data collection'           
3 3 'Structure model' 'Database references'       
4 3 'Structure model' 'Derived calculations'      
5 3 'Structure model' 'Refinement description'    
6 4 'Structure model' 'Structure summary'         
# 
loop_
_pdbx_audit_revision_category.ordinal 
_pdbx_audit_revision_category.revision_ordinal 
_pdbx_audit_revision_category.data_content_type 
_pdbx_audit_revision_category.category 
1  3 'Structure model' chem_comp_atom                
2  3 'Structure model' chem_comp_bond                
3  3 'Structure model' database_2                    
4  3 'Structure model' pdbx_initial_refinement_model 
5  3 'Structure model' pdbx_struct_conn_angle        
6  3 'Structure model' struct_conn                   
7  3 'Structure model' struct_ref_seq_dif            
8  3 'Structure model' struct_site                   
9  4 'Structure model' pdbx_entry_details            
10 4 'Structure model' pdbx_modification_feature     
# 
loop_
_pdbx_audit_revision_item.ordinal 
_pdbx_audit_revision_item.revision_ordinal 
_pdbx_audit_revision_item.data_content_type 
_pdbx_audit_revision_item.item 
1  3 'Structure model' '_database_2.pdbx_DOI'                       
2  3 'Structure model' '_database_2.pdbx_database_accession'        
3  3 'Structure model' '_pdbx_struct_conn_angle.ptnr1_auth_seq_id'  
4  3 'Structure model' '_pdbx_struct_conn_angle.ptnr1_label_seq_id' 
5  3 'Structure model' '_pdbx_struct_conn_angle.ptnr3_auth_seq_id'  
6  3 'Structure model' '_pdbx_struct_conn_angle.ptnr3_label_seq_id' 
7  3 'Structure model' '_pdbx_struct_conn_angle.value'              
8  3 'Structure model' '_struct_conn.pdbx_dist_value'               
9  3 'Structure model' '_struct_conn.ptnr1_auth_comp_id'            
10 3 'Structure model' '_struct_conn.ptnr1_auth_seq_id'             
11 3 'Structure model' '_struct_conn.ptnr1_label_asym_id'           
12 3 'Structure model' '_struct_conn.ptnr1_label_atom_id'           
13 3 'Structure model' '_struct_conn.ptnr1_label_comp_id'           
14 3 'Structure model' '_struct_conn.ptnr1_label_seq_id'            
15 3 'Structure model' '_struct_conn.ptnr2_auth_comp_id'            
16 3 'Structure model' '_struct_conn.ptnr2_auth_seq_id'             
17 3 'Structure model' '_struct_conn.ptnr2_label_asym_id'           
18 3 'Structure model' '_struct_conn.ptnr2_label_atom_id'           
19 3 'Structure model' '_struct_conn.ptnr2_label_comp_id'           
20 3 'Structure model' '_struct_conn.ptnr2_label_seq_id'            
21 3 'Structure model' '_struct_ref_seq_dif.details'                
22 3 'Structure model' '_struct_site.pdbx_auth_asym_id'             
23 3 'Structure model' '_struct_site.pdbx_auth_comp_id'             
24 3 'Structure model' '_struct_site.pdbx_auth_seq_id'              
# 
_pdbx_database_status.status_code                     REL 
_pdbx_database_status.entry_id                        2E46 
_pdbx_database_status.recvd_initial_deposition_date   2006-12-05 
_pdbx_database_status.deposit_site                    PDBJ 
_pdbx_database_status.process_site                    PDBJ 
_pdbx_database_status.status_code_sf                  REL 
_pdbx_database_status.status_code_mr                  ? 
_pdbx_database_status.SG_entry                        ? 
_pdbx_database_status.pdb_format_compatible           Y 
_pdbx_database_status.status_code_cs                  ? 
_pdbx_database_status.status_code_nmr_data            ? 
_pdbx_database_status.methods_development_category    ? 
# 
_pdbx_database_related.db_name        PDB 
_pdbx_database_related.db_id          2E46 
_pdbx_database_related.details        . 
_pdbx_database_related.content_type   unspecified 
# 
loop_
_audit_author.name 
_audit_author.pdbx_ordinal 
'Park, S.-Y.' 1 
'Hiraki, T.'  2 
# 
_citation.id                        primary 
_citation.title                     'the clock protein EA4 ticks away with movement of a mobile copper ion' 
_citation.journal_abbrev            'To be Published' 
_citation.journal_volume            ? 
_citation.page_first                ? 
_citation.page_last                 ? 
_citation.year                      ? 
_citation.journal_id_ASTM           ? 
_citation.country                   ? 
_citation.journal_id_ISSN           ? 
_citation.journal_id_CSD            0353 
_citation.book_publisher            ? 
_citation.pdbx_database_id_PubMed   ? 
_citation.pdbx_database_id_DOI      ? 
# 
loop_
_citation_author.citation_id 
_citation_author.name 
_citation_author.ordinal 
_citation_author.identifier_ORCID 
primary 'Hiraki, T.'    1 ? 
primary 'Shibayama, N.' 2 ? 
primary 'Tame, J.R.M.'  3 ? 
primary 'Akashi, S.'    4 ? 
primary 'Park, S.-Y.'   5 ? 
# 
loop_
_entity.id 
_entity.type 
_entity.src_method 
_entity.pdbx_description 
_entity.formula_weight 
_entity.pdbx_number_of_molecules 
_entity.pdbx_ec 
_entity.pdbx_mutation 
_entity.pdbx_fragment 
_entity.details 
1 polymer     man 'Time interval measuring enzyme TIME' 16766.496 1  ? ? 'residues 0-156' ? 
2 non-polymer syn 'COPPER (II) ION'                     63.546    2  ? ? ?                ? 
3 non-polymer syn 'ZINC ION'                            65.409    1  ? ? ?                ? 
4 water       nat water                                 18.015    56 ? ? ?                ? 
# 
_entity_name_com.entity_id   1 
_entity_name_com.name        EA4 
# 
_entity_poly.entity_id                      1 
_entity_poly.type                           'polypeptide(L)' 
_entity_poly.nstd_linkage                   no 
_entity_poly.nstd_monomer                   no 
_entity_poly.pdbx_seq_one_letter_code       
;MHHGFTTPSRAIAVLSTETIRGNITFTQVQDGKVHVQGGITGLPPGEYGFHVHEKGDLSGGCLSTGSHFNPEHKDHGHPN
DVNRHVGDLGNVVFDENHYSRIDLVDDQISLSGPHGIIGRAVVLHEKADDYGKSDHPDSRKTGNAGGRVACGVIGIL
;
_entity_poly.pdbx_seq_one_letter_code_can   
;MHHGFTTPSRAIAVLSTETIRGNITFTQVQDGKVHVQGGITGLPPGEYGFHVHEKGDLSGGCLSTGSHFNPEHKDHGHPN
DVNRHVGDLGNVVFDENHYSRIDLVDDQISLSGPHGIIGRAVVLHEKADDYGKSDHPDSRKTGNAGGRVACGVIGIL
;
_entity_poly.pdbx_strand_id                 A 
_entity_poly.pdbx_target_identifier         ? 
# 
loop_
_pdbx_entity_nonpoly.entity_id 
_pdbx_entity_nonpoly.name 
_pdbx_entity_nonpoly.comp_id 
2 'COPPER (II) ION' CU  
3 'ZINC ION'        ZN  
4 water             HOH 
# 
loop_
_entity_poly_seq.entity_id 
_entity_poly_seq.num 
_entity_poly_seq.mon_id 
_entity_poly_seq.hetero 
1 1   MET n 
1 2   HIS n 
1 3   HIS n 
1 4   GLY n 
1 5   PHE n 
1 6   THR n 
1 7   THR n 
1 8   PRO n 
1 9   SER n 
1 10  ARG n 
1 11  ALA n 
1 12  ILE n 
1 13  ALA n 
1 14  VAL n 
1 15  LEU n 
1 16  SER n 
1 17  THR n 
1 18  GLU n 
1 19  THR n 
1 20  ILE n 
1 21  ARG n 
1 22  GLY n 
1 23  ASN n 
1 24  ILE n 
1 25  THR n 
1 26  PHE n 
1 27  THR n 
1 28  GLN n 
1 29  VAL n 
1 30  GLN n 
1 31  ASP n 
1 32  GLY n 
1 33  LYS n 
1 34  VAL n 
1 35  HIS n 
1 36  VAL n 
1 37  GLN n 
1 38  GLY n 
1 39  GLY n 
1 40  ILE n 
1 41  THR n 
1 42  GLY n 
1 43  LEU n 
1 44  PRO n 
1 45  PRO n 
1 46  GLY n 
1 47  GLU n 
1 48  TYR n 
1 49  GLY n 
1 50  PHE n 
1 51  HIS n 
1 52  VAL n 
1 53  HIS n 
1 54  GLU n 
1 55  LYS n 
1 56  GLY n 
1 57  ASP n 
1 58  LEU n 
1 59  SER n 
1 60  GLY n 
1 61  GLY n 
1 62  CYS n 
1 63  LEU n 
1 64  SER n 
1 65  THR n 
1 66  GLY n 
1 67  SER n 
1 68  HIS n 
1 69  PHE n 
1 70  ASN n 
1 71  PRO n 
1 72  GLU n 
1 73  HIS n 
1 74  LYS n 
1 75  ASP n 
1 76  HIS n 
1 77  GLY n 
1 78  HIS n 
1 79  PRO n 
1 80  ASN n 
1 81  ASP n 
1 82  VAL n 
1 83  ASN n 
1 84  ARG n 
1 85  HIS n 
1 86  VAL n 
1 87  GLY n 
1 88  ASP n 
1 89  LEU n 
1 90  GLY n 
1 91  ASN n 
1 92  VAL n 
1 93  VAL n 
1 94  PHE n 
1 95  ASP n 
1 96  GLU n 
1 97  ASN n 
1 98  HIS n 
1 99  TYR n 
1 100 SER n 
1 101 ARG n 
1 102 ILE n 
1 103 ASP n 
1 104 LEU n 
1 105 VAL n 
1 106 ASP n 
1 107 ASP n 
1 108 GLN n 
1 109 ILE n 
1 110 SER n 
1 111 LEU n 
1 112 SER n 
1 113 GLY n 
1 114 PRO n 
1 115 HIS n 
1 116 GLY n 
1 117 ILE n 
1 118 ILE n 
1 119 GLY n 
1 120 ARG n 
1 121 ALA n 
1 122 VAL n 
1 123 VAL n 
1 124 LEU n 
1 125 HIS n 
1 126 GLU n 
1 127 LYS n 
1 128 ALA n 
1 129 ASP n 
1 130 ASP n 
1 131 TYR n 
1 132 GLY n 
1 133 LYS n 
1 134 SER n 
1 135 ASP n 
1 136 HIS n 
1 137 PRO n 
1 138 ASP n 
1 139 SER n 
1 140 ARG n 
1 141 LYS n 
1 142 THR n 
1 143 GLY n 
1 144 ASN n 
1 145 ALA n 
1 146 GLY n 
1 147 GLY n 
1 148 ARG n 
1 149 VAL n 
1 150 ALA n 
1 151 CYS n 
1 152 GLY n 
1 153 VAL n 
1 154 ILE n 
1 155 GLY n 
1 156 ILE n 
1 157 LEU n 
# 
_entity_src_gen.entity_id                          1 
_entity_src_gen.pdbx_src_id                        1 
_entity_src_gen.pdbx_alt_source_flag               sample 
_entity_src_gen.pdbx_seq_type                      ? 
_entity_src_gen.pdbx_beg_seq_num                   ? 
_entity_src_gen.pdbx_end_seq_num                   ? 
_entity_src_gen.gene_src_common_name               'domestic silkworm' 
_entity_src_gen.gene_src_genus                     Bombyx 
_entity_src_gen.pdbx_gene_src_gene                 ? 
_entity_src_gen.gene_src_species                   ? 
_entity_src_gen.gene_src_strain                    ? 
_entity_src_gen.gene_src_tissue                    ? 
_entity_src_gen.gene_src_tissue_fraction           ? 
_entity_src_gen.gene_src_details                   ? 
_entity_src_gen.pdbx_gene_src_fragment             ? 
_entity_src_gen.pdbx_gene_src_scientific_name      'Bombyx mori' 
_entity_src_gen.pdbx_gene_src_ncbi_taxonomy_id     7091 
_entity_src_gen.pdbx_gene_src_variant              ? 
_entity_src_gen.pdbx_gene_src_cell_line            ? 
_entity_src_gen.pdbx_gene_src_atcc                 ? 
_entity_src_gen.pdbx_gene_src_organ                ? 
_entity_src_gen.pdbx_gene_src_organelle            ? 
_entity_src_gen.pdbx_gene_src_cell                 ? 
_entity_src_gen.pdbx_gene_src_cellular_location    ? 
_entity_src_gen.host_org_common_name               ? 
_entity_src_gen.pdbx_host_org_scientific_name      'Escherichia coli BL21(DE3)' 
_entity_src_gen.pdbx_host_org_ncbi_taxonomy_id     469008 
_entity_src_gen.host_org_genus                     Escherichia 
_entity_src_gen.pdbx_host_org_gene                 ? 
_entity_src_gen.pdbx_host_org_organ                ? 
_entity_src_gen.host_org_species                   'Escherichia coli' 
_entity_src_gen.pdbx_host_org_tissue               ? 
_entity_src_gen.pdbx_host_org_tissue_fraction      ? 
_entity_src_gen.pdbx_host_org_strain               'BL21(DE3)' 
_entity_src_gen.pdbx_host_org_variant              ? 
_entity_src_gen.pdbx_host_org_cell_line            ? 
_entity_src_gen.pdbx_host_org_atcc                 ? 
_entity_src_gen.pdbx_host_org_culture_collection   ? 
_entity_src_gen.pdbx_host_org_cell                 ? 
_entity_src_gen.pdbx_host_org_organelle            ? 
_entity_src_gen.pdbx_host_org_cellular_location    ? 
_entity_src_gen.pdbx_host_org_vector_type          PLASMID 
_entity_src_gen.pdbx_host_org_vector               ? 
_entity_src_gen.host_org_details                   ? 
_entity_src_gen.expression_system_id               ? 
_entity_src_gen.plasmid_name                       pET3b 
_entity_src_gen.plasmid_details                    ? 
_entity_src_gen.pdbx_description                   ? 
# 
loop_
_chem_comp.id 
_chem_comp.type 
_chem_comp.mon_nstd_flag 
_chem_comp.name 
_chem_comp.pdbx_synonyms 
_chem_comp.formula 
_chem_comp.formula_weight 
ALA 'L-peptide linking' y ALANINE           ? 'C3 H7 N O2'     89.093  
ARG 'L-peptide linking' y ARGININE          ? 'C6 H15 N4 O2 1' 175.209 
ASN 'L-peptide linking' y ASPARAGINE        ? 'C4 H8 N2 O3'    132.118 
ASP 'L-peptide linking' y 'ASPARTIC ACID'   ? 'C4 H7 N O4'     133.103 
CU  non-polymer         . 'COPPER (II) ION' ? 'Cu 2'           63.546  
CYS 'L-peptide linking' y CYSTEINE          ? 'C3 H7 N O2 S'   121.158 
GLN 'L-peptide linking' y GLUTAMINE         ? 'C5 H10 N2 O3'   146.144 
GLU 'L-peptide linking' y 'GLUTAMIC ACID'   ? 'C5 H9 N O4'     147.129 
GLY 'peptide linking'   y GLYCINE           ? 'C2 H5 N O2'     75.067  
HIS 'L-peptide linking' y HISTIDINE         ? 'C6 H10 N3 O2 1' 156.162 
HOH non-polymer         . WATER             ? 'H2 O'           18.015  
ILE 'L-peptide linking' y ISOLEUCINE        ? 'C6 H13 N O2'    131.173 
LEU 'L-peptide linking' y LEUCINE           ? 'C6 H13 N O2'    131.173 
LYS 'L-peptide linking' y LYSINE            ? 'C6 H15 N2 O2 1' 147.195 
MET 'L-peptide linking' y METHIONINE        ? 'C5 H11 N O2 S'  149.211 
PHE 'L-peptide linking' y PHENYLALANINE     ? 'C9 H11 N O2'    165.189 
PRO 'L-peptide linking' y PROLINE           ? 'C5 H9 N O2'     115.130 
SER 'L-peptide linking' y SERINE            ? 'C3 H7 N O3'     105.093 
THR 'L-peptide linking' y THREONINE         ? 'C4 H9 N O3'     119.119 
TYR 'L-peptide linking' y TYROSINE          ? 'C9 H11 N O3'    181.189 
VAL 'L-peptide linking' y VALINE            ? 'C5 H11 N O2'    117.146 
ZN  non-polymer         . 'ZINC ION'        ? 'Zn 2'           65.409  
# 
loop_
_pdbx_poly_seq_scheme.asym_id 
_pdbx_poly_seq_scheme.entity_id 
_pdbx_poly_seq_scheme.seq_id 
_pdbx_poly_seq_scheme.mon_id 
_pdbx_poly_seq_scheme.ndb_seq_num 
_pdbx_poly_seq_scheme.pdb_seq_num 
_pdbx_poly_seq_scheme.auth_seq_num 
_pdbx_poly_seq_scheme.pdb_mon_id 
_pdbx_poly_seq_scheme.auth_mon_id 
_pdbx_poly_seq_scheme.pdb_strand_id 
_pdbx_poly_seq_scheme.pdb_ins_code 
_pdbx_poly_seq_scheme.hetero 
A 1 1   MET 1   0   0   MET MET A . n 
A 1 2   HIS 2   1   1   HIS HIS A . n 
A 1 3   HIS 3   2   2   HIS HIS A . n 
A 1 4   GLY 4   3   3   GLY GLY A . n 
A 1 5   PHE 5   4   4   PHE PHE A . n 
A 1 6   THR 6   5   5   THR THR A . n 
A 1 7   THR 7   6   6   THR THR A . n 
A 1 8   PRO 8   7   7   PRO PRO A . n 
A 1 9   SER 9   8   8   SER SER A . n 
A 1 10  ARG 10  9   9   ARG ARG A . n 
A 1 11  ALA 11  10  10  ALA ALA A . n 
A 1 12  ILE 12  11  11  ILE ILE A . n 
A 1 13  ALA 13  12  12  ALA ALA A . n 
A 1 14  VAL 14  13  13  VAL VAL A . n 
A 1 15  LEU 15  14  14  LEU LEU A . n 
A 1 16  SER 16  15  15  SER SER A . n 
A 1 17  THR 17  16  16  THR THR A . n 
A 1 18  GLU 18  17  17  GLU GLU A . n 
A 1 19  THR 19  18  18  THR THR A . n 
A 1 20  ILE 20  19  19  ILE ILE A . n 
A 1 21  ARG 21  20  20  ARG ARG A . n 
A 1 22  GLY 22  21  21  GLY GLY A . n 
A 1 23  ASN 23  22  22  ASN ASN A . n 
A 1 24  ILE 24  23  23  ILE ILE A . n 
A 1 25  THR 25  24  24  THR THR A . n 
A 1 26  PHE 26  25  25  PHE PHE A . n 
A 1 27  THR 27  26  26  THR THR A . n 
A 1 28  GLN 28  27  27  GLN GLN A . n 
A 1 29  VAL 29  28  28  VAL VAL A . n 
A 1 30  GLN 30  29  29  GLN GLN A . n 
A 1 31  ASP 31  30  30  ASP ASP A . n 
A 1 32  GLY 32  31  31  GLY GLY A . n 
A 1 33  LYS 33  32  32  LYS LYS A . n 
A 1 34  VAL 34  33  33  VAL VAL A . n 
A 1 35  HIS 35  34  34  HIS HIS A . n 
A 1 36  VAL 36  35  35  VAL VAL A . n 
A 1 37  GLN 37  36  36  GLN GLN A . n 
A 1 38  GLY 38  37  37  GLY GLY A . n 
A 1 39  GLY 39  38  38  GLY GLY A . n 
A 1 40  ILE 40  39  39  ILE ILE A . n 
A 1 41  THR 41  40  40  THR THR A . n 
A 1 42  GLY 42  41  41  GLY GLY A . n 
A 1 43  LEU 43  42  42  LEU LEU A . n 
A 1 44  PRO 44  43  43  PRO PRO A . n 
A 1 45  PRO 45  44  44  PRO PRO A . n 
A 1 46  GLY 46  45  45  GLY GLY A . n 
A 1 47  GLU 47  46  46  GLU GLU A . n 
A 1 48  TYR 48  47  47  TYR TYR A . n 
A 1 49  GLY 49  48  48  GLY GLY A . n 
A 1 50  PHE 50  49  49  PHE PHE A . n 
A 1 51  HIS 51  50  50  HIS HIS A . n 
A 1 52  VAL 52  51  51  VAL VAL A . n 
A 1 53  HIS 53  52  52  HIS HIS A . n 
A 1 54  GLU 54  53  53  GLU GLU A . n 
A 1 55  LYS 55  54  54  LYS LYS A . n 
A 1 56  GLY 56  55  55  GLY GLY A . n 
A 1 57  ASP 57  56  56  ASP ASP A . n 
A 1 58  LEU 58  57  57  LEU LEU A . n 
A 1 59  SER 59  58  58  SER SER A . n 
A 1 60  GLY 60  59  59  GLY GLY A . n 
A 1 61  GLY 61  60  60  GLY GLY A . n 
A 1 62  CYS 62  61  61  CYS CYS A . n 
A 1 63  LEU 63  62  62  LEU LEU A . n 
A 1 64  SER 64  63  63  SER SER A . n 
A 1 65  THR 65  64  64  THR THR A . n 
A 1 66  GLY 66  65  65  GLY GLY A . n 
A 1 67  SER 67  66  66  SER SER A . n 
A 1 68  HIS 68  67  67  HIS HIS A . n 
A 1 69  PHE 69  68  68  PHE PHE A . n 
A 1 70  ASN 70  69  69  ASN ASN A . n 
A 1 71  PRO 71  70  70  PRO PRO A . n 
A 1 72  GLU 72  71  71  GLU GLU A . n 
A 1 73  HIS 73  72  72  HIS HIS A . n 
A 1 74  LYS 74  73  73  LYS LYS A . n 
A 1 75  ASP 75  74  74  ASP ASP A . n 
A 1 76  HIS 76  75  75  HIS HIS A . n 
A 1 77  GLY 77  76  76  GLY GLY A . n 
A 1 78  HIS 78  77  77  HIS HIS A . n 
A 1 79  PRO 79  78  78  PRO PRO A . n 
A 1 80  ASN 80  79  79  ASN ASN A . n 
A 1 81  ASP 81  80  80  ASP ASP A . n 
A 1 82  VAL 82  81  81  VAL VAL A . n 
A 1 83  ASN 83  82  82  ASN ASN A . n 
A 1 84  ARG 84  83  83  ARG ARG A . n 
A 1 85  HIS 85  84  84  HIS HIS A . n 
A 1 86  VAL 86  85  85  VAL VAL A . n 
A 1 87  GLY 87  86  86  GLY GLY A . n 
A 1 88  ASP 88  87  87  ASP ASP A . n 
A 1 89  LEU 89  88  88  LEU LEU A . n 
A 1 90  GLY 90  89  89  GLY GLY A . n 
A 1 91  ASN 91  90  90  ASN ASN A . n 
A 1 92  VAL 92  91  91  VAL VAL A . n 
A 1 93  VAL 93  92  92  VAL VAL A . n 
A 1 94  PHE 94  93  93  PHE PHE A . n 
A 1 95  ASP 95  94  94  ASP ASP A . n 
A 1 96  GLU 96  95  95  GLU GLU A . n 
A 1 97  ASN 97  96  96  ASN ASN A . n 
A 1 98  HIS 98  97  97  HIS HIS A . n 
A 1 99  TYR 99  98  98  TYR TYR A . n 
A 1 100 SER 100 99  99  SER SER A . n 
A 1 101 ARG 101 100 100 ARG ARG A . n 
A 1 102 ILE 102 101 101 ILE ILE A . n 
A 1 103 ASP 103 102 102 ASP ASP A . n 
A 1 104 LEU 104 103 103 LEU LEU A . n 
A 1 105 VAL 105 104 104 VAL VAL A . n 
A 1 106 ASP 106 105 105 ASP ASP A . n 
A 1 107 ASP 107 106 106 ASP ASP A . n 
A 1 108 GLN 108 107 107 GLN GLN A . n 
A 1 109 ILE 109 108 108 ILE ILE A . n 
A 1 110 SER 110 109 109 SER SER A . n 
A 1 111 LEU 111 110 110 LEU LEU A . n 
A 1 112 SER 112 111 111 SER SER A . n 
A 1 113 GLY 113 112 112 GLY GLY A . n 
A 1 114 PRO 114 113 113 PRO PRO A . n 
A 1 115 HIS 115 114 114 HIS HIS A . n 
A 1 116 GLY 116 115 115 GLY GLY A . n 
A 1 117 ILE 117 116 116 ILE ILE A . n 
A 1 118 ILE 118 117 117 ILE ILE A . n 
A 1 119 GLY 119 118 118 GLY GLY A . n 
A 1 120 ARG 120 119 119 ARG ARG A . n 
A 1 121 ALA 121 120 120 ALA ALA A . n 
A 1 122 VAL 122 121 121 VAL VAL A . n 
A 1 123 VAL 123 122 122 VAL VAL A . n 
A 1 124 LEU 124 123 123 LEU LEU A . n 
A 1 125 HIS 125 124 124 HIS HIS A . n 
A 1 126 GLU 126 125 125 GLU GLU A . n 
A 1 127 LYS 127 126 126 LYS LYS A . n 
A 1 128 ALA 128 127 127 ALA ALA A . n 
A 1 129 ASP 129 128 128 ASP ASP A . n 
A 1 130 ASP 130 129 129 ASP ASP A . n 
A 1 131 TYR 131 130 130 TYR TYR A . n 
A 1 132 GLY 132 131 131 GLY GLY A . n 
A 1 133 LYS 133 132 132 LYS LYS A . n 
A 1 134 SER 134 133 133 SER SER A . n 
A 1 135 ASP 135 134 134 ASP ASP A . n 
A 1 136 HIS 136 135 135 HIS HIS A . n 
A 1 137 PRO 137 136 136 PRO PRO A . n 
A 1 138 ASP 138 137 137 ASP ASP A . n 
A 1 139 SER 139 138 138 SER SER A . n 
A 1 140 ARG 140 139 139 ARG ARG A . n 
A 1 141 LYS 141 140 140 LYS LYS A . n 
A 1 142 THR 142 141 141 THR THR A . n 
A 1 143 GLY 143 142 142 GLY GLY A . n 
A 1 144 ASN 144 143 143 ASN ASN A . n 
A 1 145 ALA 145 144 144 ALA ALA A . n 
A 1 146 GLY 146 145 145 GLY GLY A . n 
A 1 147 GLY 147 146 146 GLY GLY A . n 
A 1 148 ARG 148 147 147 ARG ARG A . n 
A 1 149 VAL 149 148 148 VAL VAL A . n 
A 1 150 ALA 150 149 149 ALA ALA A . n 
A 1 151 CYS 151 150 150 CYS CYS A . n 
A 1 152 GLY 152 151 151 GLY GLY A . n 
A 1 153 VAL 153 152 152 VAL VAL A . n 
A 1 154 ILE 154 153 153 ILE ILE A . n 
A 1 155 GLY 155 154 154 GLY GLY A . n 
A 1 156 ILE 156 155 155 ILE ILE A . n 
A 1 157 LEU 157 156 156 LEU LEU A . n 
# 
loop_
_pdbx_nonpoly_scheme.asym_id 
_pdbx_nonpoly_scheme.entity_id 
_pdbx_nonpoly_scheme.mon_id 
_pdbx_nonpoly_scheme.ndb_seq_num 
_pdbx_nonpoly_scheme.pdb_seq_num 
_pdbx_nonpoly_scheme.auth_seq_num 
_pdbx_nonpoly_scheme.pdb_mon_id 
_pdbx_nonpoly_scheme.auth_mon_id 
_pdbx_nonpoly_scheme.pdb_strand_id 
_pdbx_nonpoly_scheme.pdb_ins_code 
B 2 CU  1  171 171 CU  CU  A . 
C 3 ZN  1  172 172 ZN  ZN  A . 
D 2 CU  1  181 181 CU  CU  A . 
E 4 HOH 1  182 1   HOH HOH A . 
E 4 HOH 2  183 2   HOH HOH A . 
E 4 HOH 3  184 3   HOH HOH A . 
E 4 HOH 4  185 4   HOH HOH A . 
E 4 HOH 5  186 5   HOH HOH A . 
E 4 HOH 6  187 6   HOH HOH A . 
E 4 HOH 7  188 7   HOH HOH A . 
E 4 HOH 8  189 8   HOH HOH A . 
E 4 HOH 9  190 9   HOH HOH A . 
E 4 HOH 10 191 10  HOH HOH A . 
E 4 HOH 11 192 11  HOH HOH A . 
E 4 HOH 12 193 12  HOH HOH A . 
E 4 HOH 13 194 13  HOH HOH A . 
E 4 HOH 14 195 14  HOH HOH A . 
E 4 HOH 15 196 15  HOH HOH A . 
E 4 HOH 16 197 16  HOH HOH A . 
E 4 HOH 17 198 17  HOH HOH A . 
E 4 HOH 18 199 18  HOH HOH A . 
E 4 HOH 19 200 19  HOH HOH A . 
E 4 HOH 20 201 20  HOH HOH A . 
E 4 HOH 21 202 21  HOH HOH A . 
E 4 HOH 22 203 22  HOH HOH A . 
E 4 HOH 23 204 23  HOH HOH A . 
E 4 HOH 24 205 24  HOH HOH A . 
E 4 HOH 25 206 25  HOH HOH A . 
E 4 HOH 26 207 26  HOH HOH A . 
E 4 HOH 27 208 27  HOH HOH A . 
E 4 HOH 28 209 28  HOH HOH A . 
E 4 HOH 29 210 29  HOH HOH A . 
E 4 HOH 30 211 30  HOH HOH A . 
E 4 HOH 31 212 31  HOH HOH A . 
E 4 HOH 32 213 32  HOH HOH A . 
E 4 HOH 33 214 33  HOH HOH A . 
E 4 HOH 34 215 34  HOH HOH A . 
E 4 HOH 35 216 35  HOH HOH A . 
E 4 HOH 36 217 36  HOH HOH A . 
E 4 HOH 37 218 37  HOH HOH A . 
E 4 HOH 38 219 38  HOH HOH A . 
E 4 HOH 39 220 39  HOH HOH A . 
E 4 HOH 40 221 40  HOH HOH A . 
E 4 HOH 41 222 41  HOH HOH A . 
E 4 HOH 42 223 42  HOH HOH A . 
E 4 HOH 43 224 43  HOH HOH A . 
E 4 HOH 44 225 44  HOH HOH A . 
E 4 HOH 45 226 45  HOH HOH A . 
E 4 HOH 46 227 46  HOH HOH A . 
E 4 HOH 47 228 47  HOH HOH A . 
E 4 HOH 48 229 48  HOH HOH A . 
E 4 HOH 49 230 49  HOH HOH A . 
E 4 HOH 50 231 50  HOH HOH A . 
E 4 HOH 51 232 51  HOH HOH A . 
E 4 HOH 52 233 52  HOH HOH A . 
E 4 HOH 53 234 53  HOH HOH A . 
E 4 HOH 54 235 54  HOH HOH A . 
E 4 HOH 55 236 55  HOH HOH A . 
E 4 HOH 56 237 56  HOH HOH A . 
# 
loop_
_software.name 
_software.classification 
_software.version 
_software.citation_id 
_software.pdbx_ordinal 
REFMAC   refinement        5.2.0005 ? 1 
HKL-2000 'data collection' .        ? 2 
HKL-2000 'data reduction'  .        ? 3 
HKL-2000 'data scaling'    .        ? 4 
MOLREP   phasing           .        ? 5 
# 
_cell.entry_id           2E46 
_cell.length_a           59.500 
_cell.length_b           59.500 
_cell.length_c           112.072 
_cell.angle_alpha        90.00 
_cell.angle_beta         90.00 
_cell.angle_gamma        90.00 
_cell.Z_PDB              8 
_cell.pdbx_unique_axis   ? 
_cell.length_a_esd       ? 
_cell.length_b_esd       ? 
_cell.length_c_esd       ? 
_cell.angle_alpha_esd    ? 
_cell.angle_beta_esd     ? 
_cell.angle_gamma_esd    ? 
# 
_symmetry.entry_id                         2E46 
_symmetry.space_group_name_H-M             'P 41 21 2' 
_symmetry.pdbx_full_space_group_name_H-M   ? 
_symmetry.cell_setting                     ? 
_symmetry.Int_Tables_number                92 
_symmetry.space_group_name_Hall            ? 
# 
_exptl.entry_id          2E46 
_exptl.method            'X-RAY DIFFRACTION' 
_exptl.crystals_number   1 
# 
_exptl_crystal.id                    1 
_exptl_crystal.density_meas          ? 
_exptl_crystal.density_Matthews      2.96 
_exptl_crystal.density_percent_sol   58.40 
_exptl_crystal.description           ? 
_exptl_crystal.F_000                 ? 
_exptl_crystal.preparation           ? 
# 
_exptl_crystal_grow.crystal_id      1 
_exptl_crystal_grow.method          'VAPOR DIFFUSION, HANGING DROP' 
_exptl_crystal_grow.temp            293 
_exptl_crystal_grow.temp_details    ? 
_exptl_crystal_grow.pH              6.3 
_exptl_crystal_grow.pdbx_details    
'9% ethlene glycol, 1M ammonium fluoride, 100mM Bis-Tris, pH 6.3, VAPOR DIFFUSION, HANGING DROP, temperature 293K' 
_exptl_crystal_grow.pdbx_pH_range   . 
# 
_diffrn.id                     1 
_diffrn.ambient_temp           100 
_diffrn.ambient_temp_details   ? 
_diffrn.crystal_id             1 
# 
_diffrn_detector.diffrn_id              1 
_diffrn_detector.detector               CCD 
_diffrn_detector.type                   'MAR CCD 165 mm' 
_diffrn_detector.pdbx_collection_date   2003-06-08 
_diffrn_detector.details                ? 
# 
_diffrn_radiation.diffrn_id                        1 
_diffrn_radiation.wavelength_id                    1 
_diffrn_radiation.pdbx_monochromatic_or_laue_m_l   M 
_diffrn_radiation.monochromator                    'Si 111 CHANNEL' 
_diffrn_radiation.pdbx_diffrn_protocol             'SINGLE WAVELENGTH' 
_diffrn_radiation.pdbx_scattering_type             x-ray 
# 
_diffrn_radiation_wavelength.id           1 
_diffrn_radiation_wavelength.wavelength   1 
_diffrn_radiation_wavelength.wt           1.0 
# 
_diffrn_source.diffrn_id                   1 
_diffrn_source.source                      SYNCHROTRON 
_diffrn_source.type                        'SPRING-8 BEAMLINE BL44B2' 
_diffrn_source.pdbx_synchrotron_site       SPring-8 
_diffrn_source.pdbx_synchrotron_beamline   BL44B2 
_diffrn_source.pdbx_wavelength             ? 
_diffrn_source.pdbx_wavelength_list        1 
# 
_reflns.entry_id                     2E46 
_reflns.observed_criterion_sigma_F   ? 
_reflns.observed_criterion_sigma_I   ? 
_reflns.d_resolution_high            2.3 
_reflns.d_resolution_low             20 
_reflns.number_all                   ? 
_reflns.number_obs                   9519 
_reflns.percent_possible_obs         99.9 
_reflns.pdbx_Rmerge_I_obs            ? 
_reflns.pdbx_Rsym_value              ? 
_reflns.pdbx_netI_over_sigmaI        ? 
_reflns.B_iso_Wilson_estimate        ? 
_reflns.pdbx_redundancy              6.9 
_reflns.R_free_details               ? 
_reflns.limit_h_max                  ? 
_reflns.limit_h_min                  ? 
_reflns.limit_k_max                  ? 
_reflns.limit_k_min                  ? 
_reflns.limit_l_max                  ? 
_reflns.limit_l_min                  ? 
_reflns.observed_criterion_F_max     ? 
_reflns.observed_criterion_F_min     ? 
_reflns.pdbx_chi_squared             ? 
_reflns.pdbx_scaling_rejects         ? 
_reflns.pdbx_diffrn_id               1 
_reflns.pdbx_ordinal                 1 
# 
_refine.entry_id                                 2E46 
_refine.ls_number_reflns_obs                     8710 
_refine.ls_number_reflns_all                     ? 
_refine.pdbx_ls_sigma_I                          ? 
_refine.pdbx_ls_sigma_F                          ? 
_refine.pdbx_data_cutoff_high_absF               ? 
_refine.pdbx_data_cutoff_low_absF                ? 
_refine.pdbx_data_cutoff_high_rms_absF           ? 
_refine.ls_d_res_low                             19.76 
_refine.ls_d_res_high                            2.30 
_refine.ls_percent_reflns_obs                    100.00 
_refine.ls_R_factor_obs                          0.21229 
_refine.ls_R_factor_all                          ? 
_refine.ls_R_factor_R_work                       0.20795 
_refine.ls_R_factor_R_free                       0.28522 
_refine.ls_R_factor_R_free_error                 ? 
_refine.ls_R_factor_R_free_error_details         ? 
_refine.ls_percent_reflns_R_free                 5.4 
_refine.ls_number_reflns_R_free                  493 
_refine.ls_number_parameters                     ? 
_refine.ls_number_restraints                     ? 
_refine.occupancy_min                            ? 
_refine.occupancy_max                            ? 
_refine.correlation_coeff_Fo_to_Fc               0.944 
_refine.correlation_coeff_Fo_to_Fc_free          0.890 
_refine.B_iso_mean                               44.995 
_refine.aniso_B[1][1]                            0.74 
_refine.aniso_B[2][2]                            0.74 
_refine.aniso_B[3][3]                            -1.47 
_refine.aniso_B[1][2]                            0.00 
_refine.aniso_B[1][3]                            0.00 
_refine.aniso_B[2][3]                            0.00 
_refine.solvent_model_details                    'BABINET MODEL WITH MASK' 
_refine.solvent_model_param_ksol                 ? 
_refine.solvent_model_param_bsol                 ? 
_refine.pdbx_solvent_vdw_probe_radii             1.20 
_refine.pdbx_solvent_ion_probe_radii             0.80 
_refine.pdbx_solvent_shrinkage_radii             0.80 
_refine.pdbx_ls_cross_valid_method               THROUGHOUT 
_refine.details                                  ? 
_refine.pdbx_starting_model                      1E9P 
_refine.pdbx_method_to_determine_struct          'MOLECULAR REPLACEMENT' 
_refine.pdbx_isotropic_thermal_model             ? 
_refine.pdbx_stereochemistry_target_values       'MAXIMUM LIKELIHOOD' 
_refine.pdbx_stereochem_target_val_spec_case     ? 
_refine.pdbx_R_Free_selection_details            RANDOM 
_refine.pdbx_overall_ESU_R                       0.291 
_refine.pdbx_overall_ESU_R_Free                  0.256 
_refine.overall_SU_ML                            0.202 
_refine.overall_SU_B                             8.345 
_refine.ls_redundancy_reflns_obs                 ? 
_refine.B_iso_min                                ? 
_refine.B_iso_max                                ? 
_refine.overall_SU_R_Cruickshank_DPI             ? 
_refine.overall_SU_R_free                        ? 
_refine.ls_wR_factor_R_free                      ? 
_refine.ls_wR_factor_R_work                      ? 
_refine.overall_FOM_free_R_set                   ? 
_refine.overall_FOM_work_R_set                   ? 
_refine.pdbx_overall_phase_error                 ? 
_refine.pdbx_refine_id                           'X-RAY DIFFRACTION' 
_refine.pdbx_diffrn_id                           1 
_refine.pdbx_TLS_residual_ADP_flag               ? 
_refine.pdbx_overall_SU_R_free_Cruickshank_DPI   ? 
_refine.pdbx_overall_SU_R_Blow_DPI               ? 
_refine.pdbx_overall_SU_R_free_Blow_DPI          ? 
# 
_refine_hist.pdbx_refine_id                   'X-RAY DIFFRACTION' 
_refine_hist.cycle_id                         LAST 
_refine_hist.pdbx_number_atoms_protein        1181 
_refine_hist.pdbx_number_atoms_nucleic_acid   0 
_refine_hist.pdbx_number_atoms_ligand         3 
_refine_hist.number_atoms_solvent             56 
_refine_hist.number_atoms_total               1240 
_refine_hist.d_res_high                       2.30 
_refine_hist.d_res_low                        19.76 
# 
loop_
_refine_ls_restr.type 
_refine_ls_restr.dev_ideal 
_refine_ls_restr.dev_ideal_target 
_refine_ls_restr.weight 
_refine_ls_restr.number 
_refine_ls_restr.pdbx_refine_id 
_refine_ls_restr.pdbx_restraint_function 
r_bond_refined_d             0.036  0.021  ? 1223 'X-RAY DIFFRACTION' ? 
r_angle_refined_deg          2.902  1.924  ? 1640 'X-RAY DIFFRACTION' ? 
r_dihedral_angle_1_deg       9.600  5.000  ? 156  'X-RAY DIFFRACTION' ? 
r_dihedral_angle_2_deg       38.907 23.898 ? 59   'X-RAY DIFFRACTION' ? 
r_dihedral_angle_3_deg       20.546 15.000 ? 183  'X-RAY DIFFRACTION' ? 
r_dihedral_angle_4_deg       18.345 15.000 ? 7    'X-RAY DIFFRACTION' ? 
r_chiral_restr               0.356  0.200  ? 175  'X-RAY DIFFRACTION' ? 
r_gen_planes_refined         0.012  0.020  ? 954  'X-RAY DIFFRACTION' ? 
r_nbd_refined                0.277  0.200  ? 540  'X-RAY DIFFRACTION' ? 
r_nbtor_refined              0.330  0.200  ? 764  'X-RAY DIFFRACTION' ? 
r_xyhbond_nbd_refined        0.451  0.200  ? 81   'X-RAY DIFFRACTION' ? 
r_symmetry_vdw_refined       0.324  0.200  ? 65   'X-RAY DIFFRACTION' ? 
r_symmetry_hbond_refined     0.322  0.200  ? 13   'X-RAY DIFFRACTION' ? 
r_symmetry_metal_ion_refined 0.050  0.200  ? 3    'X-RAY DIFFRACTION' ? 
r_mcbond_it                  1.684  1.500  ? 801  'X-RAY DIFFRACTION' ? 
r_mcangle_it                 2.655  2.000  ? 1231 'X-RAY DIFFRACTION' ? 
r_scbond_it                  4.535  3.000  ? 475  'X-RAY DIFFRACTION' ? 
r_scangle_it                 6.318  4.500  ? 409  'X-RAY DIFFRACTION' ? 
# 
_refine_ls_shell.pdbx_total_number_of_bins_used   20 
_refine_ls_shell.d_res_high                       2.300 
_refine_ls_shell.d_res_low                        2.359 
_refine_ls_shell.number_reflns_R_work             585 
_refine_ls_shell.R_factor_R_work                  0.264 
_refine_ls_shell.percent_reflns_obs               100.00 
_refine_ls_shell.R_factor_R_free                  0.285 
_refine_ls_shell.R_factor_R_free_error            ? 
_refine_ls_shell.percent_reflns_R_free            ? 
_refine_ls_shell.number_reflns_R_free             24 
_refine_ls_shell.number_reflns_all                ? 
_refine_ls_shell.R_factor_all                     ? 
_refine_ls_shell.number_reflns_obs                ? 
_refine_ls_shell.redundancy_reflns_obs            ? 
_refine_ls_shell.pdbx_refine_id                   'X-RAY DIFFRACTION' 
# 
_struct.entry_id                  2E46 
_struct.title                     'Crystal Structure Analysis of the clock protein EA4' 
_struct.pdbx_model_details        ? 
_struct.pdbx_CASP_flag            ? 
_struct.pdbx_model_type_details   ? 
# 
_struct_keywords.entry_id        2E46 
_struct_keywords.pdbx_keywords   'METAL BINDING PROTEIN' 
_struct_keywords.text            'metalloprotein, METAL BINDING PROTEIN' 
# 
loop_
_struct_asym.id 
_struct_asym.pdbx_blank_PDB_chainid_flag 
_struct_asym.pdbx_modified 
_struct_asym.entity_id 
_struct_asym.details 
A N N 1 ? 
B N N 2 ? 
C N N 3 ? 
D N N 2 ? 
E N N 4 ? 
# 
_struct_ref.id                         1 
_struct_ref.db_name                    UNP 
_struct_ref.db_code                    Q08J22_BOMMO 
_struct_ref.pdbx_db_accession          Q08J22 
_struct_ref.entity_id                  1 
_struct_ref.pdbx_seq_one_letter_code   
;HHGFTTPSRAIAVLSTETIRGNITFTQVQDGKVHVQGGITGLPPGEYGFHVHEKGDLSGGCLSTGSHFNPEHKDHGHPND
VNRHVGDLGNVVFDENHYSRIDLVDDQISLSGPHGIIGRAVVLHEKADDYGKSDHPDSRKTGNAGGRVACGVIGIL
;
_struct_ref.pdbx_align_begin           17 
_struct_ref.pdbx_db_isoform            ? 
# 
_struct_ref_seq.align_id                      1 
_struct_ref_seq.ref_id                        1 
_struct_ref_seq.pdbx_PDB_id_code              2E46 
_struct_ref_seq.pdbx_strand_id                A 
_struct_ref_seq.seq_align_beg                 2 
_struct_ref_seq.pdbx_seq_align_beg_ins_code   ? 
_struct_ref_seq.seq_align_end                 157 
_struct_ref_seq.pdbx_seq_align_end_ins_code   ? 
_struct_ref_seq.pdbx_db_accession             Q08J22 
_struct_ref_seq.db_align_beg                  17 
_struct_ref_seq.pdbx_db_align_beg_ins_code    ? 
_struct_ref_seq.db_align_end                  172 
_struct_ref_seq.pdbx_db_align_end_ins_code    ? 
_struct_ref_seq.pdbx_auth_seq_align_beg       1 
_struct_ref_seq.pdbx_auth_seq_align_end       156 
# 
_struct_ref_seq_dif.align_id                     1 
_struct_ref_seq_dif.pdbx_pdb_id_code             2E46 
_struct_ref_seq_dif.mon_id                       MET 
_struct_ref_seq_dif.pdbx_pdb_strand_id           A 
_struct_ref_seq_dif.seq_num                      1 
_struct_ref_seq_dif.pdbx_pdb_ins_code            ? 
_struct_ref_seq_dif.pdbx_seq_db_name             UNP 
_struct_ref_seq_dif.pdbx_seq_db_accession_code   Q08J22 
_struct_ref_seq_dif.db_mon_id                    ? 
_struct_ref_seq_dif.pdbx_seq_db_seq_num          ? 
_struct_ref_seq_dif.details                      'initiating methionine' 
_struct_ref_seq_dif.pdbx_auth_seq_num            0 
_struct_ref_seq_dif.pdbx_ordinal                 1 
# 
_pdbx_struct_assembly.id                   1 
_pdbx_struct_assembly.details              author_defined_assembly 
_pdbx_struct_assembly.method_details       ? 
_pdbx_struct_assembly.oligomeric_details   dimeric 
_pdbx_struct_assembly.oligomeric_count     2 
# 
_pdbx_struct_assembly_gen.assembly_id       1 
_pdbx_struct_assembly_gen.oper_expression   1,2 
_pdbx_struct_assembly_gen.asym_id_list      A,B,C,D,E 
# 
loop_
_pdbx_struct_oper_list.id 
_pdbx_struct_oper_list.type 
_pdbx_struct_oper_list.name 
_pdbx_struct_oper_list.symmetry_operation 
_pdbx_struct_oper_list.matrix[1][1] 
_pdbx_struct_oper_list.matrix[1][2] 
_pdbx_struct_oper_list.matrix[1][3] 
_pdbx_struct_oper_list.vector[1] 
_pdbx_struct_oper_list.matrix[2][1] 
_pdbx_struct_oper_list.matrix[2][2] 
_pdbx_struct_oper_list.matrix[2][3] 
_pdbx_struct_oper_list.vector[2] 
_pdbx_struct_oper_list.matrix[3][1] 
_pdbx_struct_oper_list.matrix[3][2] 
_pdbx_struct_oper_list.matrix[3][3] 
_pdbx_struct_oper_list.vector[3] 
1 'identity operation'         1_555 x,y,z  1.0000000000  0.0000000000 0.0000000000  0.0000000000  0.0000000000 1.0000000000 0.0000000000  0.0000000000  0.0000000000  0.0000000000  1.0000000000  0.0000000000  
2 'crystal symmetry operation' 7_555 y,x,-z -0.7718136338 0.4881566586 -0.4074393099 23.1529272051 0.4881566586 0.0443083317 -0.8716305688 -1.0845172957 -0.4074393099 -0.8716305688 -0.2724946978 11.6674259696 
# 
_struct_biol.id        1 
_struct_biol.details   ? 
# 
loop_
_struct_conf.conf_type_id 
_struct_conf.id 
_struct_conf.pdbx_PDB_helix_id 
_struct_conf.beg_label_comp_id 
_struct_conf.beg_label_asym_id 
_struct_conf.beg_label_seq_id 
_struct_conf.pdbx_beg_PDB_ins_code 
_struct_conf.end_label_comp_id 
_struct_conf.end_label_asym_id 
_struct_conf.end_label_seq_id 
_struct_conf.pdbx_end_PDB_ins_code 
_struct_conf.beg_auth_comp_id 
_struct_conf.beg_auth_asym_id 
_struct_conf.beg_auth_seq_id 
_struct_conf.end_auth_comp_id 
_struct_conf.end_auth_asym_id 
_struct_conf.end_auth_seq_id 
_struct_conf.pdbx_PDB_helix_class 
_struct_conf.details 
_struct_conf.pdbx_PDB_helix_length 
HELX_P HELX_P1 1 GLN A 30  ? GLY A 32  ? GLN A 29  GLY A 31  5 ? 3 
HELX_P HELX_P2 2 GLY A 60  ? GLY A 66  ? GLY A 59  GLY A 65  5 ? 7 
HELX_P HELX_P3 3 ASP A 138 ? GLY A 143 ? ASP A 137 GLY A 142 1 ? 6 
# 
_struct_conf_type.id          HELX_P 
_struct_conf_type.criteria    ? 
_struct_conf_type.reference   ? 
# 
loop_
_struct_conn.id 
_struct_conn.conn_type_id 
_struct_conn.pdbx_leaving_atom_flag 
_struct_conn.pdbx_PDB_id 
_struct_conn.ptnr1_label_asym_id 
_struct_conn.ptnr1_label_comp_id 
_struct_conn.ptnr1_label_seq_id 
_struct_conn.ptnr1_label_atom_id 
_struct_conn.pdbx_ptnr1_label_alt_id 
_struct_conn.pdbx_ptnr1_PDB_ins_code 
_struct_conn.pdbx_ptnr1_standard_comp_id 
_struct_conn.ptnr1_symmetry 
_struct_conn.ptnr2_label_asym_id 
_struct_conn.ptnr2_label_comp_id 
_struct_conn.ptnr2_label_seq_id 
_struct_conn.ptnr2_label_atom_id 
_struct_conn.pdbx_ptnr2_label_alt_id 
_struct_conn.pdbx_ptnr2_PDB_ins_code 
_struct_conn.ptnr1_auth_asym_id 
_struct_conn.ptnr1_auth_comp_id 
_struct_conn.ptnr1_auth_seq_id 
_struct_conn.ptnr2_auth_asym_id 
_struct_conn.ptnr2_auth_comp_id 
_struct_conn.ptnr2_auth_seq_id 
_struct_conn.ptnr2_symmetry 
_struct_conn.pdbx_ptnr3_label_atom_id 
_struct_conn.pdbx_ptnr3_label_seq_id 
_struct_conn.pdbx_ptnr3_label_comp_id 
_struct_conn.pdbx_ptnr3_label_asym_id 
_struct_conn.pdbx_ptnr3_label_alt_id 
_struct_conn.pdbx_ptnr3_PDB_ins_code 
_struct_conn.details 
_struct_conn.pdbx_dist_value 
_struct_conn.pdbx_value_order 
_struct_conn.pdbx_role 
disulf1  disulf ? ? A CYS 62  SG  ? ? ? 1_555 A CYS 151 SG ? ? A CYS 61  A CYS 150 1_555 ? ? ? ? ? ? ? 2.218 ? ? 
metalc1  metalc ? ? A HIS 3   NE2 ? ? ? 1_555 D CU  .   CU ? ? A HIS 2   A CU  181 1_555 ? ? ? ? ? ? ? 2.027 ? ? 
metalc2  metalc ? ? A HIS 51  ND1 ? ? ? 1_555 B CU  .   CU ? ? A HIS 50  A CU  171 1_555 ? ? ? ? ? ? ? 1.939 ? ? 
metalc3  metalc ? ? A HIS 51  CE1 ? ? ? 1_555 B CU  .   CU ? ? A HIS 50  A CU  171 1_555 ? ? ? ? ? ? ? 2.141 ? ? 
metalc4  metalc ? ? A HIS 53  NE2 ? ? ? 1_555 B CU  .   CU ? ? A HIS 52  A CU  171 1_555 ? ? ? ? ? ? ? 2.064 ? ? 
metalc5  metalc ? ? A HIS 68  NE2 ? ? ? 1_555 B CU  .   CU ? ? A HIS 67  A CU  171 1_555 ? ? ? ? ? ? ? 2.227 ? ? 
metalc6  metalc ? ? A HIS 68  ND1 ? ? ? 1_555 C ZN  .   ZN ? ? A HIS 67  A ZN  172 1_555 ? ? ? ? ? ? ? 2.074 ? ? 
metalc7  metalc ? ? A HIS 76  ND1 ? ? ? 1_555 C ZN  .   ZN ? ? A HIS 75  A ZN  172 1_555 ? ? ? ? ? ? ? 2.071 ? ? 
metalc8  metalc ? ? A HIS 85  ND1 ? ? ? 1_555 C ZN  .   ZN ? ? A HIS 84  A ZN  172 1_555 ? ? ? ? ? ? ? 2.084 ? ? 
metalc9  metalc ? ? A ASP 88  OD1 ? ? ? 1_555 C ZN  .   ZN ? ? A ASP 87  A ZN  172 1_555 ? ? ? ? ? ? ? 2.087 ? ? 
metalc10 metalc ? ? A HIS 125 NE2 ? ? ? 1_555 B CU  .   CU ? ? A HIS 124 A CU  171 1_555 ? ? ? ? ? ? ? 1.977 ? ? 
# 
loop_
_struct_conn_type.id 
_struct_conn_type.criteria 
_struct_conn_type.reference 
disulf ? ? 
metalc ? ? 
# 
loop_
_pdbx_struct_conn_angle.id 
_pdbx_struct_conn_angle.ptnr1_label_atom_id 
_pdbx_struct_conn_angle.ptnr1_label_alt_id 
_pdbx_struct_conn_angle.ptnr1_label_asym_id 
_pdbx_struct_conn_angle.ptnr1_label_comp_id 
_pdbx_struct_conn_angle.ptnr1_label_seq_id 
_pdbx_struct_conn_angle.ptnr1_auth_atom_id 
_pdbx_struct_conn_angle.ptnr1_auth_asym_id 
_pdbx_struct_conn_angle.ptnr1_auth_comp_id 
_pdbx_struct_conn_angle.ptnr1_auth_seq_id 
_pdbx_struct_conn_angle.ptnr1_PDB_ins_code 
_pdbx_struct_conn_angle.ptnr1_symmetry 
_pdbx_struct_conn_angle.ptnr2_label_atom_id 
_pdbx_struct_conn_angle.ptnr2_label_alt_id 
_pdbx_struct_conn_angle.ptnr2_label_asym_id 
_pdbx_struct_conn_angle.ptnr2_label_comp_id 
_pdbx_struct_conn_angle.ptnr2_label_seq_id 
_pdbx_struct_conn_angle.ptnr2_auth_atom_id 
_pdbx_struct_conn_angle.ptnr2_auth_asym_id 
_pdbx_struct_conn_angle.ptnr2_auth_comp_id 
_pdbx_struct_conn_angle.ptnr2_auth_seq_id 
_pdbx_struct_conn_angle.ptnr2_PDB_ins_code 
_pdbx_struct_conn_angle.ptnr2_symmetry 
_pdbx_struct_conn_angle.ptnr3_label_atom_id 
_pdbx_struct_conn_angle.ptnr3_label_alt_id 
_pdbx_struct_conn_angle.ptnr3_label_asym_id 
_pdbx_struct_conn_angle.ptnr3_label_comp_id 
_pdbx_struct_conn_angle.ptnr3_label_seq_id 
_pdbx_struct_conn_angle.ptnr3_auth_atom_id 
_pdbx_struct_conn_angle.ptnr3_auth_asym_id 
_pdbx_struct_conn_angle.ptnr3_auth_comp_id 
_pdbx_struct_conn_angle.ptnr3_auth_seq_id 
_pdbx_struct_conn_angle.ptnr3_PDB_ins_code 
_pdbx_struct_conn_angle.ptnr3_symmetry 
_pdbx_struct_conn_angle.value 
_pdbx_struct_conn_angle.value_esd 
1  ND1 ? A HIS 51 ? A HIS 50 ? 1_555 CU ? B CU . ? A CU 171 ? 1_555 CE1 ? A HIS 51  ? A HIS 50  ? 1_555 37.0  ? 
2  ND1 ? A HIS 51 ? A HIS 50 ? 1_555 CU ? B CU . ? A CU 171 ? 1_555 NE2 ? A HIS 53  ? A HIS 52  ? 1_555 102.8 ? 
3  CE1 ? A HIS 51 ? A HIS 50 ? 1_555 CU ? B CU . ? A CU 171 ? 1_555 NE2 ? A HIS 53  ? A HIS 52  ? 1_555 139.6 ? 
4  ND1 ? A HIS 51 ? A HIS 50 ? 1_555 CU ? B CU . ? A CU 171 ? 1_555 NE2 ? A HIS 68  ? A HIS 67  ? 1_555 85.3  ? 
5  CE1 ? A HIS 51 ? A HIS 50 ? 1_555 CU ? B CU . ? A CU 171 ? 1_555 NE2 ? A HIS 68  ? A HIS 67  ? 1_555 80.9  ? 
6  NE2 ? A HIS 53 ? A HIS 52 ? 1_555 CU ? B CU . ? A CU 171 ? 1_555 NE2 ? A HIS 68  ? A HIS 67  ? 1_555 94.4  ? 
7  ND1 ? A HIS 51 ? A HIS 50 ? 1_555 CU ? B CU . ? A CU 171 ? 1_555 NE2 ? A HIS 125 ? A HIS 124 ? 1_555 93.8  ? 
8  CE1 ? A HIS 51 ? A HIS 50 ? 1_555 CU ? B CU . ? A CU 171 ? 1_555 NE2 ? A HIS 125 ? A HIS 124 ? 1_555 84.6  ? 
9  NE2 ? A HIS 53 ? A HIS 52 ? 1_555 CU ? B CU . ? A CU 171 ? 1_555 NE2 ? A HIS 125 ? A HIS 124 ? 1_555 108.1 ? 
10 NE2 ? A HIS 68 ? A HIS 67 ? 1_555 CU ? B CU . ? A CU 171 ? 1_555 NE2 ? A HIS 125 ? A HIS 124 ? 1_555 157.0 ? 
11 ND1 ? A HIS 68 ? A HIS 67 ? 1_555 ZN ? C ZN . ? A ZN 172 ? 1_555 ND1 ? A HIS 76  ? A HIS 75  ? 1_555 109.5 ? 
12 ND1 ? A HIS 68 ? A HIS 67 ? 1_555 ZN ? C ZN . ? A ZN 172 ? 1_555 ND1 ? A HIS 85  ? A HIS 84  ? 1_555 123.7 ? 
13 ND1 ? A HIS 76 ? A HIS 75 ? 1_555 ZN ? C ZN . ? A ZN 172 ? 1_555 ND1 ? A HIS 85  ? A HIS 84  ? 1_555 124.9 ? 
14 ND1 ? A HIS 68 ? A HIS 67 ? 1_555 ZN ? C ZN . ? A ZN 172 ? 1_555 OD1 ? A ASP 88  ? A ASP 87  ? 1_555 94.7  ? 
15 ND1 ? A HIS 76 ? A HIS 75 ? 1_555 ZN ? C ZN . ? A ZN 172 ? 1_555 OD1 ? A ASP 88  ? A ASP 87  ? 1_555 83.0  ? 
16 ND1 ? A HIS 85 ? A HIS 84 ? 1_555 ZN ? C ZN . ? A ZN 172 ? 1_555 OD1 ? A ASP 88  ? A ASP 87  ? 1_555 104.4 ? 
# 
_pdbx_modification_feature.ordinal                            1 
_pdbx_modification_feature.label_comp_id                      CYS 
_pdbx_modification_feature.label_asym_id                      A 
_pdbx_modification_feature.label_seq_id                       62 
_pdbx_modification_feature.label_alt_id                       ? 
_pdbx_modification_feature.modified_residue_label_comp_id     CYS 
_pdbx_modification_feature.modified_residue_label_asym_id     A 
_pdbx_modification_feature.modified_residue_label_seq_id      151 
_pdbx_modification_feature.modified_residue_label_alt_id      ? 
_pdbx_modification_feature.auth_comp_id                       CYS 
_pdbx_modification_feature.auth_asym_id                       A 
_pdbx_modification_feature.auth_seq_id                        61 
_pdbx_modification_feature.PDB_ins_code                       ? 
_pdbx_modification_feature.symmetry                           1_555 
_pdbx_modification_feature.modified_residue_auth_comp_id      CYS 
_pdbx_modification_feature.modified_residue_auth_asym_id      A 
_pdbx_modification_feature.modified_residue_auth_seq_id       150 
_pdbx_modification_feature.modified_residue_PDB_ins_code      ? 
_pdbx_modification_feature.modified_residue_symmetry          1_555 
_pdbx_modification_feature.comp_id_linking_atom               SG 
_pdbx_modification_feature.modified_residue_id_linking_atom   SG 
_pdbx_modification_feature.modified_residue_id                . 
_pdbx_modification_feature.ref_pcm_id                         . 
_pdbx_modification_feature.ref_comp_id                        . 
_pdbx_modification_feature.type                               None 
_pdbx_modification_feature.category                           'Disulfide bridge' 
# 
loop_
_struct_sheet.id 
_struct_sheet.type 
_struct_sheet.number_strands 
_struct_sheet.details 
A ? 5 ? 
B ? 4 ? 
# 
loop_
_struct_sheet_order.sheet_id 
_struct_sheet_order.range_id_1 
_struct_sheet_order.range_id_2 
_struct_sheet_order.offset 
_struct_sheet_order.sense 
A 1 2 ? anti-parallel 
A 2 3 ? anti-parallel 
A 3 4 ? anti-parallel 
A 4 5 ? anti-parallel 
B 1 2 ? anti-parallel 
B 2 3 ? anti-parallel 
B 3 4 ? anti-parallel 
# 
loop_
_struct_sheet_range.sheet_id 
_struct_sheet_range.id 
_struct_sheet_range.beg_label_comp_id 
_struct_sheet_range.beg_label_asym_id 
_struct_sheet_range.beg_label_seq_id 
_struct_sheet_range.pdbx_beg_PDB_ins_code 
_struct_sheet_range.end_label_comp_id 
_struct_sheet_range.end_label_asym_id 
_struct_sheet_range.end_label_seq_id 
_struct_sheet_range.pdbx_end_PDB_ins_code 
_struct_sheet_range.beg_auth_comp_id 
_struct_sheet_range.beg_auth_asym_id 
_struct_sheet_range.beg_auth_seq_id 
_struct_sheet_range.end_auth_comp_id 
_struct_sheet_range.end_auth_asym_id 
_struct_sheet_range.end_auth_seq_id 
A 1 TYR A 99  ? ASP A 106 ? TYR A 98  ASP A 105 
A 2 LYS A 33  ? THR A 41  ? LYS A 32  THR A 40  
A 3 ARG A 21  ? VAL A 29  ? ARG A 20  VAL A 28  
A 4 ARG A 10  ? SER A 16  ? ARG A 9   SER A 15  
A 5 GLY A 155 ? ILE A 156 ? GLY A 154 ILE A 155 
B 1 ASP A 88  ? PHE A 94  ? ASP A 87  PHE A 93  
B 2 GLY A 46  ? HIS A 53  ? GLY A 45  HIS A 52  
B 3 ALA A 121 ? HIS A 125 ? ALA A 120 HIS A 124 
B 4 ARG A 148 ? VAL A 153 ? ARG A 147 VAL A 152 
# 
loop_
_pdbx_struct_sheet_hbond.sheet_id 
_pdbx_struct_sheet_hbond.range_id_1 
_pdbx_struct_sheet_hbond.range_id_2 
_pdbx_struct_sheet_hbond.range_1_label_atom_id 
_pdbx_struct_sheet_hbond.range_1_label_comp_id 
_pdbx_struct_sheet_hbond.range_1_label_asym_id 
_pdbx_struct_sheet_hbond.range_1_label_seq_id 
_pdbx_struct_sheet_hbond.range_1_PDB_ins_code 
_pdbx_struct_sheet_hbond.range_1_auth_atom_id 
_pdbx_struct_sheet_hbond.range_1_auth_comp_id 
_pdbx_struct_sheet_hbond.range_1_auth_asym_id 
_pdbx_struct_sheet_hbond.range_1_auth_seq_id 
_pdbx_struct_sheet_hbond.range_2_label_atom_id 
_pdbx_struct_sheet_hbond.range_2_label_comp_id 
_pdbx_struct_sheet_hbond.range_2_label_asym_id 
_pdbx_struct_sheet_hbond.range_2_label_seq_id 
_pdbx_struct_sheet_hbond.range_2_PDB_ins_code 
_pdbx_struct_sheet_hbond.range_2_auth_atom_id 
_pdbx_struct_sheet_hbond.range_2_auth_comp_id 
_pdbx_struct_sheet_hbond.range_2_auth_asym_id 
_pdbx_struct_sheet_hbond.range_2_auth_seq_id 
A 1 2 O LEU A 104 ? O LEU A 103 N VAL A 36  ? N VAL A 35  
A 2 3 O THR A 41  ? O THR A 40  N ARG A 21  ? N ARG A 20  
A 3 4 O PHE A 26  ? O PHE A 25  N ALA A 11  ? N ALA A 10  
A 4 5 N ILE A 12  ? N ILE A 11  O GLY A 155 ? O GLY A 154 
B 1 2 O PHE A 94  ? O PHE A 93  N GLY A 46  ? N GLY A 45  
B 2 3 N HIS A 51  ? N HIS A 50  O VAL A 123 ? O VAL A 122 
B 3 4 N VAL A 122 ? N VAL A 121 O GLY A 152 ? O GLY A 151 
# 
loop_
_struct_site.id 
_struct_site.pdbx_evidence_code 
_struct_site.pdbx_auth_asym_id 
_struct_site.pdbx_auth_comp_id 
_struct_site.pdbx_auth_seq_id 
_struct_site.pdbx_auth_ins_code 
_struct_site.pdbx_num_residues 
_struct_site.details 
AC1 Software A CU 171 ? 4 'BINDING SITE FOR RESIDUE CU A 171' 
AC2 Software A ZN 172 ? 5 'BINDING SITE FOR RESIDUE ZN A 172' 
AC3 Software A CU 181 ? 4 'BINDING SITE FOR RESIDUE CU A 181' 
# 
loop_
_struct_site_gen.id 
_struct_site_gen.site_id 
_struct_site_gen.pdbx_num_res 
_struct_site_gen.label_comp_id 
_struct_site_gen.label_asym_id 
_struct_site_gen.label_seq_id 
_struct_site_gen.pdbx_auth_ins_code 
_struct_site_gen.auth_comp_id 
_struct_site_gen.auth_asym_id 
_struct_site_gen.auth_seq_id 
_struct_site_gen.label_atom_id 
_struct_site_gen.label_alt_id 
_struct_site_gen.symmetry 
_struct_site_gen.details 
1  AC1 4 HIS A 51  ? HIS A 50  . ? 1_555 ? 
2  AC1 4 HIS A 53  ? HIS A 52  . ? 1_555 ? 
3  AC1 4 HIS A 68  ? HIS A 67  . ? 1_555 ? 
4  AC1 4 HIS A 125 ? HIS A 124 . ? 1_555 ? 
5  AC2 5 HIS A 68  ? HIS A 67  . ? 1_555 ? 
6  AC2 5 HIS A 76  ? HIS A 75  . ? 1_555 ? 
7  AC2 5 HIS A 85  ? HIS A 84  . ? 1_555 ? 
8  AC2 5 ASP A 88  ? ASP A 87  . ? 1_555 ? 
9  AC2 5 LYS A 141 ? LYS A 140 . ? 1_555 ? 
10 AC3 4 HIS A 3   ? HIS A 2   . ? 1_555 ? 
11 AC3 4 HIS A 35  ? HIS A 34  . ? 5_555 ? 
12 AC3 4 HIS A 73  ? HIS A 72  . ? 7_555 ? 
13 AC3 4 ASP A 103 ? ASP A 102 . ? 5_555 ? 
# 
_pdbx_entry_details.entry_id                   2E46 
_pdbx_entry_details.compound_details           ? 
_pdbx_entry_details.source_details             ? 
_pdbx_entry_details.nonpolymer_details         ? 
_pdbx_entry_details.sequence_details           ? 
_pdbx_entry_details.has_ligand_of_interest     ? 
_pdbx_entry_details.has_protein_modification   Y 
# 
loop_
_pdbx_validate_rmsd_bond.id 
_pdbx_validate_rmsd_bond.PDB_model_num 
_pdbx_validate_rmsd_bond.auth_atom_id_1 
_pdbx_validate_rmsd_bond.auth_asym_id_1 
_pdbx_validate_rmsd_bond.auth_comp_id_1 
_pdbx_validate_rmsd_bond.auth_seq_id_1 
_pdbx_validate_rmsd_bond.PDB_ins_code_1 
_pdbx_validate_rmsd_bond.label_alt_id_1 
_pdbx_validate_rmsd_bond.auth_atom_id_2 
_pdbx_validate_rmsd_bond.auth_asym_id_2 
_pdbx_validate_rmsd_bond.auth_comp_id_2 
_pdbx_validate_rmsd_bond.auth_seq_id_2 
_pdbx_validate_rmsd_bond.PDB_ins_code_2 
_pdbx_validate_rmsd_bond.label_alt_id_2 
_pdbx_validate_rmsd_bond.bond_value 
_pdbx_validate_rmsd_bond.bond_target_value 
_pdbx_validate_rmsd_bond.bond_deviation 
_pdbx_validate_rmsd_bond.bond_standard_deviation 
_pdbx_validate_rmsd_bond.linker_flag 
1 1 CB A VAL 51 ? ? CG1 A VAL 51 ? ? 1.386 1.524 -0.138 0.021 N 
2 1 CB A GLU 53 ? ? CG  A GLU 53 ? ? 1.652 1.517 0.135  0.019 N 
3 1 CA A GLU 71 ? ? CB  A GLU 71 ? ? 1.672 1.535 0.137  0.022 N 
4 1 CB A GLU 71 ? ? CG  A GLU 71 ? ? 1.862 1.517 0.345  0.019 N 
5 1 CG A GLU 71 ? ? CD  A GLU 71 ? ? 1.707 1.515 0.192  0.015 N 
# 
loop_
_pdbx_validate_rmsd_angle.id 
_pdbx_validate_rmsd_angle.PDB_model_num 
_pdbx_validate_rmsd_angle.auth_atom_id_1 
_pdbx_validate_rmsd_angle.auth_asym_id_1 
_pdbx_validate_rmsd_angle.auth_comp_id_1 
_pdbx_validate_rmsd_angle.auth_seq_id_1 
_pdbx_validate_rmsd_angle.PDB_ins_code_1 
_pdbx_validate_rmsd_angle.label_alt_id_1 
_pdbx_validate_rmsd_angle.auth_atom_id_2 
_pdbx_validate_rmsd_angle.auth_asym_id_2 
_pdbx_validate_rmsd_angle.auth_comp_id_2 
_pdbx_validate_rmsd_angle.auth_seq_id_2 
_pdbx_validate_rmsd_angle.PDB_ins_code_2 
_pdbx_validate_rmsd_angle.label_alt_id_2 
_pdbx_validate_rmsd_angle.auth_atom_id_3 
_pdbx_validate_rmsd_angle.auth_asym_id_3 
_pdbx_validate_rmsd_angle.auth_comp_id_3 
_pdbx_validate_rmsd_angle.auth_seq_id_3 
_pdbx_validate_rmsd_angle.PDB_ins_code_3 
_pdbx_validate_rmsd_angle.label_alt_id_3 
_pdbx_validate_rmsd_angle.angle_value 
_pdbx_validate_rmsd_angle.angle_target_value 
_pdbx_validate_rmsd_angle.angle_deviation 
_pdbx_validate_rmsd_angle.angle_standard_deviation 
_pdbx_validate_rmsd_angle.linker_flag 
1 1 CG1 A ILE 39  ? ? CB A ILE 39  ? ? CG2 A ILE 39  ? ? 93.26  111.40 -18.14 2.20 N 
2 1 CB  A GLU 71  ? ? CA A GLU 71  ? ? C   A GLU 71  ? ? 123.67 110.40 13.27  2.00 N 
3 1 CA  A GLU 71  ? ? CB A GLU 71  ? ? CG  A GLU 71  ? ? 130.85 113.40 17.45  2.20 N 
4 1 OE1 A GLU 71  ? ? CD A GLU 71  ? ? OE2 A GLU 71  ? ? 110.05 123.30 -13.25 1.20 N 
5 1 CG  A GLU 71  ? ? CD A GLU 71  ? ? OE2 A GLU 71  ? ? 131.77 118.30 13.47  2.00 N 
6 1 NE  A ARG 83  ? ? CZ A ARG 83  ? ? NH1 A ARG 83  ? ? 126.91 120.30 6.61   0.50 N 
7 1 NE  A ARG 83  ? ? CZ A ARG 83  ? ? NH2 A ARG 83  ? ? 115.32 120.30 -4.98  0.50 N 
8 1 CB  A ILE 117 ? ? CA A ILE 117 ? ? C   A ILE 117 ? ? 133.28 111.60 21.68  2.00 N 
9 1 NE  A ARG 119 ? ? CZ A ARG 119 ? ? NH2 A ARG 119 ? ? 124.80 120.30 4.50   0.50 N 
# 
loop_
_pdbx_validate_torsion.id 
_pdbx_validate_torsion.PDB_model_num 
_pdbx_validate_torsion.auth_comp_id 
_pdbx_validate_torsion.auth_asym_id 
_pdbx_validate_torsion.auth_seq_id 
_pdbx_validate_torsion.PDB_ins_code 
_pdbx_validate_torsion.label_alt_id 
_pdbx_validate_torsion.phi 
_pdbx_validate_torsion.psi 
1 1 ASP A 30  ? ? 78.10   32.13   
2 1 ASP A 102 ? ? -160.84 91.01   
3 1 SER A 133 ? ? -101.14 -168.09 
4 1 ASN A 143 ? ? -150.61 73.24   
# 
loop_
_chem_comp_atom.comp_id 
_chem_comp_atom.atom_id 
_chem_comp_atom.type_symbol 
_chem_comp_atom.pdbx_aromatic_flag 
_chem_comp_atom.pdbx_stereo_config 
_chem_comp_atom.pdbx_ordinal 
ALA N    N  N N 1   
ALA CA   C  N S 2   
ALA C    C  N N 3   
ALA O    O  N N 4   
ALA CB   C  N N 5   
ALA OXT  O  N N 6   
ALA H    H  N N 7   
ALA H2   H  N N 8   
ALA HA   H  N N 9   
ALA HB1  H  N N 10  
ALA HB2  H  N N 11  
ALA HB3  H  N N 12  
ALA HXT  H  N N 13  
ARG N    N  N N 14  
ARG CA   C  N S 15  
ARG C    C  N N 16  
ARG O    O  N N 17  
ARG CB   C  N N 18  
ARG CG   C  N N 19  
ARG CD   C  N N 20  
ARG NE   N  N N 21  
ARG CZ   C  N N 22  
ARG NH1  N  N N 23  
ARG NH2  N  N N 24  
ARG OXT  O  N N 25  
ARG H    H  N N 26  
ARG H2   H  N N 27  
ARG HA   H  N N 28  
ARG HB2  H  N N 29  
ARG HB3  H  N N 30  
ARG HG2  H  N N 31  
ARG HG3  H  N N 32  
ARG HD2  H  N N 33  
ARG HD3  H  N N 34  
ARG HE   H  N N 35  
ARG HH11 H  N N 36  
ARG HH12 H  N N 37  
ARG HH21 H  N N 38  
ARG HH22 H  N N 39  
ARG HXT  H  N N 40  
ASN N    N  N N 41  
ASN CA   C  N S 42  
ASN C    C  N N 43  
ASN O    O  N N 44  
ASN CB   C  N N 45  
ASN CG   C  N N 46  
ASN OD1  O  N N 47  
ASN ND2  N  N N 48  
ASN OXT  O  N N 49  
ASN H    H  N N 50  
ASN H2   H  N N 51  
ASN HA   H  N N 52  
ASN HB2  H  N N 53  
ASN HB3  H  N N 54  
ASN HD21 H  N N 55  
ASN HD22 H  N N 56  
ASN HXT  H  N N 57  
ASP N    N  N N 58  
ASP CA   C  N S 59  
ASP C    C  N N 60  
ASP O    O  N N 61  
ASP CB   C  N N 62  
ASP CG   C  N N 63  
ASP OD1  O  N N 64  
ASP OD2  O  N N 65  
ASP OXT  O  N N 66  
ASP H    H  N N 67  
ASP H2   H  N N 68  
ASP HA   H  N N 69  
ASP HB2  H  N N 70  
ASP HB3  H  N N 71  
ASP HD2  H  N N 72  
ASP HXT  H  N N 73  
CU  CU   CU N N 74  
CYS N    N  N N 75  
CYS CA   C  N R 76  
CYS C    C  N N 77  
CYS O    O  N N 78  
CYS CB   C  N N 79  
CYS SG   S  N N 80  
CYS OXT  O  N N 81  
CYS H    H  N N 82  
CYS H2   H  N N 83  
CYS HA   H  N N 84  
CYS HB2  H  N N 85  
CYS HB3  H  N N 86  
CYS HG   H  N N 87  
CYS HXT  H  N N 88  
GLN N    N  N N 89  
GLN CA   C  N S 90  
GLN C    C  N N 91  
GLN O    O  N N 92  
GLN CB   C  N N 93  
GLN CG   C  N N 94  
GLN CD   C  N N 95  
GLN OE1  O  N N 96  
GLN NE2  N  N N 97  
GLN OXT  O  N N 98  
GLN H    H  N N 99  
GLN H2   H  N N 100 
GLN HA   H  N N 101 
GLN HB2  H  N N 102 
GLN HB3  H  N N 103 
GLN HG2  H  N N 104 
GLN HG3  H  N N 105 
GLN HE21 H  N N 106 
GLN HE22 H  N N 107 
GLN HXT  H  N N 108 
GLU N    N  N N 109 
GLU CA   C  N S 110 
GLU C    C  N N 111 
GLU O    O  N N 112 
GLU CB   C  N N 113 
GLU CG   C  N N 114 
GLU CD   C  N N 115 
GLU OE1  O  N N 116 
GLU OE2  O  N N 117 
GLU OXT  O  N N 118 
GLU H    H  N N 119 
GLU H2   H  N N 120 
GLU HA   H  N N 121 
GLU HB2  H  N N 122 
GLU HB3  H  N N 123 
GLU HG2  H  N N 124 
GLU HG3  H  N N 125 
GLU HE2  H  N N 126 
GLU HXT  H  N N 127 
GLY N    N  N N 128 
GLY CA   C  N N 129 
GLY C    C  N N 130 
GLY O    O  N N 131 
GLY OXT  O  N N 132 
GLY H    H  N N 133 
GLY H2   H  N N 134 
GLY HA2  H  N N 135 
GLY HA3  H  N N 136 
GLY HXT  H  N N 137 
HIS N    N  N N 138 
HIS CA   C  N S 139 
HIS C    C  N N 140 
HIS O    O  N N 141 
HIS CB   C  N N 142 
HIS CG   C  Y N 143 
HIS ND1  N  Y N 144 
HIS CD2  C  Y N 145 
HIS CE1  C  Y N 146 
HIS NE2  N  Y N 147 
HIS OXT  O  N N 148 
HIS H    H  N N 149 
HIS H2   H  N N 150 
HIS HA   H  N N 151 
HIS HB2  H  N N 152 
HIS HB3  H  N N 153 
HIS HD1  H  N N 154 
HIS HD2  H  N N 155 
HIS HE1  H  N N 156 
HIS HE2  H  N N 157 
HIS HXT  H  N N 158 
HOH O    O  N N 159 
HOH H1   H  N N 160 
HOH H2   H  N N 161 
ILE N    N  N N 162 
ILE CA   C  N S 163 
ILE C    C  N N 164 
ILE O    O  N N 165 
ILE CB   C  N S 166 
ILE CG1  C  N N 167 
ILE CG2  C  N N 168 
ILE CD1  C  N N 169 
ILE OXT  O  N N 170 
ILE H    H  N N 171 
ILE H2   H  N N 172 
ILE HA   H  N N 173 
ILE HB   H  N N 174 
ILE HG12 H  N N 175 
ILE HG13 H  N N 176 
ILE HG21 H  N N 177 
ILE HG22 H  N N 178 
ILE HG23 H  N N 179 
ILE HD11 H  N N 180 
ILE HD12 H  N N 181 
ILE HD13 H  N N 182 
ILE HXT  H  N N 183 
LEU N    N  N N 184 
LEU CA   C  N S 185 
LEU C    C  N N 186 
LEU O    O  N N 187 
LEU CB   C  N N 188 
LEU CG   C  N N 189 
LEU CD1  C  N N 190 
LEU CD2  C  N N 191 
LEU OXT  O  N N 192 
LEU H    H  N N 193 
LEU H2   H  N N 194 
LEU HA   H  N N 195 
LEU HB2  H  N N 196 
LEU HB3  H  N N 197 
LEU HG   H  N N 198 
LEU HD11 H  N N 199 
LEU HD12 H  N N 200 
LEU HD13 H  N N 201 
LEU HD21 H  N N 202 
LEU HD22 H  N N 203 
LEU HD23 H  N N 204 
LEU HXT  H  N N 205 
LYS N    N  N N 206 
LYS CA   C  N S 207 
LYS C    C  N N 208 
LYS O    O  N N 209 
LYS CB   C  N N 210 
LYS CG   C  N N 211 
LYS CD   C  N N 212 
LYS CE   C  N N 213 
LYS NZ   N  N N 214 
LYS OXT  O  N N 215 
LYS H    H  N N 216 
LYS H2   H  N N 217 
LYS HA   H  N N 218 
LYS HB2  H  N N 219 
LYS HB3  H  N N 220 
LYS HG2  H  N N 221 
LYS HG3  H  N N 222 
LYS HD2  H  N N 223 
LYS HD3  H  N N 224 
LYS HE2  H  N N 225 
LYS HE3  H  N N 226 
LYS HZ1  H  N N 227 
LYS HZ2  H  N N 228 
LYS HZ3  H  N N 229 
LYS HXT  H  N N 230 
MET N    N  N N 231 
MET CA   C  N S 232 
MET C    C  N N 233 
MET O    O  N N 234 
MET CB   C  N N 235 
MET CG   C  N N 236 
MET SD   S  N N 237 
MET CE   C  N N 238 
MET OXT  O  N N 239 
MET H    H  N N 240 
MET H2   H  N N 241 
MET HA   H  N N 242 
MET HB2  H  N N 243 
MET HB3  H  N N 244 
MET HG2  H  N N 245 
MET HG3  H  N N 246 
MET HE1  H  N N 247 
MET HE2  H  N N 248 
MET HE3  H  N N 249 
MET HXT  H  N N 250 
PHE N    N  N N 251 
PHE CA   C  N S 252 
PHE C    C  N N 253 
PHE O    O  N N 254 
PHE CB   C  N N 255 
PHE CG   C  Y N 256 
PHE CD1  C  Y N 257 
PHE CD2  C  Y N 258 
PHE CE1  C  Y N 259 
PHE CE2  C  Y N 260 
PHE CZ   C  Y N 261 
PHE OXT  O  N N 262 
PHE H    H  N N 263 
PHE H2   H  N N 264 
PHE HA   H  N N 265 
PHE HB2  H  N N 266 
PHE HB3  H  N N 267 
PHE HD1  H  N N 268 
PHE HD2  H  N N 269 
PHE HE1  H  N N 270 
PHE HE2  H  N N 271 
PHE HZ   H  N N 272 
PHE HXT  H  N N 273 
PRO N    N  N N 274 
PRO CA   C  N S 275 
PRO C    C  N N 276 
PRO O    O  N N 277 
PRO CB   C  N N 278 
PRO CG   C  N N 279 
PRO CD   C  N N 280 
PRO OXT  O  N N 281 
PRO H    H  N N 282 
PRO HA   H  N N 283 
PRO HB2  H  N N 284 
PRO HB3  H  N N 285 
PRO HG2  H  N N 286 
PRO HG3  H  N N 287 
PRO HD2  H  N N 288 
PRO HD3  H  N N 289 
PRO HXT  H  N N 290 
SER N    N  N N 291 
SER CA   C  N S 292 
SER C    C  N N 293 
SER O    O  N N 294 
SER CB   C  N N 295 
SER OG   O  N N 296 
SER OXT  O  N N 297 
SER H    H  N N 298 
SER H2   H  N N 299 
SER HA   H  N N 300 
SER HB2  H  N N 301 
SER HB3  H  N N 302 
SER HG   H  N N 303 
SER HXT  H  N N 304 
THR N    N  N N 305 
THR CA   C  N S 306 
THR C    C  N N 307 
THR O    O  N N 308 
THR CB   C  N R 309 
THR OG1  O  N N 310 
THR CG2  C  N N 311 
THR OXT  O  N N 312 
THR H    H  N N 313 
THR H2   H  N N 314 
THR HA   H  N N 315 
THR HB   H  N N 316 
THR HG1  H  N N 317 
THR HG21 H  N N 318 
THR HG22 H  N N 319 
THR HG23 H  N N 320 
THR HXT  H  N N 321 
TYR N    N  N N 322 
TYR CA   C  N S 323 
TYR C    C  N N 324 
TYR O    O  N N 325 
TYR CB   C  N N 326 
TYR CG   C  Y N 327 
TYR CD1  C  Y N 328 
TYR CD2  C  Y N 329 
TYR CE1  C  Y N 330 
TYR CE2  C  Y N 331 
TYR CZ   C  Y N 332 
TYR OH   O  N N 333 
TYR OXT  O  N N 334 
TYR H    H  N N 335 
TYR H2   H  N N 336 
TYR HA   H  N N 337 
TYR HB2  H  N N 338 
TYR HB3  H  N N 339 
TYR HD1  H  N N 340 
TYR HD2  H  N N 341 
TYR HE1  H  N N 342 
TYR HE2  H  N N 343 
TYR HH   H  N N 344 
TYR HXT  H  N N 345 
VAL N    N  N N 346 
VAL CA   C  N S 347 
VAL C    C  N N 348 
VAL O    O  N N 349 
VAL CB   C  N N 350 
VAL CG1  C  N N 351 
VAL CG2  C  N N 352 
VAL OXT  O  N N 353 
VAL H    H  N N 354 
VAL H2   H  N N 355 
VAL HA   H  N N 356 
VAL HB   H  N N 357 
VAL HG11 H  N N 358 
VAL HG12 H  N N 359 
VAL HG13 H  N N 360 
VAL HG21 H  N N 361 
VAL HG22 H  N N 362 
VAL HG23 H  N N 363 
VAL HXT  H  N N 364 
ZN  ZN   ZN N N 365 
# 
loop_
_chem_comp_bond.comp_id 
_chem_comp_bond.atom_id_1 
_chem_comp_bond.atom_id_2 
_chem_comp_bond.value_order 
_chem_comp_bond.pdbx_aromatic_flag 
_chem_comp_bond.pdbx_stereo_config 
_chem_comp_bond.pdbx_ordinal 
ALA N   CA   sing N N 1   
ALA N   H    sing N N 2   
ALA N   H2   sing N N 3   
ALA CA  C    sing N N 4   
ALA CA  CB   sing N N 5   
ALA CA  HA   sing N N 6   
ALA C   O    doub N N 7   
ALA C   OXT  sing N N 8   
ALA CB  HB1  sing N N 9   
ALA CB  HB2  sing N N 10  
ALA CB  HB3  sing N N 11  
ALA OXT HXT  sing N N 12  
ARG N   CA   sing N N 13  
ARG N   H    sing N N 14  
ARG N   H2   sing N N 15  
ARG CA  C    sing N N 16  
ARG CA  CB   sing N N 17  
ARG CA  HA   sing N N 18  
ARG C   O    doub N N 19  
ARG C   OXT  sing N N 20  
ARG CB  CG   sing N N 21  
ARG CB  HB2  sing N N 22  
ARG CB  HB3  sing N N 23  
ARG CG  CD   sing N N 24  
ARG CG  HG2  sing N N 25  
ARG CG  HG3  sing N N 26  
ARG CD  NE   sing N N 27  
ARG CD  HD2  sing N N 28  
ARG CD  HD3  sing N N 29  
ARG NE  CZ   sing N N 30  
ARG NE  HE   sing N N 31  
ARG CZ  NH1  sing N N 32  
ARG CZ  NH2  doub N N 33  
ARG NH1 HH11 sing N N 34  
ARG NH1 HH12 sing N N 35  
ARG NH2 HH21 sing N N 36  
ARG NH2 HH22 sing N N 37  
ARG OXT HXT  sing N N 38  
ASN N   CA   sing N N 39  
ASN N   H    sing N N 40  
ASN N   H2   sing N N 41  
ASN CA  C    sing N N 42  
ASN CA  CB   sing N N 43  
ASN CA  HA   sing N N 44  
ASN C   O    doub N N 45  
ASN C   OXT  sing N N 46  
ASN CB  CG   sing N N 47  
ASN CB  HB2  sing N N 48  
ASN CB  HB3  sing N N 49  
ASN CG  OD1  doub N N 50  
ASN CG  ND2  sing N N 51  
ASN ND2 HD21 sing N N 52  
ASN ND2 HD22 sing N N 53  
ASN OXT HXT  sing N N 54  
ASP N   CA   sing N N 55  
ASP N   H    sing N N 56  
ASP N   H2   sing N N 57  
ASP CA  C    sing N N 58  
ASP CA  CB   sing N N 59  
ASP CA  HA   sing N N 60  
ASP C   O    doub N N 61  
ASP C   OXT  sing N N 62  
ASP CB  CG   sing N N 63  
ASP CB  HB2  sing N N 64  
ASP CB  HB3  sing N N 65  
ASP CG  OD1  doub N N 66  
ASP CG  OD2  sing N N 67  
ASP OD2 HD2  sing N N 68  
ASP OXT HXT  sing N N 69  
CYS N   CA   sing N N 70  
CYS N   H    sing N N 71  
CYS N   H2   sing N N 72  
CYS CA  C    sing N N 73  
CYS CA  CB   sing N N 74  
CYS CA  HA   sing N N 75  
CYS C   O    doub N N 76  
CYS C   OXT  sing N N 77  
CYS CB  SG   sing N N 78  
CYS CB  HB2  sing N N 79  
CYS CB  HB3  sing N N 80  
CYS SG  HG   sing N N 81  
CYS OXT HXT  sing N N 82  
GLN N   CA   sing N N 83  
GLN N   H    sing N N 84  
GLN N   H2   sing N N 85  
GLN CA  C    sing N N 86  
GLN CA  CB   sing N N 87  
GLN CA  HA   sing N N 88  
GLN C   O    doub N N 89  
GLN C   OXT  sing N N 90  
GLN CB  CG   sing N N 91  
GLN CB  HB2  sing N N 92  
GLN CB  HB3  sing N N 93  
GLN CG  CD   sing N N 94  
GLN CG  HG2  sing N N 95  
GLN CG  HG3  sing N N 96  
GLN CD  OE1  doub N N 97  
GLN CD  NE2  sing N N 98  
GLN NE2 HE21 sing N N 99  
GLN NE2 HE22 sing N N 100 
GLN OXT HXT  sing N N 101 
GLU N   CA   sing N N 102 
GLU N   H    sing N N 103 
GLU N   H2   sing N N 104 
GLU CA  C    sing N N 105 
GLU CA  CB   sing N N 106 
GLU CA  HA   sing N N 107 
GLU C   O    doub N N 108 
GLU C   OXT  sing N N 109 
GLU CB  CG   sing N N 110 
GLU CB  HB2  sing N N 111 
GLU CB  HB3  sing N N 112 
GLU CG  CD   sing N N 113 
GLU CG  HG2  sing N N 114 
GLU CG  HG3  sing N N 115 
GLU CD  OE1  doub N N 116 
GLU CD  OE2  sing N N 117 
GLU OE2 HE2  sing N N 118 
GLU OXT HXT  sing N N 119 
GLY N   CA   sing N N 120 
GLY N   H    sing N N 121 
GLY N   H2   sing N N 122 
GLY CA  C    sing N N 123 
GLY CA  HA2  sing N N 124 
GLY CA  HA3  sing N N 125 
GLY C   O    doub N N 126 
GLY C   OXT  sing N N 127 
GLY OXT HXT  sing N N 128 
HIS N   CA   sing N N 129 
HIS N   H    sing N N 130 
HIS N   H2   sing N N 131 
HIS CA  C    sing N N 132 
HIS CA  CB   sing N N 133 
HIS CA  HA   sing N N 134 
HIS C   O    doub N N 135 
HIS C   OXT  sing N N 136 
HIS CB  CG   sing N N 137 
HIS CB  HB2  sing N N 138 
HIS CB  HB3  sing N N 139 
HIS CG  ND1  sing Y N 140 
HIS CG  CD2  doub Y N 141 
HIS ND1 CE1  doub Y N 142 
HIS ND1 HD1  sing N N 143 
HIS CD2 NE2  sing Y N 144 
HIS CD2 HD2  sing N N 145 
HIS CE1 NE2  sing Y N 146 
HIS CE1 HE1  sing N N 147 
HIS NE2 HE2  sing N N 148 
HIS OXT HXT  sing N N 149 
HOH O   H1   sing N N 150 
HOH O   H2   sing N N 151 
ILE N   CA   sing N N 152 
ILE N   H    sing N N 153 
ILE N   H2   sing N N 154 
ILE CA  C    sing N N 155 
ILE CA  CB   sing N N 156 
ILE CA  HA   sing N N 157 
ILE C   O    doub N N 158 
ILE C   OXT  sing N N 159 
ILE CB  CG1  sing N N 160 
ILE CB  CG2  sing N N 161 
ILE CB  HB   sing N N 162 
ILE CG1 CD1  sing N N 163 
ILE CG1 HG12 sing N N 164 
ILE CG1 HG13 sing N N 165 
ILE CG2 HG21 sing N N 166 
ILE CG2 HG22 sing N N 167 
ILE CG2 HG23 sing N N 168 
ILE CD1 HD11 sing N N 169 
ILE CD1 HD12 sing N N 170 
ILE CD1 HD13 sing N N 171 
ILE OXT HXT  sing N N 172 
LEU N   CA   sing N N 173 
LEU N   H    sing N N 174 
LEU N   H2   sing N N 175 
LEU CA  C    sing N N 176 
LEU CA  CB   sing N N 177 
LEU CA  HA   sing N N 178 
LEU C   O    doub N N 179 
LEU C   OXT  sing N N 180 
LEU CB  CG   sing N N 181 
LEU CB  HB2  sing N N 182 
LEU CB  HB3  sing N N 183 
LEU CG  CD1  sing N N 184 
LEU CG  CD2  sing N N 185 
LEU CG  HG   sing N N 186 
LEU CD1 HD11 sing N N 187 
LEU CD1 HD12 sing N N 188 
LEU CD1 HD13 sing N N 189 
LEU CD2 HD21 sing N N 190 
LEU CD2 HD22 sing N N 191 
LEU CD2 HD23 sing N N 192 
LEU OXT HXT  sing N N 193 
LYS N   CA   sing N N 194 
LYS N   H    sing N N 195 
LYS N   H2   sing N N 196 
LYS CA  C    sing N N 197 
LYS CA  CB   sing N N 198 
LYS CA  HA   sing N N 199 
LYS C   O    doub N N 200 
LYS C   OXT  sing N N 201 
LYS CB  CG   sing N N 202 
LYS CB  HB2  sing N N 203 
LYS CB  HB3  sing N N 204 
LYS CG  CD   sing N N 205 
LYS CG  HG2  sing N N 206 
LYS CG  HG3  sing N N 207 
LYS CD  CE   sing N N 208 
LYS CD  HD2  sing N N 209 
LYS CD  HD3  sing N N 210 
LYS CE  NZ   sing N N 211 
LYS CE  HE2  sing N N 212 
LYS CE  HE3  sing N N 213 
LYS NZ  HZ1  sing N N 214 
LYS NZ  HZ2  sing N N 215 
LYS NZ  HZ3  sing N N 216 
LYS OXT HXT  sing N N 217 
MET N   CA   sing N N 218 
MET N   H    sing N N 219 
MET N   H2   sing N N 220 
MET CA  C    sing N N 221 
MET CA  CB   sing N N 222 
MET CA  HA   sing N N 223 
MET C   O    doub N N 224 
MET C   OXT  sing N N 225 
MET CB  CG   sing N N 226 
MET CB  HB2  sing N N 227 
MET CB  HB3  sing N N 228 
MET CG  SD   sing N N 229 
MET CG  HG2  sing N N 230 
MET CG  HG3  sing N N 231 
MET SD  CE   sing N N 232 
MET CE  HE1  sing N N 233 
MET CE  HE2  sing N N 234 
MET CE  HE3  sing N N 235 
MET OXT HXT  sing N N 236 
PHE N   CA   sing N N 237 
PHE N   H    sing N N 238 
PHE N   H2   sing N N 239 
PHE CA  C    sing N N 240 
PHE CA  CB   sing N N 241 
PHE CA  HA   sing N N 242 
PHE C   O    doub N N 243 
PHE C   OXT  sing N N 244 
PHE CB  CG   sing N N 245 
PHE CB  HB2  sing N N 246 
PHE CB  HB3  sing N N 247 
PHE CG  CD1  doub Y N 248 
PHE CG  CD2  sing Y N 249 
PHE CD1 CE1  sing Y N 250 
PHE CD1 HD1  sing N N 251 
PHE CD2 CE2  doub Y N 252 
PHE CD2 HD2  sing N N 253 
PHE CE1 CZ   doub Y N 254 
PHE CE1 HE1  sing N N 255 
PHE CE2 CZ   sing Y N 256 
PHE CE2 HE2  sing N N 257 
PHE CZ  HZ   sing N N 258 
PHE OXT HXT  sing N N 259 
PRO N   CA   sing N N 260 
PRO N   CD   sing N N 261 
PRO N   H    sing N N 262 
PRO CA  C    sing N N 263 
PRO CA  CB   sing N N 264 
PRO CA  HA   sing N N 265 
PRO C   O    doub N N 266 
PRO C   OXT  sing N N 267 
PRO CB  CG   sing N N 268 
PRO CB  HB2  sing N N 269 
PRO CB  HB3  sing N N 270 
PRO CG  CD   sing N N 271 
PRO CG  HG2  sing N N 272 
PRO CG  HG3  sing N N 273 
PRO CD  HD2  sing N N 274 
PRO CD  HD3  sing N N 275 
PRO OXT HXT  sing N N 276 
SER N   CA   sing N N 277 
SER N   H    sing N N 278 
SER N   H2   sing N N 279 
SER CA  C    sing N N 280 
SER CA  CB   sing N N 281 
SER CA  HA   sing N N 282 
SER C   O    doub N N 283 
SER C   OXT  sing N N 284 
SER CB  OG   sing N N 285 
SER CB  HB2  sing N N 286 
SER CB  HB3  sing N N 287 
SER OG  HG   sing N N 288 
SER OXT HXT  sing N N 289 
THR N   CA   sing N N 290 
THR N   H    sing N N 291 
THR N   H2   sing N N 292 
THR CA  C    sing N N 293 
THR CA  CB   sing N N 294 
THR CA  HA   sing N N 295 
THR C   O    doub N N 296 
THR C   OXT  sing N N 297 
THR CB  OG1  sing N N 298 
THR CB  CG2  sing N N 299 
THR CB  HB   sing N N 300 
THR OG1 HG1  sing N N 301 
THR CG2 HG21 sing N N 302 
THR CG2 HG22 sing N N 303 
THR CG2 HG23 sing N N 304 
THR OXT HXT  sing N N 305 
TYR N   CA   sing N N 306 
TYR N   H    sing N N 307 
TYR N   H2   sing N N 308 
TYR CA  C    sing N N 309 
TYR CA  CB   sing N N 310 
TYR CA  HA   sing N N 311 
TYR C   O    doub N N 312 
TYR C   OXT  sing N N 313 
TYR CB  CG   sing N N 314 
TYR CB  HB2  sing N N 315 
TYR CB  HB3  sing N N 316 
TYR CG  CD1  doub Y N 317 
TYR CG  CD2  sing Y N 318 
TYR CD1 CE1  sing Y N 319 
TYR CD1 HD1  sing N N 320 
TYR CD2 CE2  doub Y N 321 
TYR CD2 HD2  sing N N 322 
TYR CE1 CZ   doub Y N 323 
TYR CE1 HE1  sing N N 324 
TYR CE2 CZ   sing Y N 325 
TYR CE2 HE2  sing N N 326 
TYR CZ  OH   sing N N 327 
TYR OH  HH   sing N N 328 
TYR OXT HXT  sing N N 329 
VAL N   CA   sing N N 330 
VAL N   H    sing N N 331 
VAL N   H2   sing N N 332 
VAL CA  C    sing N N 333 
VAL CA  CB   sing N N 334 
VAL CA  HA   sing N N 335 
VAL C   O    doub N N 336 
VAL C   OXT  sing N N 337 
VAL CB  CG1  sing N N 338 
VAL CB  CG2  sing N N 339 
VAL CB  HB   sing N N 340 
VAL CG1 HG11 sing N N 341 
VAL CG1 HG12 sing N N 342 
VAL CG1 HG13 sing N N 343 
VAL CG2 HG21 sing N N 344 
VAL CG2 HG22 sing N N 345 
VAL CG2 HG23 sing N N 346 
VAL OXT HXT  sing N N 347 
# 
_pdbx_initial_refinement_model.id               1 
_pdbx_initial_refinement_model.entity_id_list   ? 
_pdbx_initial_refinement_model.type             'experimental model' 
_pdbx_initial_refinement_model.source_name      PDB 
_pdbx_initial_refinement_model.accession_code   1E9P 
_pdbx_initial_refinement_model.details          ? 
# 
_atom_sites.entry_id                    2E46 
_atom_sites.fract_transf_matrix[1][1]   -0.01459166 
_atom_sites.fract_transf_matrix[1][2]   -0.00815081 
_atom_sites.fract_transf_matrix[1][3]   0.00176718 
_atom_sites.fract_transf_matrix[2][1]   0.00656315 
_atom_sites.fract_transf_matrix[2][2]   -0.00902450 
_atom_sites.fract_transf_matrix[2][3]   0.01256817 
_atom_sites.fract_transf_matrix[3][1]   -0.00273219 
_atom_sites.fract_transf_matrix[3][2]   0.00615942 
_atom_sites.fract_transf_matrix[3][3]   0.00584950 
_atom_sites.fract_transf_vector[1]      0.256740 
_atom_sites.fract_transf_vector[2]      -0.051642 
_atom_sites.fract_transf_vector[3]      0.000845 
# 
loop_
_atom_type.symbol 
C  
CU 
N  
O  
S  
ZN 
# 
loop_
_atom_site.group_PDB 
_atom_site.id 
_atom_site.type_symbol 
_atom_site.label_atom_id 
_atom_site.label_alt_id 
_atom_site.label_comp_id 
_atom_site.label_asym_id 
_atom_site.label_entity_id 
_atom_site.label_seq_id 
_atom_site.pdbx_PDB_ins_code 
_atom_site.Cartn_x 
_atom_site.Cartn_y 
_atom_site.Cartn_z 
_atom_site.occupancy 
_atom_site.B_iso_or_equiv 
_atom_site.pdbx_formal_charge 
_atom_site.auth_seq_id 
_atom_site.auth_comp_id 
_atom_site.auth_asym_id 
_atom_site.auth_atom_id 
_atom_site.pdbx_PDB_model_num 
ATOM   1    N  N   . MET A 1 1   ? 18.735  -7.779  30.576  1.00 56.60 ? 0   MET A N   1 
ATOM   2    C  CA  . MET A 1 1   ? 17.268  -8.239  30.626  1.00 55.75 ? 0   MET A CA  1 
ATOM   3    C  C   . MET A 1 1   ? 16.665  -8.448  29.216  1.00 55.23 ? 0   MET A C   1 
ATOM   4    O  O   . MET A 1 1   ? 16.757  -7.574  28.328  1.00 54.23 ? 0   MET A O   1 
ATOM   5    C  CB  . MET A 1 1   ? 16.361  -7.285  31.443  1.00 54.97 ? 0   MET A CB  1 
ATOM   6    C  CG  . MET A 1 1   ? 16.550  -5.810  31.122  1.00 55.11 ? 0   MET A CG  1 
ATOM   7    S  SD  . MET A 1 1   ? 16.373  -4.828  32.712  1.00 54.24 ? 0   MET A SD  1 
ATOM   8    C  CE  . MET A 1 1   ? 17.794  -3.687  32.594  1.00 48.00 ? 0   MET A CE  1 
ATOM   9    N  N   . HIS A 1 2   ? 16.014  -9.607  29.083  1.00 54.61 ? 1   HIS A N   1 
ATOM   10   C  CA  . HIS A 1 2   ? 15.509  -10.162 27.830  1.00 53.24 ? 1   HIS A CA  1 
ATOM   11   C  C   . HIS A 1 2   ? 13.981  -10.208 27.962  1.00 52.92 ? 1   HIS A C   1 
ATOM   12   O  O   . HIS A 1 2   ? 13.471  -10.480 29.068  1.00 53.62 ? 1   HIS A O   1 
ATOM   13   C  CB  . HIS A 1 2   ? 16.084  -11.593 27.568  1.00 50.48 ? 1   HIS A CB  1 
ATOM   14   C  CG  . HIS A 1 2   ? 15.666  -12.154 26.251  1.00 49.87 ? 1   HIS A CG  1 
ATOM   15   N  ND1 . HIS A 1 2   ? 16.014  -11.565 25.043  1.00 47.83 ? 1   HIS A ND1 1 
ATOM   16   C  CD2 . HIS A 1 2   ? 14.849  -13.190 25.946  1.00 47.81 ? 1   HIS A CD2 1 
ATOM   17   C  CE1 . HIS A 1 2   ? 15.464  -12.255 24.056  1.00 47.73 ? 1   HIS A CE1 1 
ATOM   18   N  NE2 . HIS A 1 2   ? 14.733  -13.232 24.570  1.00 45.03 ? 1   HIS A NE2 1 
ATOM   19   N  N   . HIS A 1 3   ? 13.274  -9.981  26.833  1.00 51.34 ? 2   HIS A N   1 
ATOM   20   C  CA  . HIS A 1 3   ? 11.855  -9.640  26.783  1.00 49.07 ? 2   HIS A CA  1 
ATOM   21   C  C   . HIS A 1 3   ? 11.135  -10.661 25.885  1.00 49.34 ? 2   HIS A C   1 
ATOM   22   O  O   . HIS A 1 3   ? 11.752  -11.370 25.068  1.00 49.59 ? 2   HIS A O   1 
ATOM   23   C  CB  . HIS A 1 3   ? 11.710  -8.228  26.189  1.00 47.51 ? 2   HIS A CB  1 
ATOM   24   C  CG  . HIS A 1 3   ? 12.285  -7.131  27.033  1.00 48.03 ? 2   HIS A CG  1 
ATOM   25   N  ND1 . HIS A 1 3   ? 13.650  -6.907  27.155  1.00 44.71 ? 2   HIS A ND1 1 
ATOM   26   C  CD2 . HIS A 1 3   ? 11.679  -6.196  27.825  1.00 48.58 ? 2   HIS A CD2 1 
ATOM   27   C  CE1 . HIS A 1 3   ? 13.852  -5.879  27.973  1.00 44.12 ? 2   HIS A CE1 1 
ATOM   28   N  NE2 . HIS A 1 3   ? 12.674  -5.442  28.420  1.00 44.34 ? 2   HIS A NE2 1 
ATOM   29   N  N   . GLY A 1 4   ? 9.830   -10.739 26.006  1.00 48.71 ? 3   GLY A N   1 
ATOM   30   C  CA  . GLY A 1 4   ? 9.044   -11.409 24.983  1.00 49.54 ? 3   GLY A CA  1 
ATOM   31   C  C   . GLY A 1 4   ? 8.740   -10.482 23.803  1.00 50.22 ? 3   GLY A C   1 
ATOM   32   O  O   . GLY A 1 4   ? 9.120   -9.302  23.766  1.00 49.12 ? 3   GLY A O   1 
ATOM   33   N  N   . PHE A 1 5   ? 8.012   -10.997 22.832  1.00 51.56 ? 4   PHE A N   1 
ATOM   34   C  CA  . PHE A 1 5   ? 7.783   -10.182 21.676  1.00 54.07 ? 4   PHE A CA  1 
ATOM   35   C  C   . PHE A 1 5   ? 6.691   -9.100  21.955  1.00 54.61 ? 4   PHE A C   1 
ATOM   36   O  O   . PHE A 1 5   ? 5.660   -9.397  22.567  1.00 55.06 ? 4   PHE A O   1 
ATOM   37   C  CB  . PHE A 1 5   ? 7.560   -11.079 20.416  1.00 54.45 ? 4   PHE A CB  1 
ATOM   38   C  CG  . PHE A 1 5   ? 7.311   -10.299 19.152  1.00 54.69 ? 4   PHE A CG  1 
ATOM   39   C  CD1 . PHE A 1 5   ? 6.128   -10.522 18.390  1.00 55.70 ? 4   PHE A CD1 1 
ATOM   40   C  CD2 . PHE A 1 5   ? 8.216   -9.296  18.740  1.00 53.80 ? 4   PHE A CD2 1 
ATOM   41   C  CE1 . PHE A 1 5   ? 5.855   -9.766  17.192  1.00 55.31 ? 4   PHE A CE1 1 
ATOM   42   C  CE2 . PHE A 1 5   ? 7.954   -8.536  17.539  1.00 56.88 ? 4   PHE A CE2 1 
ATOM   43   C  CZ  . PHE A 1 5   ? 6.767   -8.764  16.767  1.00 54.42 ? 4   PHE A CZ  1 
ATOM   44   N  N   . THR A 1 6   ? 6.974   -7.853  21.534  1.00 55.12 ? 5   THR A N   1 
ATOM   45   C  CA  . THR A 1 6   ? 6.010   -6.712  21.495  1.00 54.39 ? 5   THR A CA  1 
ATOM   46   C  C   . THR A 1 6   ? 5.597   -6.429  20.063  1.00 52.75 ? 5   THR A C   1 
ATOM   47   O  O   . THR A 1 6   ? 6.435   -6.307  19.199  1.00 55.06 ? 5   THR A O   1 
ATOM   48   C  CB  . THR A 1 6   ? 6.650   -5.477  22.148  1.00 55.13 ? 5   THR A CB  1 
ATOM   49   O  OG1 . THR A 1 6   ? 6.534   -5.607  23.570  1.00 57.31 ? 5   THR A OG1 1 
ATOM   50   C  CG2 . THR A 1 6   ? 6.011   -4.079  21.704  1.00 60.28 ? 5   THR A CG2 1 
ATOM   51   N  N   . THR A 1 7   ? 4.315   -6.377  19.771  1.00 49.65 ? 6   THR A N   1 
ATOM   52   C  CA  . THR A 1 7   ? 3.898   -6.067  18.427  1.00 47.41 ? 6   THR A CA  1 
ATOM   53   C  C   . THR A 1 7   ? 3.861   -4.529  18.263  1.00 45.11 ? 6   THR A C   1 
ATOM   54   O  O   . THR A 1 7   ? 3.408   -3.813  19.147  1.00 40.36 ? 6   THR A O   1 
ATOM   55   C  CB  . THR A 1 7   ? 2.549   -6.803  18.044  1.00 48.78 ? 6   THR A CB  1 
ATOM   56   O  OG1 . THR A 1 7   ? 1.588   -6.615  19.081  1.00 53.03 ? 6   THR A OG1 1 
ATOM   57   C  CG2 . THR A 1 7   ? 2.760   -8.350  17.883  1.00 48.26 ? 6   THR A CG2 1 
ATOM   58   N  N   . PRO A 1 8   ? 4.436   -4.004  17.155  1.00 44.82 ? 7   PRO A N   1 
ATOM   59   C  CA  . PRO A 1 8   ? 4.530   -2.531  17.081  1.00 44.35 ? 7   PRO A CA  1 
ATOM   60   C  C   . PRO A 1 8   ? 3.116   -2.063  16.892  1.00 42.77 ? 7   PRO A C   1 
ATOM   61   O  O   . PRO A 1 8   ? 2.326   -2.745  16.299  1.00 44.60 ? 7   PRO A O   1 
ATOM   62   C  CB  . PRO A 1 8   ? 5.380   -2.272  15.806  1.00 42.66 ? 7   PRO A CB  1 
ATOM   63   C  CG  . PRO A 1 8   ? 6.060   -3.568  15.524  1.00 44.41 ? 7   PRO A CG  1 
ATOM   64   C  CD  . PRO A 1 8   ? 5.060   -4.646  15.970  1.00 45.02 ? 7   PRO A CD  1 
ATOM   65   N  N   . SER A 1 9   ? 2.759   -0.929  17.412  1.00 42.09 ? 8   SER A N   1 
ATOM   66   C  CA  . SER A 1 9   ? 1.373   -0.546  17.190  1.00 42.36 ? 8   SER A CA  1 
ATOM   67   C  C   . SER A 1 9   ? 1.265   0.592   16.132  1.00 40.69 ? 8   SER A C   1 
ATOM   68   O  O   . SER A 1 9   ? 0.155   0.938   15.727  1.00 38.68 ? 8   SER A O   1 
ATOM   69   C  CB  . SER A 1 9   ? 0.641   -0.252  18.532  1.00 42.74 ? 8   SER A CB  1 
ATOM   70   O  OG  . SER A 1 9   ? 1.127   0.944   19.097  1.00 43.89 ? 8   SER A OG  1 
ATOM   71   N  N   . ARG A 1 10  ? 2.417   1.071   15.620  1.00 37.70 ? 9   ARG A N   1 
ATOM   72   C  CA  . ARG A 1 10  ? 2.400   2.051   14.572  1.00 37.24 ? 9   ARG A CA  1 
ATOM   73   C  C   . ARG A 1 10  ? 3.524   1.821   13.584  1.00 33.66 ? 9   ARG A C   1 
ATOM   74   O  O   . ARG A 1 10  ? 4.631   1.571   13.973  1.00 32.57 ? 9   ARG A O   1 
ATOM   75   C  CB  . ARG A 1 10  ? 2.635   3.441   15.172  1.00 36.10 ? 9   ARG A CB  1 
ATOM   76   C  CG  . ARG A 1 10  ? 1.682   3.954   16.162  1.00 45.68 ? 9   ARG A CG  1 
ATOM   77   C  CD  . ARG A 1 10  ? 2.195   5.353   16.752  1.00 44.92 ? 9   ARG A CD  1 
ATOM   78   N  NE  . ARG A 1 10  ? 3.459   5.347   17.505  1.00 57.37 ? 9   ARG A NE  1 
ATOM   79   C  CZ  . ARG A 1 10  ? 4.159   6.467   17.826  1.00 59.17 ? 9   ARG A CZ  1 
ATOM   80   N  NH1 . ARG A 1 10  ? 3.722   7.672   17.424  1.00 59.87 ? 9   ARG A NH1 1 
ATOM   81   N  NH2 . ARG A 1 10  ? 5.310   6.401   18.531  1.00 58.79 ? 9   ARG A NH2 1 
ATOM   82   N  N   . ALA A 1 11  ? 3.263   2.052   12.312  1.00 31.17 ? 10  ALA A N   1 
ATOM   83   C  CA  . ALA A 1 11  ? 4.273   1.996   11.311  1.00 28.91 ? 10  ALA A CA  1 
ATOM   84   C  C   . ALA A 1 11  ? 4.137   3.246   10.390  1.00 28.33 ? 10  ALA A C   1 
ATOM   85   O  O   . ALA A 1 11  ? 3.078   3.866   10.318  1.00 28.78 ? 10  ALA A O   1 
ATOM   86   C  CB  . ALA A 1 11  ? 4.048   0.716   10.483  1.00 26.53 ? 10  ALA A CB  1 
ATOM   87   N  N   . ILE A 1 12  ? 5.162   3.533   9.601   1.00 28.80 ? 11  ILE A N   1 
ATOM   88   C  CA  . ILE A 1 12  ? 5.109   4.586   8.562   1.00 28.76 ? 11  ILE A CA  1 
ATOM   89   C  C   . ILE A 1 12  ? 5.832   4.211   7.272   1.00 30.95 ? 11  ILE A C   1 
ATOM   90   O  O   . ILE A 1 12  ? 6.898   3.509   7.316   1.00 29.88 ? 11  ILE A O   1 
ATOM   91   C  CB  . ILE A 1 12  ? 5.782   5.856   9.176   1.00 29.98 ? 11  ILE A CB  1 
ATOM   92   C  CG1 . ILE A 1 12  ? 5.718   7.112   8.253   1.00 30.14 ? 11  ILE A CG1 1 
ATOM   93   C  CG2 . ILE A 1 12  ? 7.149   5.559   9.682   1.00 24.07 ? 11  ILE A CG2 1 
ATOM   94   C  CD1 . ILE A 1 12  ? 5.957   8.432   9.067   1.00 23.83 ? 11  ILE A CD1 1 
ATOM   95   N  N   . ALA A 1 13  ? 5.390   4.756   6.135   1.00 30.48 ? 12  ALA A N   1 
ATOM   96   C  CA  . ALA A 1 13  ? 6.241   4.646   4.936   1.00 30.95 ? 12  ALA A CA  1 
ATOM   97   C  C   . ALA A 1 13  ? 6.426   6.079   4.336   1.00 34.62 ? 12  ALA A C   1 
ATOM   98   O  O   . ALA A 1 13  ? 5.502   6.910   4.319   1.00 35.09 ? 12  ALA A O   1 
ATOM   99   C  CB  . ALA A 1 13  ? 5.610   3.731   3.968   1.00 27.77 ? 12  ALA A CB  1 
ATOM   100  N  N   . VAL A 1 14  ? 7.587   6.350   3.762   1.00 36.86 ? 13  VAL A N   1 
ATOM   101  C  CA  . VAL A 1 14  ? 7.895   7.675   3.259   1.00 37.54 ? 13  VAL A CA  1 
ATOM   102  C  C   . VAL A 1 14  ? 8.184   7.565   1.790   1.00 39.51 ? 13  VAL A C   1 
ATOM   103  O  O   . VAL A 1 14  ? 8.989   6.758   1.367   1.00 37.94 ? 13  VAL A O   1 
ATOM   104  C  CB  . VAL A 1 14  ? 9.094   8.174   3.944   1.00 38.90 ? 13  VAL A CB  1 
ATOM   105  C  CG1 . VAL A 1 14  ? 9.715   9.339   3.180   1.00 40.26 ? 13  VAL A CG1 1 
ATOM   106  C  CG2 . VAL A 1 14  ? 8.775   8.497   5.452   1.00 35.96 ? 13  VAL A CG2 1 
ATOM   107  N  N   . LEU A 1 15  ? 7.407   8.290   1.001   1.00 41.27 ? 14  LEU A N   1 
ATOM   108  C  CA  . LEU A 1 15  ? 7.553   8.371   -0.420  1.00 41.08 ? 14  LEU A CA  1 
ATOM   109  C  C   . LEU A 1 15  ? 8.349   9.685   -0.695  1.00 44.73 ? 14  LEU A C   1 
ATOM   110  O  O   . LEU A 1 15  ? 7.893   10.787  -0.288  1.00 45.30 ? 14  LEU A O   1 
ATOM   111  C  CB  . LEU A 1 15  ? 6.149   8.473   -0.974  1.00 40.78 ? 14  LEU A CB  1 
ATOM   112  C  CG  . LEU A 1 15  ? 5.319   7.325   -1.524  1.00 41.96 ? 14  LEU A CG  1 
ATOM   113  C  CD1 . LEU A 1 15  ? 5.871   5.850   -1.120  1.00 39.18 ? 14  LEU A CD1 1 
ATOM   114  C  CD2 . LEU A 1 15  ? 3.799   7.511   -1.349  1.00 39.70 ? 14  LEU A CD2 1 
ATOM   115  N  N   . SER A 1 16  ? 9.579   9.592   -1.237  1.00 47.07 ? 15  SER A N   1 
ATOM   116  C  CA  . SER A 1 16  ? 10.242  10.770  -1.881  1.00 51.65 ? 15  SER A CA  1 
ATOM   117  C  C   . SER A 1 16  ? 11.031  10.565  -3.142  1.00 53.57 ? 15  SER A C   1 
ATOM   118  O  O   . SER A 1 16  ? 12.048  9.880   -3.177  1.00 55.17 ? 15  SER A O   1 
ATOM   119  C  CB  . SER A 1 16  ? 10.909  11.809  -0.977  1.00 51.45 ? 15  SER A CB  1 
ATOM   120  O  OG  . SER A 1 16  ? 12.030  11.317  -0.340  1.00 53.20 ? 15  SER A OG  1 
ATOM   121  N  N   . THR A 1 17  ? 10.506  11.206  -4.178  1.00 55.70 ? 16  THR A N   1 
ATOM   122  C  CA  . THR A 1 17  ? 10.956  11.110  -5.546  1.00 56.50 ? 16  THR A CA  1 
ATOM   123  C  C   . THR A 1 17  ? 11.402  12.569  -5.846  1.00 58.44 ? 16  THR A C   1 
ATOM   124  O  O   . THR A 1 17  ? 11.408  13.446  -4.915  1.00 58.62 ? 16  THR A O   1 
ATOM   125  C  CB  . THR A 1 17  ? 9.756   10.475  -6.301  1.00 56.71 ? 16  THR A CB  1 
ATOM   126  O  OG1 . THR A 1 17  ? 9.784   9.022   -6.115  1.00 56.60 ? 16  THR A OG1 1 
ATOM   127  C  CG2 . THR A 1 17  ? 9.517   10.889  -7.810  1.00 56.22 ? 16  THR A CG2 1 
ATOM   128  N  N   . GLU A 1 18  ? 11.832  12.830  -7.083  1.00 59.23 ? 17  GLU A N   1 
ATOM   129  C  CA  . GLU A 1 18  ? 12.190  14.201  -7.497  1.00 60.92 ? 17  GLU A CA  1 
ATOM   130  C  C   . GLU A 1 18  ? 10.941  15.129  -7.390  1.00 60.71 ? 17  GLU A C   1 
ATOM   131  O  O   . GLU A 1 18  ? 11.000  16.169  -6.721  1.00 58.96 ? 17  GLU A O   1 
ATOM   132  C  CB  . GLU A 1 18  ? 12.838  14.229  -8.942  1.00 61.93 ? 17  GLU A CB  1 
ATOM   133  C  CG  . GLU A 1 18  ? 14.445  14.051  -9.034  1.00 63.54 ? 17  GLU A CG  1 
ATOM   134  C  CD  . GLU A 1 18  ? 15.228  14.566  -7.776  1.00 69.32 ? 17  GLU A CD  1 
ATOM   135  O  OE1 . GLU A 1 18  ? 15.111  15.768  -7.362  1.00 66.98 ? 17  GLU A OE1 1 
ATOM   136  O  OE2 . GLU A 1 18  ? 15.969  13.728  -7.190  1.00 75.08 ? 17  GLU A OE2 1 
ATOM   137  N  N   . THR A 1 19  ? 9.829   14.696  -8.030  1.00 60.33 ? 18  THR A N   1 
ATOM   138  C  CA  . THR A 1 19  ? 8.507   15.310  -7.861  1.00 59.71 ? 18  THR A CA  1 
ATOM   139  C  C   . THR A 1 19  ? 7.647   15.005  -6.562  1.00 59.39 ? 18  THR A C   1 
ATOM   140  O  O   . THR A 1 19  ? 6.818   15.834  -6.164  1.00 58.59 ? 18  THR A O   1 
ATOM   141  C  CB  . THR A 1 19  ? 7.573   14.991  -9.087  1.00 60.72 ? 18  THR A CB  1 
ATOM   142  O  OG1 . THR A 1 19  ? 7.394   13.596  -9.221  1.00 59.48 ? 18  THR A OG1 1 
ATOM   143  C  CG2 . THR A 1 19  ? 8.130   15.524  -10.389 1.00 63.37 ? 18  THR A CG2 1 
ATOM   144  N  N   . ILE A 1 20  ? 7.811   13.822  -5.925  1.00 59.28 ? 19  ILE A N   1 
ATOM   145  C  CA  . ILE A 1 20  ? 6.780   13.279  -4.918  1.00 55.59 ? 19  ILE A CA  1 
ATOM   146  C  C   . ILE A 1 20  ? 7.271   13.247  -3.506  1.00 55.07 ? 19  ILE A C   1 
ATOM   147  O  O   . ILE A 1 20  ? 8.404   12.845  -3.270  1.00 54.15 ? 19  ILE A O   1 
ATOM   148  C  CB  . ILE A 1 20  ? 6.221   11.943  -5.361  1.00 54.61 ? 19  ILE A CB  1 
ATOM   149  C  CG1 . ILE A 1 20  ? 5.683   12.105  -6.783  1.00 50.49 ? 19  ILE A CG1 1 
ATOM   150  C  CG2 . ILE A 1 20  ? 5.217   11.391  -4.398  1.00 49.64 ? 19  ILE A CG2 1 
ATOM   151  C  CD1 . ILE A 1 20  ? 4.814   11.059  -7.184  1.00 50.70 ? 19  ILE A CD1 1 
ATOM   152  N  N   . ARG A 1 21  ? 6.454   13.801  -2.607  1.00 54.13 ? 20  ARG A N   1 
ATOM   153  C  CA  . ARG A 1 21  ? 6.662   13.719  -1.185  1.00 54.68 ? 20  ARG A CA  1 
ATOM   154  C  C   . ARG A 1 21  ? 5.334   13.342  -0.514  1.00 52.93 ? 20  ARG A C   1 
ATOM   155  O  O   . ARG A 1 21  ? 4.302   13.911  -0.849  1.00 51.88 ? 20  ARG A O   1 
ATOM   156  C  CB  . ARG A 1 21  ? 7.165   15.035  -0.599  1.00 56.26 ? 20  ARG A CB  1 
ATOM   157  C  CG  . ARG A 1 21  ? 8.633   15.101  -0.184  1.00 63.86 ? 20  ARG A CG  1 
ATOM   158  C  CD  . ARG A 1 21  ? 9.184   16.478  -0.676  1.00 72.39 ? 20  ARG A CD  1 
ATOM   159  N  NE  . ARG A 1 21  ? 10.539  16.431  -1.259  1.00 76.59 ? 20  ARG A NE  1 
ATOM   160  C  CZ  . ARG A 1 21  ? 10.905  17.159  -2.331  1.00 81.38 ? 20  ARG A CZ  1 
ATOM   161  N  NH1 . ARG A 1 21  ? 9.998   17.971  -2.939  1.00 80.59 ? 20  ARG A NH1 1 
ATOM   162  N  NH2 . ARG A 1 21  ? 12.159  17.072  -2.817  1.00 78.78 ? 20  ARG A NH2 1 
ATOM   163  N  N   . GLY A 1 22  ? 5.415   12.411  0.455   1.00 50.50 ? 21  GLY A N   1 
ATOM   164  C  CA  . GLY A 1 22  ? 4.268   11.749  1.163   1.00 46.25 ? 21  GLY A CA  1 
ATOM   165  C  C   . GLY A 1 22  ? 4.769   10.974  2.369   1.00 42.93 ? 21  GLY A C   1 
ATOM   166  O  O   . GLY A 1 22  ? 5.884   10.448  2.364   1.00 40.39 ? 21  GLY A O   1 
ATOM   167  N  N   . ASN A 1 23  ? 3.981   11.006  3.424   1.00 40.91 ? 22  ASN A N   1 
ATOM   168  C  CA  . ASN A 1 23  ? 4.128   10.150  4.585   1.00 41.00 ? 22  ASN A CA  1 
ATOM   169  C  C   . ASN A 1 23  ? 2.811   9.401   4.706   1.00 40.99 ? 22  ASN A C   1 
ATOM   170  O  O   . ASN A 1 23  ? 1.720   10.011  4.515   1.00 38.87 ? 22  ASN A O   1 
ATOM   171  C  CB  . ASN A 1 23  ? 4.382   10.942  5.891   1.00 42.00 ? 22  ASN A CB  1 
ATOM   172  C  CG  . ASN A 1 23  ? 5.777   11.482  5.927   1.00 47.80 ? 22  ASN A CG  1 
ATOM   173  O  OD1 . ASN A 1 23  ? 6.125   12.372  6.706   1.00 55.12 ? 22  ASN A OD1 1 
ATOM   174  N  ND2 . ASN A 1 23  ? 6.587   10.987  5.014   1.00 54.42 ? 22  ASN A ND2 1 
ATOM   175  N  N   . ILE A 1 24  ? 2.914   8.085   4.965   1.00 38.36 ? 23  ILE A N   1 
ATOM   176  C  CA  . ILE A 1 24  ? 1.743   7.273   5.247   1.00 37.82 ? 23  ILE A CA  1 
ATOM   177  C  C   . ILE A 1 24  ? 1.981   6.444   6.500   1.00 38.03 ? 23  ILE A C   1 
ATOM   178  O  O   . ILE A 1 24  ? 2.909   5.659   6.600   1.00 37.59 ? 23  ILE A O   1 
ATOM   179  C  CB  . ILE A 1 24  ? 1.342   6.392   4.082   1.00 37.97 ? 23  ILE A CB  1 
ATOM   180  C  CG1 . ILE A 1 24  ? 1.259   7.256   2.826   1.00 39.39 ? 23  ILE A CG1 1 
ATOM   181  C  CG2 . ILE A 1 24  ? -0.014  5.615   4.375   1.00 33.99 ? 23  ILE A CG2 1 
ATOM   182  C  CD1 . ILE A 1 24  ? 1.528   6.427   1.570   1.00 42.83 ? 23  ILE A CD1 1 
ATOM   183  N  N   . THR A 1 25  ? 1.131   6.697   7.464   1.00 36.50 ? 24  THR A N   1 
ATOM   184  C  CA  . THR A 1 25  ? 1.249   6.166   8.763   1.00 35.11 ? 24  THR A CA  1 
ATOM   185  C  C   . THR A 1 25  ? 0.185   5.043   8.813   1.00 33.99 ? 24  THR A C   1 
ATOM   186  O  O   . THR A 1 25  ? -0.865  5.098   8.117   1.00 32.78 ? 24  THR A O   1 
ATOM   187  C  CB  . THR A 1 25  ? 0.991   7.364   9.593   1.00 37.57 ? 24  THR A CB  1 
ATOM   188  O  OG1 . THR A 1 25  ? 2.146   7.752   10.380  1.00 40.35 ? 24  THR A OG1 1 
ATOM   189  C  CG2 . THR A 1 25  ? -0.435  7.483   10.209  1.00 29.78 ? 24  THR A CG2 1 
ATOM   190  N  N   . PHE A 1 26  ? 0.499   3.994   9.543   1.00 31.57 ? 25  PHE A N   1 
ATOM   191  C  CA  . PHE A 1 26  ? -0.390  2.800   9.682   1.00 30.53 ? 25  PHE A CA  1 
ATOM   192  C  C   . PHE A 1 26  ? -0.426  2.557   11.181  1.00 31.51 ? 25  PHE A C   1 
ATOM   193  O  O   . PHE A 1 26  ? 0.661   2.374   11.772  1.00 33.35 ? 25  PHE A O   1 
ATOM   194  C  CB  . PHE A 1 26  ? 0.281   1.563   9.103   1.00 27.00 ? 25  PHE A CB  1 
ATOM   195  C  CG  . PHE A 1 26  ? 0.475   1.626   7.621   1.00 26.92 ? 25  PHE A CG  1 
ATOM   196  C  CD1 . PHE A 1 26  ? -0.472  1.106   6.779   1.00 16.83 ? 25  PHE A CD1 1 
ATOM   197  C  CD2 . PHE A 1 26  ? 1.522   2.313   7.101   1.00 24.05 ? 25  PHE A CD2 1 
ATOM   198  C  CE1 . PHE A 1 26  ? -0.345  1.185   5.414   1.00 26.41 ? 25  PHE A CE1 1 
ATOM   199  C  CE2 . PHE A 1 26  ? 1.701   2.398   5.728   1.00 24.61 ? 25  PHE A CE2 1 
ATOM   200  C  CZ  . PHE A 1 26  ? 0.751   1.856   4.858   1.00 20.82 ? 25  PHE A CZ  1 
ATOM   201  N  N   . THR A 1 27  ? -1.608  2.519   11.756  1.00 30.16 ? 26  THR A N   1 
ATOM   202  C  CA  . THR A 1 27  ? -1.813  2.552   13.176  1.00 32.08 ? 26  THR A CA  1 
ATOM   203  C  C   . THR A 1 27  ? -2.805  1.495   13.491  1.00 32.92 ? 26  THR A C   1 
ATOM   204  O  O   . THR A 1 27  ? -3.904  1.380   12.845  1.00 32.91 ? 26  THR A O   1 
ATOM   205  C  CB  . THR A 1 27  ? -2.412  3.871   13.659  1.00 30.73 ? 26  THR A CB  1 
ATOM   206  O  OG1 . THR A 1 27  ? -1.490  4.926   13.420  1.00 34.29 ? 26  THR A OG1 1 
ATOM   207  C  CG2 . THR A 1 27  ? -2.707  3.840   15.173  1.00 33.72 ? 26  THR A CG2 1 
ATOM   208  N  N   . GLN A 1 28  ? -2.399  0.696   14.456  1.00 36.23 ? 27  GLN A N   1 
ATOM   209  C  CA  . GLN A 1 28  ? -3.196  -0.427  14.915  1.00 41.66 ? 27  GLN A CA  1 
ATOM   210  C  C   . GLN A 1 28  ? -4.337  0.203   15.736  1.00 43.56 ? 27  GLN A C   1 
ATOM   211  O  O   . GLN A 1 28  ? -4.056  1.034   16.668  1.00 44.92 ? 27  GLN A O   1 
ATOM   212  C  CB  . GLN A 1 28  ? -2.401  -1.358  15.818  1.00 39.94 ? 27  GLN A CB  1 
ATOM   213  C  CG  . GLN A 1 28  ? -3.351  -2.194  16.687  1.00 43.58 ? 27  GLN A CG  1 
ATOM   214  C  CD  . GLN A 1 28  ? -2.634  -3.182  17.663  1.00 45.53 ? 27  GLN A CD  1 
ATOM   215  O  OE1 . GLN A 1 28  ? -1.469  -2.952  18.029  1.00 47.70 ? 27  GLN A OE1 1 
ATOM   216  N  NE2 . GLN A 1 28  ? -3.370  -4.277  18.112  1.00 49.55 ? 27  GLN A NE2 1 
ATOM   217  N  N   . VAL A 1 29  ? -5.583  -0.148  15.371  1.00 44.85 ? 28  VAL A N   1 
ATOM   218  C  CA  . VAL A 1 29  ? -6.798  0.361   16.081  1.00 46.80 ? 28  VAL A CA  1 
ATOM   219  C  C   . VAL A 1 29  ? -7.636  -0.852  16.562  1.00 49.50 ? 28  VAL A C   1 
ATOM   220  O  O   . VAL A 1 29  ? -7.277  -2.047  16.307  1.00 49.04 ? 28  VAL A O   1 
ATOM   221  C  CB  . VAL A 1 29  ? -7.644  1.417   15.214  1.00 45.92 ? 28  VAL A CB  1 
ATOM   222  C  CG1 . VAL A 1 29  ? -6.802  2.582   14.838  1.00 44.68 ? 28  VAL A CG1 1 
ATOM   223  C  CG2 . VAL A 1 29  ? -8.231  0.805   13.948  1.00 44.16 ? 28  VAL A CG2 1 
ATOM   224  N  N   . GLN A 1 30  ? -8.738  -0.580  17.270  1.00 51.65 ? 29  GLN A N   1 
ATOM   225  C  CA  . GLN A 1 30  ? -9.532  -1.690  17.873  1.00 53.49 ? 29  GLN A CA  1 
ATOM   226  C  C   . GLN A 1 30  ? -10.118 -2.558  16.784  1.00 53.76 ? 29  GLN A C   1 
ATOM   227  O  O   . GLN A 1 30  ? -10.235 -2.104  15.646  1.00 56.34 ? 29  GLN A O   1 
ATOM   228  C  CB  . GLN A 1 30  ? -10.559 -1.181  18.936  1.00 53.32 ? 29  GLN A CB  1 
ATOM   229  C  CG  . GLN A 1 30  ? -9.817  -0.446  20.179  1.00 54.58 ? 29  GLN A CG  1 
ATOM   230  C  CD  . GLN A 1 30  ? -10.723 0.350   21.144  1.00 56.27 ? 29  GLN A CD  1 
ATOM   231  O  OE1 . GLN A 1 30  ? -11.119 1.496   20.872  1.00 58.24 ? 29  GLN A OE1 1 
ATOM   232  N  NE2 . GLN A 1 30  ? -10.986 -0.237  22.332  1.00 61.33 ? 29  GLN A NE2 1 
ATOM   233  N  N   . ASP A 1 31  ? -10.367 -3.832  17.108  1.00 53.02 ? 30  ASP A N   1 
ATOM   234  C  CA  . ASP A 1 31  ? -11.161 -4.742  16.309  1.00 51.55 ? 30  ASP A CA  1 
ATOM   235  C  C   . ASP A 1 31  ? -10.434 -5.302  15.124  1.00 48.83 ? 30  ASP A C   1 
ATOM   236  O  O   . ASP A 1 31  ? -11.080 -5.640  14.110  1.00 49.29 ? 30  ASP A O   1 
ATOM   237  C  CB  . ASP A 1 31  ? -12.466 -4.119  15.870  1.00 54.17 ? 30  ASP A CB  1 
ATOM   238  C  CG  . ASP A 1 31  ? -13.374 -3.742  17.052  1.00 61.03 ? 30  ASP A CG  1 
ATOM   239  O  OD1 . ASP A 1 31  ? -13.906 -2.588  17.008  1.00 64.85 ? 30  ASP A OD1 1 
ATOM   240  O  OD2 . ASP A 1 31  ? -13.536 -4.572  18.019  1.00 66.64 ? 30  ASP A OD2 1 
ATOM   241  N  N   . GLY A 1 32  ? -9.109  -5.479  15.284  1.00 46.25 ? 31  GLY A N   1 
ATOM   242  C  CA  . GLY A 1 32  ? -8.203  -6.087  14.247  1.00 44.11 ? 31  GLY A CA  1 
ATOM   243  C  C   . GLY A 1 32  ? -8.169  -5.242  12.924  1.00 42.16 ? 31  GLY A C   1 
ATOM   244  O  O   . GLY A 1 32  ? -8.106  -5.814  11.842  1.00 41.25 ? 31  GLY A O   1 
ATOM   245  N  N   . LYS A 1 33  ? -8.304  -3.907  13.089  1.00 37.82 ? 32  LYS A N   1 
ATOM   246  C  CA  . LYS A 1 33  ? -8.314  -2.941  12.031  1.00 37.41 ? 32  LYS A CA  1 
ATOM   247  C  C   . LYS A 1 33  ? -7.006  -2.133  12.074  1.00 33.57 ? 32  LYS A C   1 
ATOM   248  O  O   . LYS A 1 33  ? -6.316  -1.989  13.101  1.00 31.95 ? 32  LYS A O   1 
ATOM   249  C  CB  . LYS A 1 33  ? -9.574  -2.032  12.033  1.00 35.67 ? 32  LYS A CB  1 
ATOM   250  C  CG  . LYS A 1 33  ? -10.881 -2.713  11.451  1.00 37.69 ? 32  LYS A CG  1 
ATOM   251  C  CD  . LYS A 1 33  ? -12.052 -1.783  11.781  1.00 42.19 ? 32  LYS A CD  1 
ATOM   252  C  CE  . LYS A 1 33  ? -13.445 -2.443  11.895  1.00 53.82 ? 32  LYS A CE  1 
ATOM   253  N  NZ  . LYS A 1 33  ? -14.553 -1.453  11.354  1.00 58.74 ? 32  LYS A NZ  1 
ATOM   254  N  N   . VAL A 1 34  ? -6.620  -1.730  10.889  1.00 32.38 ? 33  VAL A N   1 
ATOM   255  C  CA  . VAL A 1 34  ? -5.552  -0.679  10.748  1.00 30.40 ? 33  VAL A CA  1 
ATOM   256  C  C   . VAL A 1 34  ? -5.987  0.630   10.048  1.00 28.37 ? 33  VAL A C   1 
ATOM   257  O  O   . VAL A 1 34  ? -6.725  0.573   9.065   1.00 27.07 ? 33  VAL A O   1 
ATOM   258  C  CB  . VAL A 1 34  ? -4.068  -1.260  10.421  1.00 30.27 ? 33  VAL A CB  1 
ATOM   259  C  CG1 . VAL A 1 34  ? -3.876  -2.797  10.591  1.00 28.76 ? 33  VAL A CG1 1 
ATOM   260  C  CG2 . VAL A 1 34  ? -3.357  -0.619  9.355   1.00 26.75 ? 33  VAL A CG2 1 
ATOM   261  N  N   . HIS A 1 35  ? -5.556  1.758   10.634  1.00 26.83 ? 34  HIS A N   1 
ATOM   262  C  CA  . HIS A 1 35  ? -6.048  3.062   10.310  1.00 26.57 ? 34  HIS A CA  1 
ATOM   263  C  C   . HIS A 1 35  ? -4.931  3.623   9.482   1.00 27.80 ? 34  HIS A C   1 
ATOM   264  O  O   . HIS A 1 35  ? -3.793  3.730   9.987   1.00 27.75 ? 34  HIS A O   1 
ATOM   265  C  CB  . HIS A 1 35  ? -6.254  3.914   11.589  1.00 25.88 ? 34  HIS A CB  1 
ATOM   266  C  CG  . HIS A 1 35  ? -6.931  5.251   11.351  1.00 26.55 ? 34  HIS A CG  1 
ATOM   267  N  ND1 . HIS A 1 35  ? -6.819  6.309   12.227  1.00 31.82 ? 34  HIS A ND1 1 
ATOM   268  C  CD2 . HIS A 1 35  ? -7.673  5.710   10.323  1.00 23.03 ? 34  HIS A CD2 1 
ATOM   269  C  CE1 . HIS A 1 35  ? -7.513  7.344   11.778  1.00 31.38 ? 34  HIS A CE1 1 
ATOM   270  N  NE2 . HIS A 1 35  ? -7.986  7.024   10.596  1.00 33.13 ? 34  HIS A NE2 1 
ATOM   271  N  N   . VAL A 1 36  ? -5.179  3.856   8.196   1.00 26.32 ? 35  VAL A N   1 
ATOM   272  C  CA  . VAL A 1 36  ? -4.055  4.296   7.297   1.00 26.76 ? 35  VAL A CA  1 
ATOM   273  C  C   . VAL A 1 36  ? -4.292  5.794   6.967   1.00 27.81 ? 35  VAL A C   1 
ATOM   274  O  O   . VAL A 1 36  ? -5.361  6.162   6.459   1.00 28.79 ? 35  VAL A O   1 
ATOM   275  C  CB  . VAL A 1 36  ? -4.175  3.496   5.970   1.00 26.85 ? 35  VAL A CB  1 
ATOM   276  C  CG1 . VAL A 1 36  ? -3.184  3.957   4.926   1.00 27.84 ? 35  VAL A CG1 1 
ATOM   277  C  CG2 . VAL A 1 36  ? -4.116  1.913   6.189   1.00 23.68 ? 35  VAL A CG2 1 
ATOM   278  N  N   . GLN A 1 37  ? -3.340  6.635   7.238   1.00 28.75 ? 36  GLN A N   1 
ATOM   279  C  CA  . GLN A 1 37  ? -3.547  8.075   7.168   1.00 32.92 ? 36  GLN A CA  1 
ATOM   280  C  C   . GLN A 1 37  ? -2.265  8.694   6.643   1.00 35.38 ? 36  GLN A C   1 
ATOM   281  O  O   . GLN A 1 37  ? -1.177  8.435   7.179   1.00 36.35 ? 36  GLN A O   1 
ATOM   282  C  CB  . GLN A 1 37  ? -3.711  8.703   8.558   1.00 32.09 ? 36  GLN A CB  1 
ATOM   283  C  CG  . GLN A 1 37  ? -4.881  8.225   9.361   1.00 37.49 ? 36  GLN A CG  1 
ATOM   284  C  CD  . GLN A 1 37  ? -4.988  9.003   10.623  1.00 40.49 ? 36  GLN A CD  1 
ATOM   285  O  OE1 . GLN A 1 37  ? -4.432  8.586   11.619  1.00 44.29 ? 36  GLN A OE1 1 
ATOM   286  N  NE2 . GLN A 1 37  ? -5.666  10.187  10.578  1.00 36.69 ? 36  GLN A NE2 1 
ATOM   287  N  N   . GLY A 1 38  ? -2.361  9.517   5.629   1.00 37.10 ? 37  GLY A N   1 
ATOM   288  C  CA  . GLY A 1 38  ? -1.231  10.369  5.361   1.00 40.44 ? 37  GLY A CA  1 
ATOM   289  C  C   . GLY A 1 38  ? -1.559  11.458  4.363   1.00 42.66 ? 37  GLY A C   1 
ATOM   290  O  O   . GLY A 1 38  ? -2.734  11.797  4.087   1.00 42.70 ? 37  GLY A O   1 
ATOM   291  N  N   . GLY A 1 39  ? -0.527  12.024  3.779   1.00 44.35 ? 38  GLY A N   1 
ATOM   292  C  CA  . GLY A 1 39  ? -0.804  12.871  2.657   1.00 46.26 ? 38  GLY A CA  1 
ATOM   293  C  C   . GLY A 1 39  ? 0.407   12.947  1.821   1.00 48.23 ? 38  GLY A C   1 
ATOM   294  O  O   . GLY A 1 39  ? 1.547   13.064  2.353   1.00 46.37 ? 38  GLY A O   1 
ATOM   295  N  N   . ILE A 1 40  ? 0.136   12.938  0.513   1.00 49.93 ? 39  ILE A N   1 
ATOM   296  C  CA  . ILE A 1 40  ? 1.177   12.987  -0.484  1.00 51.87 ? 39  ILE A CA  1 
ATOM   297  C  C   . ILE A 1 40  ? 0.995   14.091  -1.551  1.00 53.24 ? 39  ILE A C   1 
ATOM   298  O  O   . ILE A 1 40  ? -0.069  14.228  -2.153  1.00 55.59 ? 39  ILE A O   1 
ATOM   299  C  CB  . ILE A 1 40  ? 1.410   11.554  -1.066  1.00 52.50 ? 39  ILE A CB  1 
ATOM   300  C  CG1 . ILE A 1 40  ? 0.201   10.862  -1.600  1.00 53.19 ? 39  ILE A CG1 1 
ATOM   301  C  CG2 . ILE A 1 40  ? 1.562   10.558  0.129   1.00 53.06 ? 39  ILE A CG2 1 
ATOM   302  C  CD1 . ILE A 1 40  ? 0.362   9.267   -1.388  1.00 47.96 ? 39  ILE A CD1 1 
ATOM   303  N  N   . THR A 1 41  ? 1.990   14.929  -1.746  1.00 53.42 ? 40  THR A N   1 
ATOM   304  C  CA  . THR A 1 41  ? 1.915   15.940  -2.862  1.00 53.79 ? 40  THR A CA  1 
ATOM   305  C  C   . THR A 1 41  ? 2.743   15.475  -4.012  1.00 52.17 ? 40  THR A C   1 
ATOM   306  O  O   . THR A 1 41  ? 3.803   14.894  -3.829  1.00 51.77 ? 40  THR A O   1 
ATOM   307  C  CB  . THR A 1 41  ? 2.521   17.336  -2.499  1.00 53.50 ? 40  THR A CB  1 
ATOM   308  O  OG1 . THR A 1 41  ? 3.952   17.221  -2.374  1.00 57.43 ? 40  THR A OG1 1 
ATOM   309  C  CG2 . THR A 1 41  ? 2.006   17.873  -1.181  1.00 55.09 ? 40  THR A CG2 1 
ATOM   310  N  N   . GLY A 1 42  ? 2.277   15.747  -5.216  1.00 52.28 ? 41  GLY A N   1 
ATOM   311  C  CA  . GLY A 1 42  ? 3.212   15.937  -6.326  1.00 48.57 ? 41  GLY A CA  1 
ATOM   312  C  C   . GLY A 1 42  ? 2.704   15.181  -7.485  1.00 48.47 ? 41  GLY A C   1 
ATOM   313  O  O   . GLY A 1 42  ? 3.468   14.909  -8.360  1.00 50.00 ? 41  GLY A O   1 
ATOM   314  N  N   . LEU A 1 43  ? 1.447   14.794  -7.522  1.00 48.96 ? 42  LEU A N   1 
ATOM   315  C  CA  . LEU A 1 43  ? 0.881   14.273  -8.769  1.00 52.07 ? 42  LEU A CA  1 
ATOM   316  C  C   . LEU A 1 43  ? -0.304  15.137  -9.286  1.00 53.22 ? 42  LEU A C   1 
ATOM   317  O  O   . LEU A 1 43  ? -0.959  15.802  -8.458  1.00 54.05 ? 42  LEU A O   1 
ATOM   318  C  CB  . LEU A 1 43  ? 0.442   12.832  -8.604  1.00 51.06 ? 42  LEU A CB  1 
ATOM   319  C  CG  . LEU A 1 43  ? 1.606   11.832  -8.727  1.00 56.67 ? 42  LEU A CG  1 
ATOM   320  C  CD1 . LEU A 1 43  ? 1.153   10.309  -8.987  1.00 51.45 ? 42  LEU A CD1 1 
ATOM   321  C  CD2 . LEU A 1 43  ? 2.629   12.359  -9.798  1.00 56.99 ? 42  LEU A CD2 1 
ATOM   322  N  N   . PRO A 1 44  ? -0.570  15.176  -10.640 1.00 54.81 ? 43  PRO A N   1 
ATOM   323  C  CA  . PRO A 1 44  ? -1.729  16.013  -11.095 1.00 54.71 ? 43  PRO A CA  1 
ATOM   324  C  C   . PRO A 1 44  ? -2.885  15.414  -10.393 1.00 54.30 ? 43  PRO A C   1 
ATOM   325  O  O   . PRO A 1 44  ? -2.698  14.341  -9.839  1.00 53.84 ? 43  PRO A O   1 
ATOM   326  C  CB  . PRO A 1 44  ? -1.863  15.691  -12.619 1.00 54.12 ? 43  PRO A CB  1 
ATOM   327  C  CG  . PRO A 1 44  ? -1.109  14.420  -12.820 1.00 55.92 ? 43  PRO A CG  1 
ATOM   328  C  CD  . PRO A 1 44  ? 0.078   14.547  -11.807 1.00 54.66 ? 43  PRO A CD  1 
ATOM   329  N  N   . PRO A 1 45  ? -4.050  16.100  -10.386 1.00 54.11 ? 44  PRO A N   1 
ATOM   330  C  CA  . PRO A 1 45  ? -5.336  15.461  -10.020 1.00 53.69 ? 44  PRO A CA  1 
ATOM   331  C  C   . PRO A 1 45  ? -5.711  14.147  -10.756 1.00 53.51 ? 44  PRO A C   1 
ATOM   332  O  O   . PRO A 1 45  ? -5.555  13.985  -11.951 1.00 52.97 ? 44  PRO A O   1 
ATOM   333  C  CB  . PRO A 1 45  ? -6.385  16.599  -10.186 1.00 53.70 ? 44  PRO A CB  1 
ATOM   334  C  CG  . PRO A 1 45  ? -5.624  17.641  -11.035 1.00 53.06 ? 44  PRO A CG  1 
ATOM   335  C  CD  . PRO A 1 45  ? -4.207  17.545  -10.665 1.00 53.34 ? 44  PRO A CD  1 
ATOM   336  N  N   . GLY A 1 46  ? -6.177  13.185  -9.973  1.00 53.55 ? 45  GLY A N   1 
ATOM   337  C  CA  . GLY A 1 46  ? -6.643  11.923  -10.522 1.00 51.32 ? 45  GLY A CA  1 
ATOM   338  C  C   . GLY A 1 46  ? -6.527  10.833  -9.461  1.00 49.81 ? 45  GLY A C   1 
ATOM   339  O  O   . GLY A 1 46  ? -6.077  11.085  -8.326  1.00 48.22 ? 45  GLY A O   1 
ATOM   340  N  N   . GLU A 1 47  ? -7.016  9.660   -9.847  1.00 48.80 ? 46  GLU A N   1 
ATOM   341  C  CA  . GLU A 1 47  ? -6.810  8.416   -9.166  1.00 49.75 ? 46  GLU A CA  1 
ATOM   342  C  C   . GLU A 1 47  ? -5.481  7.685   -9.503  1.00 51.24 ? 46  GLU A C   1 
ATOM   343  O  O   . GLU A 1 47  ? -5.186  7.503   -10.700 1.00 53.75 ? 46  GLU A O   1 
ATOM   344  C  CB  . GLU A 1 47  ? -7.930  7.517   -9.557  1.00 48.50 ? 46  GLU A CB  1 
ATOM   345  C  CG  . GLU A 1 47  ? -9.188  7.945   -8.950  1.00 51.36 ? 46  GLU A CG  1 
ATOM   346  C  CD  . GLU A 1 47  ? -10.234 6.884   -9.041  1.00 57.25 ? 46  GLU A CD  1 
ATOM   347  O  OE1 . GLU A 1 47  ? -10.295 6.151   -10.105 1.00 61.06 ? 46  GLU A OE1 1 
ATOM   348  O  OE2 . GLU A 1 47  ? -10.939 6.756   -8.018  1.00 54.82 ? 46  GLU A OE2 1 
ATOM   349  N  N   . TYR A 1 48  ? -4.709  7.247   -8.476  1.00 49.96 ? 47  TYR A N   1 
ATOM   350  C  CA  . TYR A 1 48  ? -3.573  6.233   -8.631  1.00 48.27 ? 47  TYR A CA  1 
ATOM   351  C  C   . TYR A 1 48  ? -3.575  4.950   -7.673  1.00 47.13 ? 47  TYR A C   1 
ATOM   352  O  O   . TYR A 1 48  ? -3.971  5.021   -6.469  1.00 43.52 ? 47  TYR A O   1 
ATOM   353  C  CB  . TYR A 1 48  ? -2.247  6.940   -8.510  1.00 49.85 ? 47  TYR A CB  1 
ATOM   354  C  CG  . TYR A 1 48  ? -2.252  8.235   -9.258  1.00 53.99 ? 47  TYR A CG  1 
ATOM   355  C  CD1 . TYR A 1 48  ? -3.102  9.302   -8.862  1.00 54.54 ? 47  TYR A CD1 1 
ATOM   356  C  CD2 . TYR A 1 48  ? -1.416  8.436   -10.378 1.00 55.39 ? 47  TYR A CD2 1 
ATOM   357  C  CE1 . TYR A 1 48  ? -3.095  10.537  -9.555  1.00 53.50 ? 47  TYR A CE1 1 
ATOM   358  C  CE2 . TYR A 1 48  ? -1.426  9.696   -11.110 1.00 56.43 ? 47  TYR A CE2 1 
ATOM   359  C  CZ  . TYR A 1 48  ? -2.265  10.729  -10.670 1.00 54.12 ? 47  TYR A CZ  1 
ATOM   360  O  OH  . TYR A 1 48  ? -2.284  11.932  -11.334 1.00 58.12 ? 47  TYR A OH  1 
ATOM   361  N  N   . GLY A 1 49  ? -3.175  3.809   -8.256  1.00 44.18 ? 48  GLY A N   1 
ATOM   362  C  CA  . GLY A 1 49  ? -3.071  2.474   -7.582  1.00 42.19 ? 48  GLY A CA  1 
ATOM   363  C  C   . GLY A 1 49  ? -2.129  2.606   -6.404  1.00 40.19 ? 48  GLY A C   1 
ATOM   364  O  O   . GLY A 1 49  ? -1.058  3.217   -6.529  1.00 40.89 ? 48  GLY A O   1 
ATOM   365  N  N   . PHE A 1 50  ? -2.586  2.138   -5.242  1.00 37.43 ? 49  PHE A N   1 
ATOM   366  C  CA  . PHE A 1 50  ? -1.862  2.274   -3.990  1.00 36.53 ? 49  PHE A CA  1 
ATOM   367  C  C   . PHE A 1 50  ? -1.830  0.934   -3.326  1.00 35.92 ? 49  PHE A C   1 
ATOM   368  O  O   . PHE A 1 50  ? -2.883  0.401   -2.961  1.00 35.73 ? 49  PHE A O   1 
ATOM   369  C  CB  . PHE A 1 50  ? -2.596  3.207   -3.114  1.00 34.23 ? 49  PHE A CB  1 
ATOM   370  C  CG  . PHE A 1 50  ? -1.890  3.541   -1.871  1.00 36.73 ? 49  PHE A CG  1 
ATOM   371  C  CD1 . PHE A 1 50  ? -2.458  3.207   -0.644  1.00 39.47 ? 49  PHE A CD1 1 
ATOM   372  C  CD2 . PHE A 1 50  ? -0.727  4.253   -1.889  1.00 32.00 ? 49  PHE A CD2 1 
ATOM   373  C  CE1 . PHE A 1 50  ? -1.882  3.537   0.508   1.00 36.69 ? 49  PHE A CE1 1 
ATOM   374  C  CE2 . PHE A 1 50  ? -0.156  4.591   -0.708  1.00 40.30 ? 49  PHE A CE2 1 
ATOM   375  C  CZ  . PHE A 1 50  ? -0.754  4.210   0.512   1.00 39.09 ? 49  PHE A CZ  1 
ATOM   376  N  N   . HIS A 1 51  ? -0.650  0.314   -3.239  1.00 37.35 ? 50  HIS A N   1 
ATOM   377  C  CA  . HIS A 1 51  ? -0.654  -1.062  -2.677  1.00 37.93 ? 50  HIS A CA  1 
ATOM   378  C  C   . HIS A 1 51  ? 0.459   -1.414  -1.737  1.00 36.08 ? 50  HIS A C   1 
ATOM   379  O  O   . HIS A 1 51  ? 1.540   -0.835  -1.803  1.00 35.52 ? 50  HIS A O   1 
ATOM   380  C  CB  . HIS A 1 51  ? -0.642  -2.226  -3.656  1.00 38.91 ? 50  HIS A CB  1 
ATOM   381  C  CG  . HIS A 1 51  ? -1.176  -1.970  -5.014  1.00 43.51 ? 50  HIS A CG  1 
ATOM   382  N  ND1 . HIS A 1 51  ? -0.303  -1.795  -6.050  1.00 48.07 ? 50  HIS A ND1 1 
ATOM   383  C  CD2 . HIS A 1 51  ? -2.426  -1.980  -5.555  1.00 44.71 ? 50  HIS A CD2 1 
ATOM   384  C  CE1 . HIS A 1 51  ? -0.956  -1.704  -7.180  1.00 48.31 ? 50  HIS A CE1 1 
ATOM   385  N  NE2 . HIS A 1 51  ? -2.261  -1.763  -6.902  1.00 49.69 ? 50  HIS A NE2 1 
ATOM   386  N  N   . VAL A 1 52  ? 0.235   -2.461  -0.944  1.00 33.17 ? 51  VAL A N   1 
ATOM   387  C  CA  . VAL A 1 52  ? 1.448   -3.038  -0.320  1.00 30.79 ? 51  VAL A CA  1 
ATOM   388  C  C   . VAL A 1 52  ? 2.009   -4.213  -1.150  1.00 30.06 ? 51  VAL A C   1 
ATOM   389  O  O   . VAL A 1 52  ? 1.303   -5.152  -1.481  1.00 29.68 ? 51  VAL A O   1 
ATOM   390  C  CB  . VAL A 1 52  ? 1.436   -3.116  1.300   1.00 32.17 ? 51  VAL A CB  1 
ATOM   391  C  CG1 . VAL A 1 52  ? 0.179   -2.880  1.835   1.00 30.51 ? 51  VAL A CG1 1 
ATOM   392  C  CG2 . VAL A 1 52  ? 2.170   -4.337  1.910   1.00 20.62 ? 51  VAL A CG2 1 
ATOM   393  N  N   . HIS A 1 53  ? 3.216   -4.026  -1.600  1.00 29.13 ? 52  HIS A N   1 
ATOM   394  C  CA  . HIS A 1 53  ? 3.986   -5.039  -2.273  1.00 32.68 ? 52  HIS A CA  1 
ATOM   395  C  C   . HIS A 1 53  ? 4.808   -5.943  -1.246  1.00 32.75 ? 52  HIS A C   1 
ATOM   396  O  O   . HIS A 1 53  ? 5.041   -5.555  -0.123  1.00 33.42 ? 52  HIS A O   1 
ATOM   397  C  CB  . HIS A 1 53  ? 4.834   -4.398  -3.360  1.00 29.68 ? 52  HIS A CB  1 
ATOM   398  C  CG  . HIS A 1 53  ? 4.013   -3.922  -4.570  1.00 42.40 ? 52  HIS A CG  1 
ATOM   399  N  ND1 . HIS A 1 53  ? 4.265   -4.353  -5.867  1.00 47.15 ? 52  HIS A ND1 1 
ATOM   400  C  CD2 . HIS A 1 53  ? 2.898   -3.139  -4.664  1.00 39.22 ? 52  HIS A CD2 1 
ATOM   401  C  CE1 . HIS A 1 53  ? 3.384   -3.833  -6.701  1.00 45.32 ? 52  HIS A CE1 1 
ATOM   402  N  NE2 . HIS A 1 53  ? 2.562   -3.054  -6.007  1.00 49.83 ? 52  HIS A NE2 1 
ATOM   403  N  N   . GLU A 1 54  ? 5.186   -7.152  -1.655  1.00 33.57 ? 53  GLU A N   1 
ATOM   404  C  CA  . GLU A 1 54  ? 5.581   -8.195  -0.780  1.00 31.14 ? 53  GLU A CA  1 
ATOM   405  C  C   . GLU A 1 54  ? 6.873   -7.903  -0.081  1.00 31.26 ? 53  GLU A C   1 
ATOM   406  O  O   . GLU A 1 54  ? 6.976   -8.228  1.111   1.00 29.62 ? 53  GLU A O   1 
ATOM   407  C  CB  . GLU A 1 54  ? 5.727   -9.488  -1.554  1.00 31.39 ? 53  GLU A CB  1 
ATOM   408  C  CG  . GLU A 1 54  ? 6.186   -10.678 -0.505  1.00 32.61 ? 53  GLU A CG  1 
ATOM   409  C  CD  . GLU A 1 54  ? 6.367   -12.080 -1.173  1.00 34.02 ? 53  GLU A CD  1 
ATOM   410  O  OE1 . GLU A 1 54  ? 6.222   -13.176 -0.503  1.00 40.55 ? 53  GLU A OE1 1 
ATOM   411  O  OE2 . GLU A 1 54  ? 6.521   -12.122 -2.394  1.00 41.12 ? 53  GLU A OE2 1 
ATOM   412  N  N   . LYS A 1 55  ? 7.855   -7.340  -0.818  1.00 29.56 ? 54  LYS A N   1 
ATOM   413  C  CA  . LYS A 1 55  ? 9.263   -7.199  -0.310  1.00 29.33 ? 54  LYS A CA  1 
ATOM   414  C  C   . LYS A 1 55  ? 9.600   -5.759  0.053   1.00 30.36 ? 54  LYS A C   1 
ATOM   415  O  O   . LYS A 1 55  ? 9.216   -4.830  -0.611  1.00 28.97 ? 54  LYS A O   1 
ATOM   416  C  CB  . LYS A 1 55  ? 10.316  -7.661  -1.367  1.00 29.09 ? 54  LYS A CB  1 
ATOM   417  C  CG  . LYS A 1 55  ? 10.151  -9.097  -1.931  1.00 26.06 ? 54  LYS A CG  1 
ATOM   418  C  CD  . LYS A 1 55  ? 10.172  -10.038 -0.738  1.00 30.21 ? 54  LYS A CD  1 
ATOM   419  C  CE  . LYS A 1 55  ? 10.347  -11.589 -1.115  1.00 35.36 ? 54  LYS A CE  1 
ATOM   420  N  NZ  . LYS A 1 55  ? 9.988   -12.309 0.245   1.00 38.43 ? 54  LYS A NZ  1 
ATOM   421  N  N   . GLY A 1 56  ? 10.271  -5.546  1.157   1.00 32.63 ? 55  GLY A N   1 
ATOM   422  C  CA  . GLY A 1 56  ? 10.832  -4.198  1.421   1.00 31.74 ? 55  GLY A CA  1 
ATOM   423  C  C   . GLY A 1 56  ? 12.153  -4.086  0.739   1.00 31.18 ? 55  GLY A C   1 
ATOM   424  O  O   . GLY A 1 56  ? 13.123  -3.583  1.350   1.00 30.38 ? 55  GLY A O   1 
ATOM   425  N  N   . ASP A 1 57  ? 12.203  -4.527  -0.529  1.00 32.15 ? 56  ASP A N   1 
ATOM   426  C  CA  . ASP A 1 57  ? 13.502  -4.487  -1.260  1.00 35.61 ? 56  ASP A CA  1 
ATOM   427  C  C   . ASP A 1 57  ? 13.666  -3.375  -2.323  1.00 38.55 ? 56  ASP A C   1 
ATOM   428  O  O   . ASP A 1 57  ? 13.121  -3.493  -3.443  1.00 41.93 ? 56  ASP A O   1 
ATOM   429  C  CB  . ASP A 1 57  ? 13.813  -5.834  -1.926  1.00 34.09 ? 56  ASP A CB  1 
ATOM   430  C  CG  . ASP A 1 57  ? 15.248  -5.852  -2.630  1.00 35.58 ? 56  ASP A CG  1 
ATOM   431  O  OD1 . ASP A 1 57  ? 16.026  -4.842  -2.651  1.00 34.33 ? 56  ASP A OD1 1 
ATOM   432  O  OD2 . ASP A 1 57  ? 15.609  -6.919  -3.115  1.00 37.11 ? 56  ASP A OD2 1 
ATOM   433  N  N   . LEU A 1 58  ? 14.407  -2.348  -2.003  1.00 38.89 ? 57  LEU A N   1 
ATOM   434  C  CA  . LEU A 1 58  ? 14.608  -1.231  -2.926  1.00 40.98 ? 57  LEU A CA  1 
ATOM   435  C  C   . LEU A 1 58  ? 15.938  -1.280  -3.754  1.00 42.68 ? 57  LEU A C   1 
ATOM   436  O  O   . LEU A 1 58  ? 16.341  -0.258  -4.437  1.00 42.98 ? 57  LEU A O   1 
ATOM   437  C  CB  . LEU A 1 58  ? 14.532  0.078   -2.121  1.00 40.23 ? 57  LEU A CB  1 
ATOM   438  C  CG  . LEU A 1 58  ? 13.079  0.646   -1.974  1.00 43.50 ? 57  LEU A CG  1 
ATOM   439  C  CD1 . LEU A 1 58  ? 11.840  -0.297  -2.224  1.00 40.64 ? 57  LEU A CD1 1 
ATOM   440  C  CD2 . LEU A 1 58  ? 12.773  1.501   -0.763  1.00 40.78 ? 57  LEU A CD2 1 
ATOM   441  N  N   . SER A 1 59  ? 16.649  -2.423  -3.701  1.00 43.03 ? 58  SER A N   1 
ATOM   442  C  CA  . SER A 1 59  ? 17.950  -2.530  -4.364  1.00 43.58 ? 58  SER A CA  1 
ATOM   443  C  C   . SER A 1 59  ? 17.744  -2.312  -5.923  1.00 44.38 ? 58  SER A C   1 
ATOM   444  O  O   . SER A 1 59  ? 18.656  -1.823  -6.619  1.00 43.57 ? 58  SER A O   1 
ATOM   445  C  CB  . SER A 1 59  ? 18.627  -3.858  -4.062  1.00 43.13 ? 58  SER A CB  1 
ATOM   446  O  OG  . SER A 1 59  ? 17.810  -4.980  -4.401  1.00 44.94 ? 58  SER A OG  1 
ATOM   447  N  N   . GLY A 1 60  ? 16.538  -2.639  -6.414  1.00 44.48 ? 59  GLY A N   1 
ATOM   448  C  CA  . GLY A 1 60  ? 16.193  -2.578  -7.863  1.00 44.31 ? 59  GLY A CA  1 
ATOM   449  C  C   . GLY A 1 60  ? 15.164  -1.462  -8.069  1.00 44.30 ? 59  GLY A C   1 
ATOM   450  O  O   . GLY A 1 60  ? 14.350  -1.559  -8.941  1.00 42.67 ? 59  GLY A O   1 
ATOM   451  N  N   . GLY A 1 61  ? 15.234  -0.404  -7.230  1.00 45.28 ? 60  GLY A N   1 
ATOM   452  C  CA  . GLY A 1 61  ? 14.111  0.566   -6.974  1.00 44.79 ? 60  GLY A CA  1 
ATOM   453  C  C   . GLY A 1 61  ? 12.820  -0.207  -6.758  1.00 44.55 ? 60  GLY A C   1 
ATOM   454  O  O   . GLY A 1 61  ? 12.852  -1.401  -6.449  1.00 46.28 ? 60  GLY A O   1 
ATOM   455  N  N   . CYS A 1 62  ? 11.689  0.445   -6.979  1.00 42.74 ? 61  CYS A N   1 
ATOM   456  C  CA  . CYS A 1 62  ? 10.357  -0.165  -6.873  1.00 41.95 ? 61  CYS A CA  1 
ATOM   457  C  C   . CYS A 1 62  ? 10.104  -1.491  -7.477  1.00 41.88 ? 61  CYS A C   1 
ATOM   458  O  O   . CYS A 1 62  ? 9.160   -2.257  -7.054  1.00 42.42 ? 61  CYS A O   1 
ATOM   459  C  CB  . CYS A 1 62  ? 9.284   0.845   -7.390  1.00 42.51 ? 61  CYS A CB  1 
ATOM   460  S  SG  . CYS A 1 62  ? 9.397   2.391   -6.486  1.00 44.93 ? 61  CYS A SG  1 
ATOM   461  N  N   . LEU A 1 63  ? 10.896  -1.804  -8.488  1.00 42.45 ? 62  LEU A N   1 
ATOM   462  C  CA  . LEU A 1 63  ? 10.823  -3.149  -9.102  1.00 41.65 ? 62  LEU A CA  1 
ATOM   463  C  C   . LEU A 1 63  ? 11.163  -4.238  -8.094  1.00 39.93 ? 62  LEU A C   1 
ATOM   464  O  O   . LEU A 1 63  ? 10.521  -5.294  -8.051  1.00 40.43 ? 62  LEU A O   1 
ATOM   465  C  CB  . LEU A 1 63  ? 11.752  -3.259  -10.360 1.00 43.30 ? 62  LEU A CB  1 
ATOM   466  C  CG  . LEU A 1 63  ? 11.190  -3.971  -11.630 1.00 47.63 ? 62  LEU A CG  1 
ATOM   467  C  CD1 . LEU A 1 63  ? 10.816  -5.449  -11.449 1.00 52.42 ? 62  LEU A CD1 1 
ATOM   468  C  CD2 . LEU A 1 63  ? 9.930   -3.233  -12.236 1.00 50.60 ? 62  LEU A CD2 1 
ATOM   469  N  N   . SER A 1 64  ? 12.169  -4.020  -7.254  1.00 38.72 ? 63  SER A N   1 
ATOM   470  C  CA  . SER A 1 64  ? 12.487  -5.110  -6.324  1.00 36.94 ? 63  SER A CA  1 
ATOM   471  C  C   . SER A 1 64  ? 11.405  -5.333  -5.191  1.00 37.54 ? 63  SER A C   1 
ATOM   472  O  O   . SER A 1 64  ? 11.518  -6.269  -4.440  1.00 37.25 ? 63  SER A O   1 
ATOM   473  C  CB  . SER A 1 64  ? 13.899  -4.961  -5.778  1.00 36.88 ? 63  SER A CB  1 
ATOM   474  O  OG  . SER A 1 64  ? 14.292  -3.624  -5.767  1.00 37.22 ? 63  SER A OG  1 
ATOM   475  N  N   . THR A 1 65  ? 10.338  -4.528  -5.099  1.00 35.67 ? 64  THR A N   1 
ATOM   476  C  CA  . THR A 1 65  ? 9.368   -4.767  -3.998  1.00 34.66 ? 64  THR A CA  1 
ATOM   477  C  C   . THR A 1 65  ? 8.497   -5.903  -4.450  1.00 35.42 ? 64  THR A C   1 
ATOM   478  O  O   . THR A 1 65  ? 7.639   -6.285  -3.705  1.00 34.56 ? 64  THR A O   1 
ATOM   479  C  CB  . THR A 1 65  ? 8.542   -3.530  -3.637  1.00 33.88 ? 64  THR A CB  1 
ATOM   480  O  OG1 . THR A 1 65  ? 7.657   -3.199  -4.724  1.00 30.74 ? 64  THR A OG1 1 
ATOM   481  C  CG2 . THR A 1 65  ? 9.472   -2.357  -3.379  1.00 29.40 ? 64  THR A CG2 1 
ATOM   482  N  N   . GLY A 1 66  ? 8.769   -6.431  -5.675  1.00 34.23 ? 65  GLY A N   1 
ATOM   483  C  CA  . GLY A 1 66  ? 8.006   -7.572  -6.234  1.00 34.70 ? 65  GLY A CA  1 
ATOM   484  C  C   . GLY A 1 66  ? 6.509   -7.367  -6.435  1.00 33.67 ? 65  GLY A C   1 
ATOM   485  O  O   . GLY A 1 66  ? 6.071   -6.277  -6.735  1.00 34.72 ? 65  GLY A O   1 
ATOM   486  N  N   . SER A 1 67  ? 5.736   -8.402  -6.249  1.00 31.98 ? 66  SER A N   1 
ATOM   487  C  CA  . SER A 1 67  ? 4.362   -8.368  -6.508  1.00 35.26 ? 66  SER A CA  1 
ATOM   488  C  C   . SER A 1 67  ? 3.463   -8.019  -5.241  1.00 36.40 ? 66  SER A C   1 
ATOM   489  O  O   . SER A 1 67  ? 4.007   -7.697  -4.178  1.00 39.49 ? 66  SER A O   1 
ATOM   490  C  CB  . SER A 1 67  ? 4.010   -9.687  -7.242  1.00 34.85 ? 66  SER A CB  1 
ATOM   491  O  OG  . SER A 1 67  ? 3.645   -10.717 -6.351  1.00 35.91 ? 66  SER A OG  1 
ATOM   492  N  N   . HIS A 1 68  ? 2.126   -8.043  -5.352  1.00 36.16 ? 67  HIS A N   1 
ATOM   493  C  CA  . HIS A 1 68  ? 1.211   -7.525  -4.303  1.00 36.50 ? 67  HIS A CA  1 
ATOM   494  C  C   . HIS A 1 68  ? 1.243   -8.509  -3.075  1.00 36.66 ? 67  HIS A C   1 
ATOM   495  O  O   . HIS A 1 68  ? 1.131   -9.753  -3.217  1.00 35.10 ? 67  HIS A O   1 
ATOM   496  C  CB  . HIS A 1 68  ? -0.254  -7.324  -4.863  1.00 37.20 ? 67  HIS A CB  1 
ATOM   497  C  CG  . HIS A 1 68  ? -0.379  -6.203  -5.848  1.00 35.13 ? 67  HIS A CG  1 
ATOM   498  N  ND1 . HIS A 1 68  ? -1.581  -5.883  -6.459  1.00 31.26 ? 67  HIS A ND1 1 
ATOM   499  C  CD2 . HIS A 1 68  ? 0.574   -5.333  -6.331  1.00 37.91 ? 67  HIS A CD2 1 
ATOM   500  C  CE1 . HIS A 1 68  ? -1.339  -4.813  -7.253  1.00 46.57 ? 67  HIS A CE1 1 
ATOM   501  N  NE2 . HIS A 1 68  ? -0.054  -4.392  -7.144  1.00 44.64 ? 67  HIS A NE2 1 
ATOM   502  N  N   . PHE A 1 69  ? 1.390   -7.947  -1.883  1.00 35.68 ? 68  PHE A N   1 
ATOM   503  C  CA  . PHE A 1 69  ? 1.460   -8.771  -0.686  1.00 35.73 ? 68  PHE A CA  1 
ATOM   504  C  C   . PHE A 1 69  ? 0.186   -9.670  -0.695  1.00 35.95 ? 68  PHE A C   1 
ATOM   505  O  O   . PHE A 1 69  ? -0.975  -9.208  -0.734  1.00 35.27 ? 68  PHE A O   1 
ATOM   506  C  CB  . PHE A 1 69  ? 1.620   -7.931  0.569   1.00 34.59 ? 68  PHE A CB  1 
ATOM   507  C  CG  . PHE A 1 69  ? 1.679   -8.747  1.804   1.00 37.42 ? 68  PHE A CG  1 
ATOM   508  C  CD1 . PHE A 1 69  ? 2.435   -9.947  1.821   1.00 35.73 ? 68  PHE A CD1 1 
ATOM   509  C  CD2 . PHE A 1 69  ? 0.973   -8.367  2.958   1.00 32.89 ? 68  PHE A CD2 1 
ATOM   510  C  CE1 . PHE A 1 69  ? 2.514   -10.724 2.950   1.00 29.31 ? 68  PHE A CE1 1 
ATOM   511  C  CE2 . PHE A 1 69  ? 1.072   -9.132  4.156   1.00 33.58 ? 68  PHE A CE2 1 
ATOM   512  C  CZ  . PHE A 1 69  ? 1.869   -10.321 4.154   1.00 33.52 ? 68  PHE A CZ  1 
ATOM   513  N  N   . ASN A 1 70  ? 0.418   -10.961 -0.806  1.00 34.52 ? 69  ASN A N   1 
ATOM   514  C  CA  . ASN A 1 70  ? -0.721  -11.925 -1.028  1.00 33.92 ? 69  ASN A CA  1 
ATOM   515  C  C   . ASN A 1 70  ? -0.623  -13.235 -0.193  1.00 33.52 ? 69  ASN A C   1 
ATOM   516  O  O   . ASN A 1 70  ? -0.668  -14.293 -0.744  1.00 34.45 ? 69  ASN A O   1 
ATOM   517  C  CB  . ASN A 1 70  ? -0.854  -12.203 -2.562  1.00 32.73 ? 69  ASN A CB  1 
ATOM   518  C  CG  . ASN A 1 70  ? -2.046  -13.035 -2.925  1.00 33.97 ? 69  ASN A CG  1 
ATOM   519  O  OD1 . ASN A 1 70  ? -2.047  -13.629 -3.985  1.00 35.74 ? 69  ASN A OD1 1 
ATOM   520  N  ND2 . ASN A 1 70  ? -3.025  -13.166 -2.037  1.00 23.02 ? 69  ASN A ND2 1 
ATOM   521  N  N   . PRO A 1 71  ? -0.572  -13.160 1.171   1.00 32.65 ? 70  PRO A N   1 
ATOM   522  C  CA  . PRO A 1 71  ? -0.377  -14.466 1.791   1.00 33.49 ? 70  PRO A CA  1 
ATOM   523  C  C   . PRO A 1 71  ? -1.565  -15.433 1.724   1.00 35.52 ? 70  PRO A C   1 
ATOM   524  O  O   . PRO A 1 71  ? -1.415  -16.689 2.122   1.00 34.14 ? 70  PRO A O   1 
ATOM   525  C  CB  . PRO A 1 71  ? -0.118  -14.101 3.277   1.00 33.59 ? 70  PRO A CB  1 
ATOM   526  C  CG  . PRO A 1 71  ? -1.100  -12.756 3.453   1.00 29.60 ? 70  PRO A CG  1 
ATOM   527  C  CD  . PRO A 1 71  ? -0.691  -12.053 2.160   1.00 31.64 ? 70  PRO A CD  1 
ATOM   528  N  N   . GLU A 1 72  ? -2.739  -14.904 1.348   1.00 34.74 ? 71  GLU A N   1 
ATOM   529  C  CA  . GLU A 1 72  ? -4.001  -15.737 1.507   1.00 36.40 ? 71  GLU A CA  1 
ATOM   530  C  C   . GLU A 1 72  ? -4.145  -16.423 0.025   1.00 37.99 ? 71  GLU A C   1 
ATOM   531  O  O   . GLU A 1 72  ? -5.064  -17.238 -0.269  1.00 40.37 ? 71  GLU A O   1 
ATOM   532  C  CB  . GLU A 1 72  ? -5.244  -14.925 2.278   1.00 33.27 ? 71  GLU A CB  1 
ATOM   533  C  CG  . GLU A 1 72  ? -6.053  -15.221 3.928   1.00 32.43 ? 71  GLU A CG  1 
ATOM   534  C  CD  . GLU A 1 72  ? -5.189  -14.967 5.377   1.00 38.73 ? 71  GLU A CD  1 
ATOM   535  O  OE1 . GLU A 1 72  ? -3.927  -15.191 5.376   1.00 49.41 ? 71  GLU A OE1 1 
ATOM   536  O  OE2 . GLU A 1 72  ? -5.552  -14.538 6.510   1.00 8.11  ? 71  GLU A OE2 1 
ATOM   537  N  N   . HIS A 1 73  ? -3.209  -16.147 -0.898  1.00 37.58 ? 72  HIS A N   1 
ATOM   538  C  CA  . HIS A 1 73  ? -3.222  -16.802 -2.248  1.00 40.12 ? 72  HIS A CA  1 
ATOM   539  C  C   . HIS A 1 73  ? -4.504  -16.441 -3.129  1.00 43.42 ? 72  HIS A C   1 
ATOM   540  O  O   . HIS A 1 73  ? -4.883  -17.138 -4.069  1.00 44.45 ? 72  HIS A O   1 
ATOM   541  C  CB  . HIS A 1 73  ? -2.946  -18.396 -2.258  1.00 39.27 ? 72  HIS A CB  1 
ATOM   542  C  CG  . HIS A 1 73  ? -1.878  -18.885 -1.327  1.00 33.71 ? 72  HIS A CG  1 
ATOM   543  N  ND1 . HIS A 1 73  ? -0.540  -18.657 -1.550  1.00 29.39 ? 72  HIS A ND1 1 
ATOM   544  C  CD2 . HIS A 1 73  ? -1.952  -19.564 -0.139  1.00 37.86 ? 72  HIS A CD2 1 
ATOM   545  C  CE1 . HIS A 1 73  ? 0.173   -19.204 -0.560  1.00 38.38 ? 72  HIS A CE1 1 
ATOM   546  N  NE2 . HIS A 1 73  ? -0.653  -19.755 0.321   1.00 34.30 ? 72  HIS A NE2 1 
ATOM   547  N  N   . LYS A 1 74  ? -5.097  -15.282 -2.872  1.00 44.25 ? 73  LYS A N   1 
ATOM   548  C  CA  . LYS A 1 74  ? -6.334  -14.855 -3.516  1.00 41.91 ? 73  LYS A CA  1 
ATOM   549  C  C   . LYS A 1 74  ? -5.910  -14.108 -4.728  1.00 41.57 ? 73  LYS A C   1 
ATOM   550  O  O   . LYS A 1 74  ? -4.727  -13.963 -4.926  1.00 43.40 ? 73  LYS A O   1 
ATOM   551  C  CB  . LYS A 1 74  ? -7.157  -14.015 -2.493  1.00 39.71 ? 73  LYS A CB  1 
ATOM   552  C  CG  . LYS A 1 74  ? -7.760  -14.913 -1.317  1.00 36.18 ? 73  LYS A CG  1 
ATOM   553  C  CD  . LYS A 1 74  ? -8.821  -14.108 -0.647  1.00 39.04 ? 73  LYS A CD  1 
ATOM   554  C  CE  . LYS A 1 74  ? -9.177  -14.566 0.793   1.00 38.48 ? 73  LYS A CE  1 
ATOM   555  N  NZ  . LYS A 1 74  ? -9.737  -15.913 1.012   1.00 37.31 ? 73  LYS A NZ  1 
ATOM   556  N  N   . ASP A 1 75  ? -6.887  -13.660 -5.533  1.00 42.81 ? 74  ASP A N   1 
ATOM   557  C  CA  . ASP A 1 75  ? -6.769  -12.687 -6.675  1.00 41.29 ? 74  ASP A CA  1 
ATOM   558  C  C   . ASP A 1 75  ? -6.802  -11.209 -6.338  1.00 40.87 ? 74  ASP A C   1 
ATOM   559  O  O   . ASP A 1 75  ? -7.239  -10.828 -5.248  1.00 40.05 ? 74  ASP A O   1 
ATOM   560  C  CB  . ASP A 1 75  ? -7.906  -12.927 -7.665  1.00 42.44 ? 74  ASP A CB  1 
ATOM   561  C  CG  . ASP A 1 75  ? -7.927  -14.374 -8.165  1.00 43.80 ? 74  ASP A CG  1 
ATOM   562  O  OD1 . ASP A 1 75  ? -8.922  -15.107 -7.834  1.00 39.75 ? 74  ASP A OD1 1 
ATOM   563  O  OD2 . ASP A 1 75  ? -6.856  -14.779 -8.713  1.00 44.27 ? 74  ASP A OD2 1 
ATOM   564  N  N   . HIS A 1 76  ? -6.318  -10.395 -7.282  1.00 40.19 ? 75  HIS A N   1 
ATOM   565  C  CA  . HIS A 1 76  ? -6.459  -8.977  -7.157  1.00 42.68 ? 75  HIS A CA  1 
ATOM   566  C  C   . HIS A 1 76  ? -7.924  -8.493  -7.017  1.00 43.36 ? 75  HIS A C   1 
ATOM   567  O  O   . HIS A 1 76  ? -8.843  -9.141  -7.500  1.00 45.23 ? 75  HIS A O   1 
ATOM   568  C  CB  . HIS A 1 76  ? -5.729  -8.213  -8.261  1.00 43.64 ? 75  HIS A CB  1 
ATOM   569  C  CG  . HIS A 1 76  ? -5.704  -6.746  -8.013  1.00 42.74 ? 75  HIS A CG  1 
ATOM   570  N  ND1 . HIS A 1 76  ? -4.901  -6.177  -7.050  1.00 48.72 ? 75  HIS A ND1 1 
ATOM   571  C  CD2 . HIS A 1 76  ? -6.437  -5.737  -8.541  1.00 47.14 ? 75  HIS A CD2 1 
ATOM   572  C  CE1 . HIS A 1 76  ? -5.109  -4.864  -7.032  1.00 47.43 ? 75  HIS A CE1 1 
ATOM   573  N  NE2 . HIS A 1 76  ? -6.034  -4.574  -7.932  1.00 48.12 ? 75  HIS A NE2 1 
ATOM   574  N  N   . GLY A 1 77  ? -8.149  -7.428  -6.257  1.00 42.79 ? 76  GLY A N   1 
ATOM   575  C  CA  . GLY A 1 77  ? -9.493  -7.166  -5.808  1.00 41.20 ? 76  GLY A CA  1 
ATOM   576  C  C   . GLY A 1 77  ? -9.564  -5.740  -5.366  1.00 42.52 ? 76  GLY A C   1 
ATOM   577  O  O   . GLY A 1 77  ? -8.526  -4.979  -5.384  1.00 39.09 ? 76  GLY A O   1 
ATOM   578  N  N   . HIS A 1 78  ? -10.819 -5.345  -5.105  1.00 42.99 ? 77  HIS A N   1 
ATOM   579  C  CA  . HIS A 1 78  ? -11.139 -4.043  -4.518  1.00 42.47 ? 77  HIS A CA  1 
ATOM   580  C  C   . HIS A 1 78  ? -10.945 -4.142  -3.004  1.00 41.13 ? 77  HIS A C   1 
ATOM   581  O  O   . HIS A 1 78  ? -11.301 -5.136  -2.423  1.00 41.95 ? 77  HIS A O   1 
ATOM   582  C  CB  . HIS A 1 78  ? -12.626 -3.717  -4.756  1.00 43.28 ? 77  HIS A CB  1 
ATOM   583  C  CG  . HIS A 1 78  ? -13.002 -2.367  -4.254  1.00 44.18 ? 77  HIS A CG  1 
ATOM   584  N  ND1 . HIS A 1 78  ? -12.889 -1.228  -5.040  1.00 44.71 ? 77  HIS A ND1 1 
ATOM   585  C  CD2 . HIS A 1 78  ? -13.402 -1.956  -3.029  1.00 41.98 ? 77  HIS A CD2 1 
ATOM   586  C  CE1 . HIS A 1 78  ? -13.221 -0.174  -4.312  1.00 43.37 ? 77  HIS A CE1 1 
ATOM   587  N  NE2 . HIS A 1 78  ? -13.517 -0.587  -3.091  1.00 43.40 ? 77  HIS A NE2 1 
ATOM   588  N  N   . PRO A 1 79  ? -10.440 -3.095  -2.338  1.00 41.30 ? 78  PRO A N   1 
ATOM   589  C  CA  . PRO A 1 79  ? -10.361 -3.358  -0.888  1.00 42.17 ? 78  PRO A CA  1 
ATOM   590  C  C   . PRO A 1 79  ? -11.622 -3.879  -0.230  1.00 42.70 ? 78  PRO A C   1 
ATOM   591  O  O   . PRO A 1 79  ? -11.512 -4.481  0.832   1.00 42.52 ? 78  PRO A O   1 
ATOM   592  C  CB  . PRO A 1 79  ? -9.947  -2.000  -0.291  1.00 40.37 ? 78  PRO A CB  1 
ATOM   593  C  CG  . PRO A 1 79  ? -9.642  -1.207  -1.360  1.00 39.03 ? 78  PRO A CG  1 
ATOM   594  C  CD  . PRO A 1 79  ? -9.802  -1.828  -2.672  1.00 39.11 ? 78  PRO A CD  1 
ATOM   595  N  N   . ASN A 1 80  ? -12.798 -3.655  -0.804  1.00 44.06 ? 79  ASN A N   1 
ATOM   596  C  CA  . ASN A 1 80  ? -14.029 -4.154  -0.120  1.00 46.41 ? 79  ASN A CA  1 
ATOM   597  C  C   . ASN A 1 80  ? -14.398 -5.570  -0.510  1.00 45.60 ? 79  ASN A C   1 
ATOM   598  O  O   . ASN A 1 80  ? -15.278 -6.184  0.152   1.00 45.45 ? 79  ASN A O   1 
ATOM   599  C  CB  . ASN A 1 80  ? -15.271 -3.221  -0.290  1.00 47.52 ? 79  ASN A CB  1 
ATOM   600  C  CG  . ASN A 1 80  ? -15.080 -1.841  0.342   1.00 52.05 ? 79  ASN A CG  1 
ATOM   601  O  OD1 . ASN A 1 80  ? -14.274 -1.675  1.278   1.00 56.21 ? 79  ASN A OD1 1 
ATOM   602  N  ND2 . ASN A 1 80  ? -15.825 -0.834  -0.172  1.00 50.07 ? 79  ASN A ND2 1 
ATOM   603  N  N   . ASP A 1 81  ? -13.708 -6.106  -1.529  1.00 44.49 ? 80  ASP A N   1 
ATOM   604  C  CA  . ASP A 1 81  ? -13.945 -7.503  -1.961  1.00 44.99 ? 80  ASP A CA  1 
ATOM   605  C  C   . ASP A 1 81  ? -13.382 -8.474  -0.938  1.00 46.41 ? 80  ASP A C   1 
ATOM   606  O  O   . ASP A 1 81  ? -12.407 -8.161  -0.256  1.00 45.99 ? 80  ASP A O   1 
ATOM   607  C  CB  . ASP A 1 81  ? -13.272 -7.801  -3.287  1.00 44.74 ? 80  ASP A CB  1 
ATOM   608  C  CG  . ASP A 1 81  ? -13.902 -7.072  -4.471  1.00 45.12 ? 80  ASP A CG  1 
ATOM   609  O  OD1 . ASP A 1 81  ? -13.244 -7.005  -5.513  1.00 46.82 ? 80  ASP A OD1 1 
ATOM   610  O  OD2 . ASP A 1 81  ? -15.036 -6.541  -4.383  1.00 51.18 ? 80  ASP A OD2 1 
ATOM   611  N  N   . VAL A 1 82  ? -13.990 -9.655  -0.858  1.00 47.77 ? 81  VAL A N   1 
ATOM   612  C  CA  . VAL A 1 82  ? -13.464 -10.792 -0.093  1.00 49.20 ? 81  VAL A CA  1 
ATOM   613  C  C   . VAL A 1 82  ? -12.242 -11.385 -0.813  1.00 48.67 ? 81  VAL A C   1 
ATOM   614  O  O   . VAL A 1 82  ? -11.144 -11.568 -0.206  1.00 47.49 ? 81  VAL A O   1 
ATOM   615  C  CB  . VAL A 1 82  ? -14.554 -11.901 0.162   1.00 50.96 ? 81  VAL A CB  1 
ATOM   616  C  CG1 . VAL A 1 82  ? -13.886 -13.223 0.636   1.00 51.62 ? 81  VAL A CG1 1 
ATOM   617  C  CG2 . VAL A 1 82  ? -15.584 -11.430 1.187   1.00 48.41 ? 81  VAL A CG2 1 
ATOM   618  N  N   . ASN A 1 83  ? -12.432 -11.622 -2.104  1.00 47.83 ? 82  ASN A N   1 
ATOM   619  C  CA  . ASN A 1 83  ? -11.318 -11.884 -3.005  1.00 47.91 ? 82  ASN A CA  1 
ATOM   620  C  C   . ASN A 1 83  ? -10.514 -10.655 -3.379  1.00 47.13 ? 82  ASN A C   1 
ATOM   621  O  O   . ASN A 1 83  ? -10.742 -9.971  -4.416  1.00 47.82 ? 82  ASN A O   1 
ATOM   622  C  CB  . ASN A 1 83  ? -11.766 -12.560 -4.263  1.00 49.66 ? 82  ASN A CB  1 
ATOM   623  C  CG  . ASN A 1 83  ? -10.745 -13.514 -4.778  1.00 52.99 ? 82  ASN A CG  1 
ATOM   624  O  OD1 . ASN A 1 83  ? -10.636 -13.753 -5.988  1.00 55.46 ? 82  ASN A OD1 1 
ATOM   625  N  ND2 . ASN A 1 83  ? -9.993  -14.087 -3.863  1.00 52.41 ? 82  ASN A ND2 1 
ATOM   626  N  N   . ARG A 1 84  ? -9.598  -10.362 -2.473  1.00 44.64 ? 83  ARG A N   1 
ATOM   627  C  CA  . ARG A 1 84  ? -8.491  -9.460  -2.695  1.00 41.94 ? 83  ARG A CA  1 
ATOM   628  C  C   . ARG A 1 84  ? -7.166  -10.029 -2.113  1.00 40.22 ? 83  ARG A C   1 
ATOM   629  O  O   . ARG A 1 84  ? -7.110  -11.064 -1.416  1.00 40.27 ? 83  ARG A O   1 
ATOM   630  C  CB  . ARG A 1 84  ? -8.780  -8.096  -2.112  1.00 39.50 ? 83  ARG A CB  1 
ATOM   631  C  CG  . ARG A 1 84  ? -9.164  -8.122  -0.659  1.00 39.39 ? 83  ARG A CG  1 
ATOM   632  C  CD  . ARG A 1 84  ? -8.186  -7.114  -0.124  1.00 42.55 ? 83  ARG A CD  1 
ATOM   633  N  NE  . ARG A 1 84  ? -8.726  -6.229  0.806   1.00 38.29 ? 83  ARG A NE  1 
ATOM   634  C  CZ  . ARG A 1 84  ? -8.025  -5.358  1.526   1.00 43.23 ? 83  ARG A CZ  1 
ATOM   635  N  NH1 . ARG A 1 84  ? -6.709  -5.144  1.468   1.00 32.01 ? 83  ARG A NH1 1 
ATOM   636  N  NH2 . ARG A 1 84  ? -8.716  -4.664  2.390   1.00 48.66 ? 83  ARG A NH2 1 
ATOM   637  N  N   . HIS A 1 85  ? -6.101  -9.372  -2.488  1.00 38.97 ? 84  HIS A N   1 
ATOM   638  C  CA  . HIS A 1 85  ? -4.930  -9.489  -1.719  1.00 38.11 ? 84  HIS A CA  1 
ATOM   639  C  C   . HIS A 1 85  ? -4.929  -8.575  -0.511  1.00 36.67 ? 84  HIS A C   1 
ATOM   640  O  O   . HIS A 1 85  ? -5.448  -7.385  -0.557  1.00 36.85 ? 84  HIS A O   1 
ATOM   641  C  CB  . HIS A 1 85  ? -3.751  -9.029  -2.487  1.00 37.92 ? 84  HIS A CB  1 
ATOM   642  C  CG  . HIS A 1 85  ? -3.670  -9.540  -3.860  1.00 40.50 ? 84  HIS A CG  1 
ATOM   643  N  ND1 . HIS A 1 85  ? -3.333  -8.654  -4.819  1.00 42.03 ? 84  HIS A ND1 1 
ATOM   644  C  CD2 . HIS A 1 85  ? -3.790  -10.752 -4.476  1.00 40.39 ? 84  HIS A CD2 1 
ATOM   645  C  CE1 . HIS A 1 85  ? -3.205  -9.224  -5.972  1.00 40.57 ? 84  HIS A CE1 1 
ATOM   646  N  NE2 . HIS A 1 85  ? -3.468  -10.530 -5.798  1.00 38.60 ? 84  HIS A NE2 1 
ATOM   647  N  N   . VAL A 1 86  ? -4.189  -9.055  0.491   1.00 33.23 ? 85  VAL A N   1 
ATOM   648  C  CA  . VAL A 1 86  ? -3.986  -8.298  1.710   1.00 30.75 ? 85  VAL A CA  1 
ATOM   649  C  C   . VAL A 1 86  ? -3.459  -6.909  1.317   1.00 30.25 ? 85  VAL A C   1 
ATOM   650  O  O   . VAL A 1 86  ? -3.916  -5.983  1.887   1.00 28.76 ? 85  VAL A O   1 
ATOM   651  C  CB  . VAL A 1 86  ? -3.013  -9.034  2.659   1.00 30.61 ? 85  VAL A CB  1 
ATOM   652  C  CG1 . VAL A 1 86  ? -2.561  -8.146  3.772   1.00 23.90 ? 85  VAL A CG1 1 
ATOM   653  C  CG2 . VAL A 1 86  ? -3.710  -10.169 3.271   1.00 32.85 ? 85  VAL A CG2 1 
ATOM   654  N  N   . GLY A 1 87  ? -2.570  -6.789  0.309   1.00 30.32 ? 86  GLY A N   1 
ATOM   655  C  CA  . GLY A 1 87  ? -1.892  -5.523  -0.067  1.00 30.67 ? 86  GLY A CA  1 
ATOM   656  C  C   . GLY A 1 87  ? -2.716  -4.561  -0.946  1.00 31.99 ? 86  GLY A C   1 
ATOM   657  O  O   . GLY A 1 87  ? -2.253  -3.492  -1.333  1.00 33.19 ? 86  GLY A O   1 
ATOM   658  N  N   . ASP A 1 88  ? -3.956  -4.939  -1.222  1.00 33.88 ? 87  ASP A N   1 
ATOM   659  C  CA  . ASP A 1 88  ? -4.815  -4.316  -2.233  1.00 34.36 ? 87  ASP A CA  1 
ATOM   660  C  C   . ASP A 1 88  ? -5.640  -3.233  -1.487  1.00 33.76 ? 87  ASP A C   1 
ATOM   661  O  O   . ASP A 1 88  ? -6.795  -3.378  -1.166  1.00 35.29 ? 87  ASP A O   1 
ATOM   662  C  CB  . ASP A 1 88  ? -5.580  -5.585  -2.804  1.00 33.34 ? 87  ASP A CB  1 
ATOM   663  C  CG  . ASP A 1 88  ? -4.987  -6.060  -4.195  1.00 39.95 ? 87  ASP A CG  1 
ATOM   664  O  OD1 . ASP A 1 88  ? -3.949  -5.426  -4.576  1.00 44.32 ? 87  ASP A OD1 1 
ATOM   665  O  OD2 . ASP A 1 88  ? -5.621  -6.917  -4.855  1.00 43.60 ? 87  ASP A OD2 1 
ATOM   666  N  N   . LEU A 1 89  ? -4.994  -2.131  -1.218  1.00 32.97 ? 88  LEU A N   1 
ATOM   667  C  CA  . LEU A 1 89  ? -5.605  -0.961  -0.668  1.00 35.54 ? 88  LEU A CA  1 
ATOM   668  C  C   . LEU A 1 89  ? -6.212  0.051   -1.699  1.00 37.36 ? 88  LEU A C   1 
ATOM   669  O  O   . LEU A 1 89  ? -6.452  1.191   -1.296  1.00 37.72 ? 88  LEU A O   1 
ATOM   670  C  CB  . LEU A 1 89  ? -4.578  -0.226  0.217   1.00 34.97 ? 88  LEU A CB  1 
ATOM   671  C  CG  . LEU A 1 89  ? -4.036  -1.095  1.379   1.00 31.84 ? 88  LEU A CG  1 
ATOM   672  C  CD1 . LEU A 1 89  ? -3.023  -0.325  2.148   1.00 28.00 ? 88  LEU A CD1 1 
ATOM   673  C  CD2 . LEU A 1 89  ? -5.193  -1.457  2.323   1.00 27.80 ? 88  LEU A CD2 1 
ATOM   674  N  N   . GLY A 1 90  ? -6.475  -0.369  -2.971  1.00 38.01 ? 89  GLY A N   1 
ATOM   675  C  CA  . GLY A 1 90  ? -7.249  0.415   -4.017  1.00 38.82 ? 89  GLY A CA  1 
ATOM   676  C  C   . GLY A 1 90  ? -6.530  1.646   -4.618  1.00 39.94 ? 89  GLY A C   1 
ATOM   677  O  O   . GLY A 1 90  ? -5.344  1.545   -5.018  1.00 39.41 ? 89  GLY A O   1 
ATOM   678  N  N   . ASN A 1 91  ? -7.202  2.816   -4.613  1.00 40.15 ? 90  ASN A N   1 
ATOM   679  C  CA  . ASN A 1 91  ? -6.640  4.058   -5.247  1.00 40.37 ? 90  ASN A CA  1 
ATOM   680  C  C   . ASN A 1 91  ? -6.563  5.197   -4.289  1.00 40.48 ? 90  ASN A C   1 
ATOM   681  O  O   . ASN A 1 91  ? -7.488  5.389   -3.474  1.00 41.14 ? 90  ASN A O   1 
ATOM   682  C  CB  . ASN A 1 91  ? -7.466  4.541   -6.469  1.00 39.29 ? 90  ASN A CB  1 
ATOM   683  C  CG  . ASN A 1 91  ? -7.396  3.574   -7.676  1.00 41.48 ? 90  ASN A CG  1 
ATOM   684  O  OD1 . ASN A 1 91  ? -8.378  2.889   -8.012  1.00 44.61 ? 90  ASN A OD1 1 
ATOM   685  N  ND2 . ASN A 1 91  ? -6.240  3.515   -8.326  1.00 40.13 ? 90  ASN A ND2 1 
ATOM   686  N  N   . VAL A 1 92  ? -5.458  5.933   -4.359  1.00 40.64 ? 91  VAL A N   1 
ATOM   687  C  CA  . VAL A 1 92  ? -5.447  7.264   -3.863  1.00 41.03 ? 91  VAL A CA  1 
ATOM   688  C  C   . VAL A 1 92  ? -5.931  8.368   -4.888  1.00 41.22 ? 91  VAL A C   1 
ATOM   689  O  O   . VAL A 1 92  ? -5.942  8.147   -6.088  1.00 40.04 ? 91  VAL A O   1 
ATOM   690  C  CB  . VAL A 1 92  ? -4.116  7.612   -3.158  1.00 40.56 ? 91  VAL A CB  1 
ATOM   691  C  CG1 . VAL A 1 92  ? -3.893  6.615   -2.029  1.00 42.29 ? 91  VAL A CG1 1 
ATOM   692  C  CG2 . VAL A 1 92  ? -2.956  7.682   -4.147  1.00 33.93 ? 91  VAL A CG2 1 
ATOM   693  N  N   . VAL A 1 93  ? -6.374  9.524   -4.370  1.00 41.35 ? 92  VAL A N   1 
ATOM   694  C  CA  . VAL A 1 93  ? -6.961  10.558  -5.209  1.00 42.00 ? 92  VAL A CA  1 
ATOM   695  C  C   . VAL A 1 93  ? -6.200  11.863  -4.978  1.00 42.48 ? 92  VAL A C   1 
ATOM   696  O  O   . VAL A 1 93  ? -6.139  12.367  -3.851  1.00 40.87 ? 92  VAL A O   1 
ATOM   697  C  CB  . VAL A 1 93  ? -8.469  10.680  -5.028  1.00 42.13 ? 92  VAL A CB  1 
ATOM   698  C  CG1 . VAL A 1 93  ? -9.023  12.021  -5.685  1.00 41.24 ? 92  VAL A CG1 1 
ATOM   699  C  CG2 . VAL A 1 93  ? -9.113  9.521   -5.729  1.00 41.58 ? 92  VAL A CG2 1 
ATOM   700  N  N   . PHE A 1 94  ? -5.529  12.346  -6.039  1.00 44.68 ? 93  PHE A N   1 
ATOM   701  C  CA  . PHE A 1 94  ? -4.881  13.711  -5.969  1.00 46.04 ? 93  PHE A CA  1 
ATOM   702  C  C   . PHE A 1 94  ? -5.910  14.798  -6.333  1.00 46.63 ? 93  PHE A C   1 
ATOM   703  O  O   . PHE A 1 94  ? -6.702  14.632  -7.264  1.00 46.71 ? 93  PHE A O   1 
ATOM   704  C  CB  . PHE A 1 94  ? -3.597  13.777  -6.805  1.00 44.60 ? 93  PHE A CB  1 
ATOM   705  C  CG  . PHE A 1 94  ? -2.449  13.049  -6.160  1.00 41.91 ? 93  PHE A CG  1 
ATOM   706  C  CD1 . PHE A 1 94  ? -1.512  13.751  -5.396  1.00 39.43 ? 93  PHE A CD1 1 
ATOM   707  C  CD2 . PHE A 1 94  ? -2.372  11.659  -6.234  1.00 38.76 ? 93  PHE A CD2 1 
ATOM   708  C  CE1 . PHE A 1 94  ? -0.460  13.078  -4.744  1.00 37.77 ? 93  PHE A CE1 1 
ATOM   709  C  CE2 . PHE A 1 94  ? -1.396  10.994  -5.607  1.00 32.53 ? 93  PHE A CE2 1 
ATOM   710  C  CZ  . PHE A 1 94  ? -0.400  11.679  -4.854  1.00 38.64 ? 93  PHE A CZ  1 
ATOM   711  N  N   . ASP A 1 95  ? -5.944  15.875  -5.536  1.00 49.49 ? 94  ASP A N   1 
ATOM   712  C  CA  . ASP A 1 95  ? -6.915  16.958  -5.769  1.00 48.71 ? 94  ASP A CA  1 
ATOM   713  C  C   . ASP A 1 95  ? -6.330  17.908  -6.777  1.00 51.21 ? 94  ASP A C   1 
ATOM   714  O  O   . ASP A 1 95  ? -5.202  17.689  -7.243  1.00 51.05 ? 94  ASP A O   1 
ATOM   715  C  CB  . ASP A 1 95  ? -7.347  17.618  -4.476  1.00 47.18 ? 94  ASP A CB  1 
ATOM   716  C  CG  . ASP A 1 95  ? -6.250  18.379  -3.765  1.00 47.79 ? 94  ASP A CG  1 
ATOM   717  O  OD1 . ASP A 1 95  ? -6.418  18.716  -2.567  1.00 52.88 ? 94  ASP A OD1 1 
ATOM   718  O  OD2 . ASP A 1 95  ? -5.205  18.701  -4.336  1.00 50.55 ? 94  ASP A OD2 1 
ATOM   719  N  N   . GLU A 1 96  ? -7.104  18.952  -7.157  1.00 53.21 ? 95  GLU A N   1 
ATOM   720  C  CA  . GLU A 1 96  ? -6.645  19.990  -8.123  1.00 52.71 ? 95  GLU A CA  1 
ATOM   721  C  C   . GLU A 1 96  ? -5.407  20.667  -7.676  1.00 52.68 ? 95  GLU A C   1 
ATOM   722  O  O   . GLU A 1 96  ? -4.693  21.159  -8.491  1.00 54.85 ? 95  GLU A O   1 
ATOM   723  C  CB  . GLU A 1 96  ? -7.706  21.058  -8.330  1.00 52.72 ? 95  GLU A CB  1 
ATOM   724  C  CG  . GLU A 1 96  ? -8.772  20.561  -9.175  1.00 55.60 ? 95  GLU A CG  1 
ATOM   725  C  CD  . GLU A 1 96  ? -8.186  20.028  -10.419 1.00 62.76 ? 95  GLU A CD  1 
ATOM   726  O  OE1 . GLU A 1 96  ? -8.964  19.509  -11.247 1.00 63.33 ? 95  GLU A OE1 1 
ATOM   727  O  OE2 . GLU A 1 96  ? -6.930  20.166  -10.562 1.00 65.06 ? 95  GLU A OE2 1 
ATOM   728  N  N   . ASN A 1 97  ? -5.186  20.722  -6.369  1.00 51.50 ? 96  ASN A N   1 
ATOM   729  C  CA  . ASN A 1 97  ? -3.979  21.227  -5.786  1.00 50.61 ? 96  ASN A CA  1 
ATOM   730  C  C   . ASN A 1 97  ? -2.864  20.140  -5.792  1.00 50.02 ? 96  ASN A C   1 
ATOM   731  O  O   . ASN A 1 97  ? -1.883  20.291  -5.095  1.00 47.99 ? 96  ASN A O   1 
ATOM   732  C  CB  . ASN A 1 97  ? -4.255  21.661  -4.330  1.00 51.27 ? 96  ASN A CB  1 
ATOM   733  C  CG  . ASN A 1 97  ? -3.210  22.709  -3.796  1.00 55.62 ? 96  ASN A CG  1 
ATOM   734  O  OD1 . ASN A 1 97  ? -2.580  23.424  -4.602  1.00 60.25 ? 96  ASN A OD1 1 
ATOM   735  N  ND2 . ASN A 1 97  ? -3.047  22.814  -2.454  1.00 52.99 ? 96  ASN A ND2 1 
ATOM   736  N  N   . HIS A 1 98  ? -2.994  19.046  -6.522  1.00 48.72 ? 97  HIS A N   1 
ATOM   737  C  CA  . HIS A 1 98  ? -1.897  18.080  -6.442  1.00 52.87 ? 97  HIS A CA  1 
ATOM   738  C  C   . HIS A 1 98  ? -1.570  17.431  -5.041  1.00 51.83 ? 97  HIS A C   1 
ATOM   739  O  O   . HIS A 1 98  ? -0.386  17.172  -4.731  1.00 52.43 ? 97  HIS A O   1 
ATOM   740  C  CB  . HIS A 1 98  ? -0.607  18.754  -6.993  1.00 53.75 ? 97  HIS A CB  1 
ATOM   741  C  CG  . HIS A 1 98  ? -0.673  19.030  -8.460  1.00 58.79 ? 97  HIS A CG  1 
ATOM   742  N  ND1 . HIS A 1 98  ? -1.657  19.823  -9.021  1.00 62.79 ? 97  HIS A ND1 1 
ATOM   743  C  CD2 . HIS A 1 98  ? 0.072   18.568  -9.490  1.00 63.39 ? 97  HIS A CD2 1 
ATOM   744  C  CE1 . HIS A 1 98  ? -1.503  19.851  -10.333 1.00 65.22 ? 97  HIS A CE1 1 
ATOM   745  N  NE2 . HIS A 1 98  ? -0.469  19.090  -10.644 1.00 66.83 ? 97  HIS A NE2 1 
ATOM   746  N  N   . TYR A 1 99  ? -2.591  17.185  -4.211  1.00 50.28 ? 98  TYR A N   1 
ATOM   747  C  CA  . TYR A 1 99  ? -2.390  16.712  -2.855  1.00 48.31 ? 98  TYR A CA  1 
ATOM   748  C  C   . TYR A 1 99  ? -3.390  15.651  -2.662  1.00 47.25 ? 98  TYR A C   1 
ATOM   749  O  O   . TYR A 1 99  ? -4.528  15.874  -3.026  1.00 44.96 ? 98  TYR A O   1 
ATOM   750  C  CB  . TYR A 1 99  ? -2.595  17.792  -1.813  1.00 49.73 ? 98  TYR A CB  1 
ATOM   751  C  CG  . TYR A 1 99  ? -2.597  17.267  -0.368  1.00 50.57 ? 98  TYR A CG  1 
ATOM   752  C  CD1 . TYR A 1 99  ? -1.410  16.912  0.221   1.00 49.27 ? 98  TYR A CD1 1 
ATOM   753  C  CD2 . TYR A 1 99  ? -3.788  17.114  0.379   1.00 50.39 ? 98  TYR A CD2 1 
ATOM   754  C  CE1 . TYR A 1 99  ? -1.342  16.434  1.474   1.00 49.15 ? 98  TYR A CE1 1 
ATOM   755  C  CE2 . TYR A 1 99  ? -3.749  16.619  1.714   1.00 48.13 ? 98  TYR A CE2 1 
ATOM   756  C  CZ  . TYR A 1 99  ? -2.481  16.305  2.243   1.00 50.84 ? 98  TYR A CZ  1 
ATOM   757  O  OH  . TYR A 1 99  ? -2.245  15.812  3.536   1.00 54.72 ? 98  TYR A OH  1 
ATOM   758  N  N   . SER A 1 100 ? -2.886  14.458  -2.263  1.00 45.86 ? 99  SER A N   1 
ATOM   759  C  CA  . SER A 1 100 ? -3.659  13.327  -1.735  1.00 43.96 ? 99  SER A CA  1 
ATOM   760  C  C   . SER A 1 100 ? -3.795  13.301  -0.191  1.00 43.46 ? 99  SER A C   1 
ATOM   761  O  O   . SER A 1 100 ? -2.800  13.187  0.555   1.00 41.70 ? 99  SER A O   1 
ATOM   762  C  CB  . SER A 1 100 ? -3.089  11.994  -2.166  1.00 43.98 ? 99  SER A CB  1 
ATOM   763  O  OG  . SER A 1 100 ? -4.121  11.056  -2.490  1.00 42.93 ? 99  SER A OG  1 
ATOM   764  N  N   . ARG A 1 101 ? -5.063  13.374  0.263   1.00 42.66 ? 100 ARG A N   1 
ATOM   765  C  CA  . ARG A 1 101 ? -5.381  12.990  1.586   1.00 40.97 ? 100 ARG A CA  1 
ATOM   766  C  C   . ARG A 1 101 ? -5.633  11.488  1.587   1.00 39.57 ? 100 ARG A C   1 
ATOM   767  O  O   . ARG A 1 101 ? -6.561  10.946  0.893   1.00 37.77 ? 100 ARG A O   1 
ATOM   768  C  CB  . ARG A 1 101 ? -6.599  13.722  2.194   1.00 43.03 ? 100 ARG A CB  1 
ATOM   769  C  CG  . ARG A 1 101 ? -6.522  13.537  3.731   1.00 47.54 ? 100 ARG A CG  1 
ATOM   770  C  CD  . ARG A 1 101 ? -7.866  13.293  4.375   1.00 59.04 ? 100 ARG A CD  1 
ATOM   771  N  NE  . ARG A 1 101 ? -7.786  13.377  5.846   1.00 60.46 ? 100 ARG A NE  1 
ATOM   772  C  CZ  . ARG A 1 101 ? -8.849  13.224  6.629   1.00 62.83 ? 100 ARG A CZ  1 
ATOM   773  N  NH1 . ARG A 1 101 ? -10.030 13.000  6.078   1.00 61.64 ? 100 ARG A NH1 1 
ATOM   774  N  NH2 . ARG A 1 101 ? -8.737  13.323  7.959   1.00 66.97 ? 100 ARG A NH2 1 
ATOM   775  N  N   . ILE A 1 102 ? -4.833  10.809  2.410   1.00 36.11 ? 101 ILE A N   1 
ATOM   776  C  CA  . ILE A 1 102 ? -5.125  9.419   2.671   1.00 34.22 ? 101 ILE A CA  1 
ATOM   777  C  C   . ILE A 1 102 ? -5.718  9.285   4.026   1.00 31.42 ? 101 ILE A C   1 
ATOM   778  O  O   . ILE A 1 102 ? -5.151  9.748   5.066   1.00 29.51 ? 101 ILE A O   1 
ATOM   779  C  CB  . ILE A 1 102 ? -3.902  8.582   2.473   1.00 34.29 ? 101 ILE A CB  1 
ATOM   780  C  CG1 . ILE A 1 102 ? -3.515  8.744   1.027   1.00 37.63 ? 101 ILE A CG1 1 
ATOM   781  C  CG2 . ILE A 1 102 ? -4.191  7.075   2.715   1.00 39.18 ? 101 ILE A CG2 1 
ATOM   782  C  CD1 . ILE A 1 102 ? -2.113  8.287   0.769   1.00 40.70 ? 101 ILE A CD1 1 
ATOM   783  N  N   . ASP A 1 103 ? -6.870  8.619   4.035   1.00 30.97 ? 102 ASP A N   1 
ATOM   784  C  CA  . ASP A 1 103 ? -7.570  8.451   5.312   1.00 33.68 ? 102 ASP A CA  1 
ATOM   785  C  C   . ASP A 1 103 ? -8.558  7.345   5.278   1.00 34.40 ? 102 ASP A C   1 
ATOM   786  O  O   . ASP A 1 103 ? -9.768  7.591   4.935   1.00 34.73 ? 102 ASP A O   1 
ATOM   787  C  CB  . ASP A 1 103 ? -8.395  9.695   5.733   1.00 32.84 ? 102 ASP A CB  1 
ATOM   788  C  CG  . ASP A 1 103 ? -8.985  9.516   7.118   1.00 36.28 ? 102 ASP A CG  1 
ATOM   789  O  OD1 . ASP A 1 103 ? -8.612  8.575   7.834   1.00 34.01 ? 102 ASP A OD1 1 
ATOM   790  O  OD2 . ASP A 1 103 ? -9.822  10.333  7.545   1.00 43.72 ? 102 ASP A OD2 1 
ATOM   791  N  N   . LEU A 1 104 ? -8.084  6.169   5.648   1.00 32.47 ? 103 LEU A N   1 
ATOM   792  C  CA  . LEU A 1 104 ? -8.976  4.970   5.586   1.00 34.28 ? 103 LEU A CA  1 
ATOM   793  C  C   . LEU A 1 104 ? -8.666  3.899   6.657   1.00 32.03 ? 103 LEU A C   1 
ATOM   794  O  O   . LEU A 1 104 ? -7.762  3.985   7.391   1.00 30.40 ? 103 LEU A O   1 
ATOM   795  C  CB  . LEU A 1 104 ? -9.008  4.317   4.205   1.00 32.56 ? 103 LEU A CB  1 
ATOM   796  C  CG  . LEU A 1 104 ? -7.661  3.775   3.699   1.00 40.84 ? 103 LEU A CG  1 
ATOM   797  C  CD1 . LEU A 1 104 ? -7.514  2.311   4.142   1.00 36.71 ? 103 LEU A CD1 1 
ATOM   798  C  CD2 . LEU A 1 104 ? -7.472  3.970   2.212   1.00 39.05 ? 103 LEU A CD2 1 
ATOM   799  N  N   . VAL A 1 105 ? -9.522  2.906   6.730   1.00 34.74 ? 104 VAL A N   1 
ATOM   800  C  CA  . VAL A 1 105 ? -9.343  1.849   7.644   1.00 33.14 ? 104 VAL A CA  1 
ATOM   801  C  C   . VAL A 1 105 ? -9.498  0.575   6.863   1.00 32.76 ? 104 VAL A C   1 
ATOM   802  O  O   . VAL A 1 105 ? -10.457 0.391   6.100   1.00 31.98 ? 104 VAL A O   1 
ATOM   803  C  CB  . VAL A 1 105 ? -10.126 1.963   9.062   1.00 34.36 ? 104 VAL A CB  1 
ATOM   804  C  CG1 . VAL A 1 105 ? -10.723 3.323   9.415   1.00 33.99 ? 104 VAL A CG1 1 
ATOM   805  C  CG2 . VAL A 1 105 ? -11.036 0.853   9.300   1.00 33.93 ? 104 VAL A CG2 1 
ATOM   806  N  N   . ASP A 1 106 ? -8.512  -0.309  7.057   1.00 31.64 ? 105 ASP A N   1 
ATOM   807  C  CA  . ASP A 1 106 ? -8.514  -1.576  6.347   1.00 31.20 ? 105 ASP A CA  1 
ATOM   808  C  C   . ASP A 1 106 ? -8.476  -2.734  7.311   1.00 33.56 ? 105 ASP A C   1 
ATOM   809  O  O   . ASP A 1 106 ? -7.609  -2.724  8.246   1.00 33.70 ? 105 ASP A O   1 
ATOM   810  C  CB  . ASP A 1 106 ? -7.322  -1.665  5.473   1.00 30.68 ? 105 ASP A CB  1 
ATOM   811  C  CG  . ASP A 1 106 ? -7.429  -2.811  4.482   1.00 36.57 ? 105 ASP A CG  1 
ATOM   812  O  OD1 . ASP A 1 106 ? -6.637  -3.814  4.549   1.00 37.73 ? 105 ASP A OD1 1 
ATOM   813  O  OD2 . ASP A 1 106 ? -8.353  -2.720  3.637   1.00 40.99 ? 105 ASP A OD2 1 
ATOM   814  N  N   . ASP A 1 107 ? -9.329  -3.742  7.116   1.00 33.82 ? 106 ASP A N   1 
ATOM   815  C  CA  . ASP A 1 107 ? -9.371  -4.877  8.061   1.00 37.33 ? 106 ASP A CA  1 
ATOM   816  C  C   . ASP A 1 107 ? -8.478  -6.027  7.663   1.00 37.09 ? 106 ASP A C   1 
ATOM   817  O  O   . ASP A 1 107 ? -8.453  -6.999  8.427   1.00 39.13 ? 106 ASP A O   1 
ATOM   818  C  CB  . ASP A 1 107 ? -10.795 -5.460  8.324   1.00 37.18 ? 106 ASP A CB  1 
ATOM   819  C  CG  . ASP A 1 107 ? -11.510 -5.948  7.005   1.00 44.60 ? 106 ASP A CG  1 
ATOM   820  O  OD1 . ASP A 1 107 ? -10.998 -5.731  5.837   1.00 51.13 ? 106 ASP A OD1 1 
ATOM   821  O  OD2 . ASP A 1 107 ? -12.664 -6.477  7.140   1.00 53.65 ? 106 ASP A OD2 1 
ATOM   822  N  N   . GLN A 1 108 ? -7.743  -5.940  6.533   1.00 36.47 ? 107 GLN A N   1 
ATOM   823  C  CA  . GLN A 1 108 ? -6.893  -7.092  6.074   1.00 33.63 ? 107 GLN A CA  1 
ATOM   824  C  C   . GLN A 1 108 ? -5.419  -6.918  6.431   1.00 32.27 ? 107 GLN A C   1 
ATOM   825  O  O   . GLN A 1 108 ? -4.793  -7.874  6.784   1.00 33.76 ? 107 GLN A O   1 
ATOM   826  C  CB  . GLN A 1 108 ? -7.007  -7.349  4.567   1.00 32.04 ? 107 GLN A CB  1 
ATOM   827  C  CG  . GLN A 1 108 ? -8.292  -8.053  4.043   1.00 41.94 ? 107 GLN A CG  1 
ATOM   828  C  CD  . GLN A 1 108 ? -8.842  -9.210  5.015   1.00 52.01 ? 107 GLN A CD  1 
ATOM   829  O  OE1 . GLN A 1 108 ? -9.978  -9.127  5.637   1.00 49.82 ? 107 GLN A OE1 1 
ATOM   830  N  NE2 . GLN A 1 108 ? -8.014  -10.259 5.170   1.00 51.90 ? 107 GLN A NE2 1 
ATOM   831  N  N   . ILE A 1 109 ? -4.811  -5.746  6.243   1.00 30.36 ? 108 ILE A N   1 
ATOM   832  C  CA  . ILE A 1 109 ? -3.392  -5.594  6.543   1.00 26.26 ? 108 ILE A CA  1 
ATOM   833  C  C   . ILE A 1 109 ? -3.320  -5.632  8.033   1.00 28.15 ? 108 ILE A C   1 
ATOM   834  O  O   . ILE A 1 109 ? -4.351  -5.339  8.736   1.00 26.81 ? 108 ILE A O   1 
ATOM   835  C  CB  . ILE A 1 109 ? -2.836  -4.260  6.040   1.00 25.56 ? 108 ILE A CB  1 
ATOM   836  C  CG1 . ILE A 1 109 ? -3.768  -3.151  6.498   1.00 24.07 ? 108 ILE A CG1 1 
ATOM   837  C  CG2 . ILE A 1 109 ? -2.763  -4.341  4.433   1.00 24.93 ? 108 ILE A CG2 1 
ATOM   838  C  CD1 . ILE A 1 109 ? -3.371  -1.647  6.315   1.00 18.93 ? 108 ILE A CD1 1 
ATOM   839  N  N   . SER A 1 110 ? -2.135  -5.978  8.554   1.00 25.81 ? 109 SER A N   1 
ATOM   840  C  CA  . SER A 1 110 ? -1.971  -5.950  10.014  1.00 25.77 ? 109 SER A CA  1 
ATOM   841  C  C   . SER A 1 110 ? -0.577  -5.422  10.231  1.00 25.29 ? 109 SER A C   1 
ATOM   842  O  O   . SER A 1 110 ? 0.297   -5.413  9.285   1.00 26.21 ? 109 SER A O   1 
ATOM   843  C  CB  . SER A 1 110 ? -2.094  -7.408  10.564  1.00 24.33 ? 109 SER A CB  1 
ATOM   844  O  OG  . SER A 1 110 ? -2.032  -7.265  11.963  1.00 28.03 ? 109 SER A OG  1 
ATOM   845  N  N   . LEU A 1 111 ? -0.310  -5.072  11.438  1.00 26.65 ? 110 LEU A N   1 
ATOM   846  C  CA  . LEU A 1 111 ? 1.104   -4.765  11.835  1.00 29.52 ? 110 LEU A CA  1 
ATOM   847  C  C   . LEU A 1 111 ? 1.860   -5.945  12.427  1.00 29.61 ? 110 LEU A C   1 
ATOM   848  O  O   . LEU A 1 111 ? 3.034   -5.799  12.870  1.00 33.83 ? 110 LEU A O   1 
ATOM   849  C  CB  . LEU A 1 111 ? 1.146   -3.533  12.817  1.00 29.53 ? 110 LEU A CB  1 
ATOM   850  C  CG  . LEU A 1 111 ? 0.529   -2.216  12.212  1.00 31.78 ? 110 LEU A CG  1 
ATOM   851  C  CD1 . LEU A 1 111 ? 0.850   -1.019  13.051  1.00 30.59 ? 110 LEU A CD1 1 
ATOM   852  C  CD2 . LEU A 1 111 ? 1.164   -1.917  10.879  1.00 28.59 ? 110 LEU A CD2 1 
ATOM   853  N  N   . SER A 1 112 ? 1.231   -7.119  12.506  1.00 30.19 ? 111 SER A N   1 
ATOM   854  C  CA  . SER A 1 112 ? 1.949   -8.382  12.872  1.00 28.88 ? 111 SER A CA  1 
ATOM   855  C  C   . SER A 1 112 ? 1.232   -9.557  12.319  1.00 29.64 ? 111 SER A C   1 
ATOM   856  O  O   . SER A 1 112 ? 0.145   -9.392  11.780  1.00 30.09 ? 111 SER A O   1 
ATOM   857  C  CB  . SER A 1 112 ? 1.984   -8.543  14.379  1.00 28.30 ? 111 SER A CB  1 
ATOM   858  O  OG  . SER A 1 112 ? 0.639   -8.494  14.887  1.00 34.57 ? 111 SER A OG  1 
ATOM   859  N  N   . GLY A 1 113 ? 1.798   -10.773 12.523  1.00 30.04 ? 112 GLY A N   1 
ATOM   860  C  CA  . GLY A 1 113 ? 1.230   -12.031 12.083  1.00 27.13 ? 112 GLY A CA  1 
ATOM   861  C  C   . GLY A 1 113 ? 1.474   -12.229 10.599  1.00 28.13 ? 112 GLY A C   1 
ATOM   862  O  O   . GLY A 1 113 ? 2.217   -11.510 10.024  1.00 27.15 ? 112 GLY A O   1 
ATOM   863  N  N   . PRO A 1 114 ? 0.765   -13.167 9.964   1.00 28.21 ? 113 PRO A N   1 
ATOM   864  C  CA  . PRO A 1 114 ? 0.850   -13.472 8.532   1.00 29.04 ? 113 PRO A CA  1 
ATOM   865  C  C   . PRO A 1 114 ? 0.394   -12.288 7.612   1.00 30.61 ? 113 PRO A C   1 
ATOM   866  O  O   . PRO A 1 114 ? 0.800   -12.246 6.450   1.00 30.90 ? 113 PRO A O   1 
ATOM   867  C  CB  . PRO A 1 114 ? -0.179  -14.644 8.320   1.00 30.01 ? 113 PRO A CB  1 
ATOM   868  C  CG  . PRO A 1 114 ? -1.076  -14.604 9.549   1.00 31.33 ? 113 PRO A CG  1 
ATOM   869  C  CD  . PRO A 1 114 ? -0.250  -13.956 10.703  1.00 27.64 ? 113 PRO A CD  1 
ATOM   870  N  N   . HIS A 1 115 ? -0.450  -11.370 8.112   1.00 30.30 ? 114 HIS A N   1 
ATOM   871  C  CA  . HIS A 1 115 ? -0.839  -10.189 7.294   1.00 30.46 ? 114 HIS A CA  1 
ATOM   872  C  C   . HIS A 1 115 ? 0.025   -9.016  7.755   1.00 30.45 ? 114 HIS A C   1 
ATOM   873  O  O   . HIS A 1 115 ? -0.331  -7.924  7.509   1.00 31.73 ? 114 HIS A O   1 
ATOM   874  C  CB  . HIS A 1 115 ? -2.306  -9.843  7.529   1.00 30.50 ? 114 HIS A CB  1 
ATOM   875  C  CG  . HIS A 1 115 ? -3.255  -10.902 7.089   1.00 34.90 ? 114 HIS A CG  1 
ATOM   876  N  ND1 . HIS A 1 115 ? -4.598  -10.653 6.874   1.00 36.59 ? 114 HIS A ND1 1 
ATOM   877  C  CD2 . HIS A 1 115 ? -3.049  -12.220 6.789   1.00 35.62 ? 114 HIS A CD2 1 
ATOM   878  C  CE1 . HIS A 1 115 ? -5.163  -11.764 6.406   1.00 41.43 ? 114 HIS A CE1 1 
ATOM   879  N  NE2 . HIS A 1 115 ? -4.246  -12.727 6.341   1.00 37.54 ? 114 HIS A NE2 1 
ATOM   880  N  N   . GLY A 1 116 ? 1.151   -9.246  8.444   1.00 30.91 ? 115 GLY A N   1 
ATOM   881  C  CA  . GLY A 1 116 ? 2.034   -8.149  8.969   1.00 30.23 ? 115 GLY A CA  1 
ATOM   882  C  C   . GLY A 1 116 ? 2.701   -7.473  7.770   1.00 30.23 ? 115 GLY A C   1 
ATOM   883  O  O   . GLY A 1 116 ? 3.339   -8.104  6.937   1.00 29.87 ? 115 GLY A O   1 
ATOM   884  N  N   . ILE A 1 117 ? 2.580   -6.159  7.684   1.00 28.92 ? 116 ILE A N   1 
ATOM   885  C  CA  . ILE A 1 117 ? 3.218   -5.441  6.585   1.00 26.04 ? 116 ILE A CA  1 
ATOM   886  C  C   . ILE A 1 117 ? 4.496   -4.680  7.017   1.00 26.27 ? 116 ILE A C   1 
ATOM   887  O  O   . ILE A 1 117 ? 5.085   -3.971  6.171   1.00 26.87 ? 116 ILE A O   1 
ATOM   888  C  CB  . ILE A 1 117 ? 2.193   -4.352  6.045   1.00 25.40 ? 116 ILE A CB  1 
ATOM   889  C  CG1 . ILE A 1 117 ? 1.815   -3.396  7.166   1.00 22.59 ? 116 ILE A CG1 1 
ATOM   890  C  CG2 . ILE A 1 117 ? 0.973   -5.002  5.649   1.00 20.79 ? 116 ILE A CG2 1 
ATOM   891  C  CD1 . ILE A 1 117 ? 0.763   -2.297  6.623   1.00 26.06 ? 116 ILE A CD1 1 
ATOM   892  N  N   . ILE A 1 118 ? 4.943   -4.823  8.273   1.00 25.30 ? 117 ILE A N   1 
ATOM   893  C  CA  . ILE A 1 118 ? 6.181   -4.192  8.578   1.00 32.11 ? 117 ILE A CA  1 
ATOM   894  C  C   . ILE A 1 118 ? 7.324   -4.728  7.752   1.00 26.41 ? 117 ILE A C   1 
ATOM   895  O  O   . ILE A 1 118 ? 7.421   -5.919  7.548   1.00 21.81 ? 117 ILE A O   1 
ATOM   896  C  CB  . ILE A 1 118 ? 6.110   -3.465  9.926   1.00 37.15 ? 117 ILE A CB  1 
ATOM   897  C  CG1 . ILE A 1 118 ? 7.409   -3.586  10.719  1.00 26.44 ? 117 ILE A CG1 1 
ATOM   898  C  CG2 . ILE A 1 118 ? 5.010   -3.981  10.852  1.00 25.70 ? 117 ILE A CG2 1 
ATOM   899  C  CD1 . ILE A 1 118 ? 8.628   -3.832  9.830   1.00 28.09 ? 117 ILE A CD1 1 
ATOM   900  N  N   . GLY A 1 119 ? 8.151   -3.862  7.148   1.00 28.32 ? 118 GLY A N   1 
ATOM   901  C  CA  . GLY A 1 119 ? 9.274   -4.406  6.298   1.00 26.84 ? 118 GLY A CA  1 
ATOM   902  C  C   . GLY A 1 119 ? 8.906   -4.665  4.857   1.00 27.27 ? 118 GLY A C   1 
ATOM   903  O  O   . GLY A 1 119 ? 9.798   -5.099  4.043   1.00 27.99 ? 118 GLY A O   1 
ATOM   904  N  N   . ARG A 1 120 ? 7.610   -4.469  4.547   1.00 25.89 ? 119 ARG A N   1 
ATOM   905  C  CA  . ARG A 1 120 ? 7.070   -4.619  3.180   1.00 28.56 ? 119 ARG A CA  1 
ATOM   906  C  C   . ARG A 1 120 ? 7.065   -3.262  2.508   1.00 27.87 ? 119 ARG A C   1 
ATOM   907  O  O   . ARG A 1 120 ? 7.687   -2.355  3.016   1.00 30.91 ? 119 ARG A O   1 
ATOM   908  C  CB  . ARG A 1 120 ? 5.723   -5.405  3.147   1.00 26.33 ? 119 ARG A CB  1 
ATOM   909  C  CG  . ARG A 1 120 ? 5.969   -6.776  3.712   1.00 25.13 ? 119 ARG A CG  1 
ATOM   910  C  CD  . ARG A 1 120 ? 4.761   -7.578  3.539   1.00 30.38 ? 119 ARG A CD  1 
ATOM   911  N  NE  . ARG A 1 120 ? 4.833   -8.786  4.376   1.00 31.13 ? 119 ARG A NE  1 
ATOM   912  C  CZ  . ARG A 1 120 ? 5.539   -9.918  4.129   1.00 29.84 ? 119 ARG A CZ  1 
ATOM   913  N  NH1 . ARG A 1 120 ? 5.460   -10.888 4.979   1.00 25.37 ? 119 ARG A NH1 1 
ATOM   914  N  NH2 . ARG A 1 120 ? 6.322   -10.093 3.111   1.00 25.12 ? 119 ARG A NH2 1 
ATOM   915  N  N   . ALA A 1 121 ? 6.533   -3.125  1.313   1.00 28.78 ? 120 ALA A N   1 
ATOM   916  C  CA  . ALA A 1 121 ? 6.791   -1.833  0.627   1.00 28.31 ? 120 ALA A CA  1 
ATOM   917  C  C   . ALA A 1 121 ? 5.460   -1.119  0.318   1.00 29.42 ? 120 ALA A C   1 
ATOM   918  O  O   . ALA A 1 121 ? 4.504   -1.751  -0.052  1.00 28.48 ? 120 ALA A O   1 
ATOM   919  C  CB  . ALA A 1 121 ? 7.689   -2.025  -0.625  1.00 28.09 ? 120 ALA A CB  1 
ATOM   920  N  N   . VAL A 1 122 ? 5.335   0.168   0.605   1.00 31.03 ? 121 VAL A N   1 
ATOM   921  C  CA  . VAL A 1 122 ? 4.178   0.840   -0.068  1.00 34.70 ? 121 VAL A CA  1 
ATOM   922  C  C   . VAL A 1 122 ? 4.544   1.161   -1.551  1.00 33.54 ? 121 VAL A C   1 
ATOM   923  O  O   . VAL A 1 122 ? 5.536   1.793   -1.806  1.00 34.29 ? 121 VAL A O   1 
ATOM   924  C  CB  . VAL A 1 122 ? 3.781   2.159   0.656   1.00 35.91 ? 121 VAL A CB  1 
ATOM   925  C  CG1 . VAL A 1 122 ? 2.860   2.988   -0.243  1.00 36.46 ? 121 VAL A CG1 1 
ATOM   926  C  CG2 . VAL A 1 122 ? 3.077   1.829   2.034   1.00 35.25 ? 121 VAL A CG2 1 
ATOM   927  N  N   . VAL A 1 123 ? 3.769   0.748   -2.514  1.00 35.65 ? 122 VAL A N   1 
ATOM   928  C  CA  . VAL A 1 123 ? 3.965   1.267   -3.869  1.00 36.80 ? 122 VAL A CA  1 
ATOM   929  C  C   . VAL A 1 123 ? 2.844   2.156   -4.460  1.00 38.41 ? 122 VAL A C   1 
ATOM   930  O  O   . VAL A 1 123 ? 1.743   1.659   -4.814  1.00 39.31 ? 122 VAL A O   1 
ATOM   931  C  CB  . VAL A 1 123 ? 4.161   0.150   -4.946  1.00 36.66 ? 122 VAL A CB  1 
ATOM   932  C  CG1 . VAL A 1 123 ? 4.402   0.805   -6.267  1.00 33.17 ? 122 VAL A CG1 1 
ATOM   933  C  CG2 . VAL A 1 123 ? 5.344   -0.842  -4.584  1.00 35.97 ? 122 VAL A CG2 1 
ATOM   934  N  N   . LEU A 1 124 ? 3.205   3.406   -4.755  1.00 38.34 ? 123 LEU A N   1 
ATOM   935  C  CA  . LEU A 1 124 ? 2.337   4.326   -5.504  1.00 38.04 ? 123 LEU A CA  1 
ATOM   936  C  C   . LEU A 1 124 ? 2.437   4.145   -7.046  1.00 40.58 ? 123 LEU A C   1 
ATOM   937  O  O   . LEU A 1 124 ? 3.554   4.047   -7.597  1.00 40.29 ? 123 LEU A O   1 
ATOM   938  C  CB  . LEU A 1 124 ? 2.651   5.754   -5.111  1.00 34.93 ? 123 LEU A CB  1 
ATOM   939  C  CG  . LEU A 1 124 ? 1.712   6.798   -5.829  1.00 37.71 ? 123 LEU A CG  1 
ATOM   940  C  CD1 . LEU A 1 124 ? 0.256   6.621   -5.552  1.00 37.30 ? 123 LEU A CD1 1 
ATOM   941  C  CD2 . LEU A 1 124 ? 2.065   8.234   -5.433  1.00 33.77 ? 123 LEU A CD2 1 
ATOM   942  N  N   . HIS A 1 125 ? 1.272   4.036   -7.702  1.00 41.70 ? 124 HIS A N   1 
ATOM   943  C  CA  . HIS A 1 125 ? 1.175   3.723   -9.130  1.00 43.54 ? 124 HIS A CA  1 
ATOM   944  C  C   . HIS A 1 125 ? 0.898   4.995   -10.014 1.00 46.74 ? 124 HIS A C   1 
ATOM   945  O  O   . HIS A 1 125 ? 0.393   6.053   -9.553  1.00 44.45 ? 124 HIS A O   1 
ATOM   946  C  CB  . HIS A 1 125 ? 0.258   2.544   -9.401  1.00 42.51 ? 124 HIS A CB  1 
ATOM   947  C  CG  . HIS A 1 125 ? 0.849   1.204   -8.984  1.00 45.44 ? 124 HIS A CG  1 
ATOM   948  N  ND1 . HIS A 1 125 ? 1.667   0.455   -9.793  1.00 43.46 ? 124 HIS A ND1 1 
ATOM   949  C  CD2 . HIS A 1 125 ? 0.733   0.487   -7.835  1.00 51.10 ? 124 HIS A CD2 1 
ATOM   950  C  CE1 . HIS A 1 125 ? 2.011   -0.671  -9.181  1.00 48.00 ? 124 HIS A CE1 1 
ATOM   951  N  NE2 . HIS A 1 125 ? 1.492   -0.662  -7.967  1.00 49.25 ? 124 HIS A NE2 1 
ATOM   952  N  N   . GLU A 1 126 ? 1.367   4.925   -11.254 1.00 49.79 ? 125 GLU A N   1 
ATOM   953  C  CA  . GLU A 1 126 ? 1.319   6.070   -12.163 1.00 52.28 ? 125 GLU A CA  1 
ATOM   954  C  C   . GLU A 1 126 ? -0.071  6.190   -12.771 1.00 53.46 ? 125 GLU A C   1 
ATOM   955  O  O   . GLU A 1 126 ? -0.455  7.304   -13.173 1.00 55.03 ? 125 GLU A O   1 
ATOM   956  C  CB  . GLU A 1 126 ? 2.324   5.891   -13.306 1.00 52.74 ? 125 GLU A CB  1 
ATOM   957  C  CG  . GLU A 1 126 ? 1.775   5.043   -14.493 1.00 51.88 ? 125 GLU A CG  1 
ATOM   958  C  CD  . GLU A 1 126 ? 2.732   5.084   -15.695 1.00 55.27 ? 125 GLU A CD  1 
ATOM   959  O  OE1 . GLU A 1 126 ? 3.390   6.123   -15.871 1.00 59.38 ? 125 GLU A OE1 1 
ATOM   960  O  OE2 . GLU A 1 126 ? 2.858   4.075   -16.436 1.00 59.87 ? 125 GLU A OE2 1 
ATOM   961  N  N   . LYS A 1 127 ? -0.817  5.093   -12.888 1.00 53.23 ? 126 LYS A N   1 
ATOM   962  C  CA  . LYS A 1 127 ? -2.208  5.254   -13.267 1.00 55.44 ? 126 LYS A CA  1 
ATOM   963  C  C   . LYS A 1 127 ? -3.141  4.484   -12.300 1.00 54.75 ? 126 LYS A C   1 
ATOM   964  O  O   . LYS A 1 127 ? -2.694  4.005   -11.267 1.00 53.49 ? 126 LYS A O   1 
ATOM   965  C  CB  . LYS A 1 127 ? -2.433  4.916   -14.759 1.00 56.11 ? 126 LYS A CB  1 
ATOM   966  C  CG  . LYS A 1 127 ? -2.883  3.395   -15.000 1.00 59.48 ? 126 LYS A CG  1 
ATOM   967  C  CD  . LYS A 1 127 ? -2.842  2.831   -16.450 1.00 58.95 ? 126 LYS A CD  1 
ATOM   968  C  CE  . LYS A 1 127 ? -1.684  3.443   -17.259 1.00 68.92 ? 126 LYS A CE  1 
ATOM   969  N  NZ  . LYS A 1 127 ? -0.783  2.456   -18.015 1.00 71.78 ? 126 LYS A NZ  1 
ATOM   970  N  N   . ALA A 1 128 ? -4.434  4.378   -12.601 1.00 54.74 ? 127 ALA A N   1 
ATOM   971  C  CA  . ALA A 1 128 ? -5.336  3.819   -11.597 1.00 55.80 ? 127 ALA A CA  1 
ATOM   972  C  C   . ALA A 1 128 ? -5.510  2.265   -11.567 1.00 56.60 ? 127 ALA A C   1 
ATOM   973  O  O   . ALA A 1 128 ? -5.441  1.591   -12.567 1.00 56.74 ? 127 ALA A O   1 
ATOM   974  C  CB  . ALA A 1 128 ? -6.677  4.529   -11.606 1.00 55.26 ? 127 ALA A CB  1 
ATOM   975  N  N   . ASP A 1 129 ? -5.685  1.717   -10.367 1.00 56.85 ? 128 ASP A N   1 
ATOM   976  C  CA  . ASP A 1 129 ? -6.076  0.329   -10.155 1.00 56.95 ? 128 ASP A CA  1 
ATOM   977  C  C   . ASP A 1 129 ? -7.474  0.098   -10.716 1.00 57.28 ? 128 ASP A C   1 
ATOM   978  O  O   . ASP A 1 129 ? -8.370  0.877   -10.425 1.00 58.52 ? 128 ASP A O   1 
ATOM   979  C  CB  . ASP A 1 129 ? -6.131  0.092   -8.627  1.00 55.57 ? 128 ASP A CB  1 
ATOM   980  C  CG  . ASP A 1 129 ? -6.052  -1.387  -8.232  1.00 55.06 ? 128 ASP A CG  1 
ATOM   981  O  OD1 . ASP A 1 129 ? -5.204  -1.690  -7.310  1.00 51.14 ? 128 ASP A OD1 1 
ATOM   982  O  OD2 . ASP A 1 129 ? -6.842  -2.208  -8.790  1.00 46.84 ? 128 ASP A OD2 1 
ATOM   983  N  N   . ASP A 1 130 ? -7.697  -1.009  -11.407 1.00 57.82 ? 129 ASP A N   1 
ATOM   984  C  CA  . ASP A 1 130 ? -9.000  -1.281  -12.003 1.00 58.49 ? 129 ASP A CA  1 
ATOM   985  C  C   . ASP A 1 130 ? -9.823  -2.267  -11.218 1.00 58.64 ? 129 ASP A C   1 
ATOM   986  O  O   . ASP A 1 130 ? -10.886 -2.666  -11.701 1.00 58.43 ? 129 ASP A O   1 
ATOM   987  C  CB  . ASP A 1 130 ? -8.839  -1.791  -13.451 1.00 58.65 ? 129 ASP A CB  1 
ATOM   988  C  CG  . ASP A 1 130 ? -8.295  -3.236  -13.520 1.00 61.80 ? 129 ASP A CG  1 
ATOM   989  O  OD1 . ASP A 1 130 ? -7.184  -3.418  -14.004 1.00 66.52 ? 129 ASP A OD1 1 
ATOM   990  O  OD2 . ASP A 1 130 ? -8.947  -4.209  -13.082 1.00 64.71 ? 129 ASP A OD2 1 
ATOM   991  N  N   . TYR A 1 131 ? -9.296  -2.694  -10.050 1.00 59.07 ? 130 TYR A N   1 
ATOM   992  C  CA  . TYR A 1 131 ? -9.889  -3.688  -9.117  1.00 58.15 ? 130 TYR A CA  1 
ATOM   993  C  C   . TYR A 1 131 ? -10.058 -5.097  -9.613  1.00 58.78 ? 130 TYR A C   1 
ATOM   994  O  O   . TYR A 1 131 ? -10.855 -5.856  -9.098  1.00 56.62 ? 130 TYR A O   1 
ATOM   995  C  CB  . TYR A 1 131 ? -11.212 -3.193  -8.510  1.00 57.77 ? 130 TYR A CB  1 
ATOM   996  C  CG  . TYR A 1 131 ? -11.144 -1.778  -8.041  1.00 58.20 ? 130 TYR A CG  1 
ATOM   997  C  CD1 . TYR A 1 131 ? -10.028 -1.319  -7.338  1.00 58.81 ? 130 TYR A CD1 1 
ATOM   998  C  CD2 . TYR A 1 131 ? -12.175 -0.873  -8.307  1.00 57.92 ? 130 TYR A CD2 1 
ATOM   999  C  CE1 . TYR A 1 131 ? -9.928  -0.018  -6.927  1.00 55.40 ? 130 TYR A CE1 1 
ATOM   1000 C  CE2 . TYR A 1 131 ? -12.074 0.463   -7.868  1.00 55.58 ? 130 TYR A CE2 1 
ATOM   1001 C  CZ  . TYR A 1 131 ? -10.942 0.877   -7.199  1.00 54.07 ? 130 TYR A CZ  1 
ATOM   1002 O  OH  . TYR A 1 131 ? -10.819 2.155   -6.726  1.00 52.78 ? 130 TYR A OH  1 
ATOM   1003 N  N   . GLY A 1 132 ? -9.284  -5.460  -10.620 1.00 61.98 ? 131 GLY A N   1 
ATOM   1004 C  CA  . GLY A 1 132 ? -9.353  -6.803  -11.181 1.00 65.54 ? 131 GLY A CA  1 
ATOM   1005 C  C   . GLY A 1 132 ? -10.671 -7.021  -11.866 1.00 68.30 ? 131 GLY A C   1 
ATOM   1006 O  O   . GLY A 1 132 ? -11.198 -8.127  -11.861 1.00 69.26 ? 131 GLY A O   1 
ATOM   1007 N  N   . LYS A 1 133 ? -11.208 -5.945  -12.438 1.00 70.99 ? 132 LYS A N   1 
ATOM   1008 C  CA  . LYS A 1 133 ? -12.590 -5.935  -12.952 1.00 74.08 ? 132 LYS A CA  1 
ATOM   1009 C  C   . LYS A 1 133 ? -12.590 -5.642  -14.469 1.00 75.25 ? 132 LYS A C   1 
ATOM   1010 O  O   . LYS A 1 133 ? -13.650 -5.484  -15.098 1.00 75.05 ? 132 LYS A O   1 
ATOM   1011 C  CB  . LYS A 1 133 ? -13.463 -4.919  -12.188 1.00 73.26 ? 132 LYS A CB  1 
ATOM   1012 C  CG  . LYS A 1 133 ? -14.303 -5.481  -11.043 1.00 74.90 ? 132 LYS A CG  1 
ATOM   1013 C  CD  . LYS A 1 133 ? -14.740 -4.295  -10.127 1.00 76.19 ? 132 LYS A CD  1 
ATOM   1014 C  CE  . LYS A 1 133 ? -15.575 -4.738  -8.927  1.00 81.01 ? 132 LYS A CE  1 
ATOM   1015 N  NZ  . LYS A 1 133 ? -15.219 -6.127  -8.468  1.00 82.80 ? 132 LYS A NZ  1 
ATOM   1016 N  N   . SER A 1 134 ? -11.386 -5.564  -15.040 1.00 76.31 ? 133 SER A N   1 
ATOM   1017 C  CA  . SER A 1 134 ? -11.267 -5.438  -16.469 1.00 77.03 ? 133 SER A CA  1 
ATOM   1018 C  C   . SER A 1 134 ? -10.909 -6.766  -17.180 1.00 78.17 ? 133 SER A C   1 
ATOM   1019 O  O   . SER A 1 134 ? -11.014 -7.906  -16.625 1.00 77.64 ? 133 SER A O   1 
ATOM   1020 C  CB  . SER A 1 134 ? -10.340 -4.266  -16.851 1.00 76.86 ? 133 SER A CB  1 
ATOM   1021 O  OG  . SER A 1 134 ? -8.998  -4.655  -16.864 1.00 75.32 ? 133 SER A OG  1 
ATOM   1022 N  N   . ASP A 1 135 ? -10.557 -6.605  -18.445 1.00 79.12 ? 134 ASP A N   1 
ATOM   1023 C  CA  . ASP A 1 135 ? -10.205 -7.729  -19.276 1.00 80.03 ? 134 ASP A CA  1 
ATOM   1024 C  C   . ASP A 1 135 ? -8.820  -7.491  -19.879 1.00 79.72 ? 134 ASP A C   1 
ATOM   1025 O  O   . ASP A 1 135 ? -8.365  -8.246  -20.746 1.00 80.57 ? 134 ASP A O   1 
ATOM   1026 C  CB  . ASP A 1 135 ? -11.307 -8.068  -20.306 1.00 80.56 ? 134 ASP A CB  1 
ATOM   1027 C  CG  . ASP A 1 135 ? -11.858 -6.834  -21.037 1.00 82.94 ? 134 ASP A CG  1 
ATOM   1028 O  OD1 . ASP A 1 135 ? -11.029 -6.032  -21.568 1.00 81.39 ? 134 ASP A OD1 1 
ATOM   1029 O  OD2 . ASP A 1 135 ? -13.123 -6.699  -21.074 1.00 84.56 ? 134 ASP A OD2 1 
ATOM   1030 N  N   . HIS A 1 136 ? -8.129  -6.462  -19.396 1.00 78.81 ? 135 HIS A N   1 
ATOM   1031 C  CA  . HIS A 1 136 ? -6.687  -6.458  -19.527 1.00 78.03 ? 135 HIS A CA  1 
ATOM   1032 C  C   . HIS A 1 136 ? -6.225  -7.774  -18.827 1.00 78.48 ? 135 HIS A C   1 
ATOM   1033 O  O   . HIS A 1 136 ? -6.924  -8.289  -17.928 1.00 77.73 ? 135 HIS A O   1 
ATOM   1034 C  CB  . HIS A 1 136 ? -6.124  -5.222  -18.873 1.00 77.31 ? 135 HIS A CB  1 
ATOM   1035 C  CG  . HIS A 1 136 ? -4.653  -5.060  -19.037 1.00 74.25 ? 135 HIS A CG  1 
ATOM   1036 N  ND1 . HIS A 1 136 ? -4.099  -3.963  -19.659 1.00 71.56 ? 135 HIS A ND1 1 
ATOM   1037 C  CD2 . HIS A 1 136 ? -3.616  -5.812  -18.598 1.00 73.47 ? 135 HIS A CD2 1 
ATOM   1038 C  CE1 . HIS A 1 136 ? -2.780  -4.057  -19.621 1.00 72.55 ? 135 HIS A CE1 1 
ATOM   1039 N  NE2 . HIS A 1 136 ? -2.460  -5.164  -18.971 1.00 73.04 ? 135 HIS A NE2 1 
ATOM   1040 N  N   . PRO A 1 137 ? -5.116  -8.389  -19.298 1.00 78.76 ? 136 PRO A N   1 
ATOM   1041 C  CA  . PRO A 1 137 ? -4.926  -9.711  -18.688 1.00 78.37 ? 136 PRO A CA  1 
ATOM   1042 C  C   . PRO A 1 137 ? -4.160  -9.638  -17.325 1.00 78.32 ? 136 PRO A C   1 
ATOM   1043 O  O   . PRO A 1 137 ? -4.238  -10.612 -16.537 1.00 78.07 ? 136 PRO A O   1 
ATOM   1044 C  CB  . PRO A 1 137 ? -4.195  -10.526 -19.796 1.00 78.52 ? 136 PRO A CB  1 
ATOM   1045 C  CG  . PRO A 1 137 ? -3.829  -9.488  -20.897 1.00 78.72 ? 136 PRO A CG  1 
ATOM   1046 C  CD  . PRO A 1 137 ? -4.075  -8.108  -20.317 1.00 78.78 ? 136 PRO A CD  1 
ATOM   1047 N  N   . ASP A 1 138 ? -3.460  -8.496  -17.095 1.00 77.15 ? 137 ASP A N   1 
ATOM   1048 C  CA  . ASP A 1 138 ? -2.927  -8.028  -15.781 1.00 76.22 ? 137 ASP A CA  1 
ATOM   1049 C  C   . ASP A 1 138 ? -3.973  -7.688  -14.680 1.00 74.79 ? 137 ASP A C   1 
ATOM   1050 O  O   . ASP A 1 138 ? -3.702  -7.772  -13.486 1.00 74.12 ? 137 ASP A O   1 
ATOM   1051 C  CB  . ASP A 1 138 ? -2.054  -6.796  -15.992 1.00 74.82 ? 137 ASP A CB  1 
ATOM   1052 C  CG  . ASP A 1 138 ? -0.634  -7.144  -16.392 1.00 76.54 ? 137 ASP A CG  1 
ATOM   1053 O  OD1 . ASP A 1 138 ? 0.254   -6.262  -16.264 1.00 76.58 ? 137 ASP A OD1 1 
ATOM   1054 O  OD2 . ASP A 1 138 ? -0.384  -8.290  -16.841 1.00 75.82 ? 137 ASP A OD2 1 
ATOM   1055 N  N   . SER A 1 139 ? -5.150  -7.272  -15.110 1.00 74.15 ? 138 SER A N   1 
ATOM   1056 C  CA  . SER A 1 139 ? -6.194  -6.812  -14.221 1.00 73.35 ? 138 SER A CA  1 
ATOM   1057 C  C   . SER A 1 139 ? -6.435  -7.746  -13.035 1.00 72.91 ? 138 SER A C   1 
ATOM   1058 O  O   . SER A 1 139 ? -6.613  -7.241  -11.910 1.00 72.60 ? 138 SER A O   1 
ATOM   1059 C  CB  . SER A 1 139 ? -7.498  -6.610  -14.987 1.00 73.17 ? 138 SER A CB  1 
ATOM   1060 O  OG  . SER A 1 139 ? -8.617  -6.566  -14.111 1.00 73.96 ? 138 SER A OG  1 
ATOM   1061 N  N   . ARG A 1 140 ? -6.452  -9.067  -13.261 1.00 71.59 ? 139 ARG A N   1 
ATOM   1062 C  CA  . ARG A 1 140 ? -6.673  -10.020 -12.137 1.00 71.06 ? 139 ARG A CA  1 
ATOM   1063 C  C   . ARG A 1 140 ? -5.471  -10.219 -11.209 1.00 68.92 ? 139 ARG A C   1 
ATOM   1064 O  O   . ARG A 1 140 ? -5.587  -10.850 -10.170 1.00 69.20 ? 139 ARG A O   1 
ATOM   1065 C  CB  . ARG A 1 140 ? -7.127  -11.400 -12.613 1.00 72.08 ? 139 ARG A CB  1 
ATOM   1066 C  CG  . ARG A 1 140 ? -8.570  -11.719 -12.337 1.00 75.31 ? 139 ARG A CG  1 
ATOM   1067 C  CD  . ARG A 1 140 ? -9.408  -11.244 -13.518 1.00 81.64 ? 139 ARG A CD  1 
ATOM   1068 N  NE  . ARG A 1 140 ? -9.076  -11.959 -14.770 1.00 85.41 ? 139 ARG A NE  1 
ATOM   1069 C  CZ  . ARG A 1 140 ? -9.822  -12.924 -15.319 1.00 87.77 ? 139 ARG A CZ  1 
ATOM   1070 N  NH1 . ARG A 1 140 ? -10.958 -13.323 -14.730 1.00 90.83 ? 139 ARG A NH1 1 
ATOM   1071 N  NH2 . ARG A 1 140 ? -9.448  -13.489 -16.465 1.00 86.77 ? 139 ARG A NH2 1 
ATOM   1072 N  N   . LYS A 1 141 ? -4.321  -9.693  -11.605 1.00 67.65 ? 140 LYS A N   1 
ATOM   1073 C  CA  . LYS A 1 141 ? -3.092  -9.940  -10.911 1.00 65.65 ? 140 LYS A CA  1 
ATOM   1074 C  C   . LYS A 1 141 ? -2.708  -8.637  -10.252 1.00 64.71 ? 140 LYS A C   1 
ATOM   1075 O  O   . LYS A 1 141 ? -2.540  -8.586  -9.035  1.00 63.97 ? 140 LYS A O   1 
ATOM   1076 C  CB  . LYS A 1 141 ? -1.987  -10.493 -11.856 1.00 66.03 ? 140 LYS A CB  1 
ATOM   1077 C  CG  . LYS A 1 141 ? -2.019  -12.049 -12.186 1.00 65.24 ? 140 LYS A CG  1 
ATOM   1078 C  CD  . LYS A 1 141 ? -0.607  -12.525 -12.718 1.00 66.67 ? 140 LYS A CD  1 
ATOM   1079 C  CE  . LYS A 1 141 ? -0.509  -14.003 -13.265 1.00 68.70 ? 140 LYS A CE  1 
ATOM   1080 N  NZ  . LYS A 1 141 ? -0.750  -15.106 -12.256 1.00 67.65 ? 140 LYS A NZ  1 
ATOM   1081 N  N   . THR A 1 142 ? -2.623  -7.568  -11.037 1.00 63.68 ? 141 THR A N   1 
ATOM   1082 C  CA  . THR A 1 142 ? -2.075  -6.332  -10.509 1.00 62.71 ? 141 THR A CA  1 
ATOM   1083 C  C   . THR A 1 142 ? -3.051  -5.137  -10.457 1.00 61.92 ? 141 THR A C   1 
ATOM   1084 O  O   . THR A 1 142 ? -2.648  -3.996  -10.109 1.00 60.81 ? 141 THR A O   1 
ATOM   1085 C  CB  . THR A 1 142 ? -0.784  -5.966  -11.250 1.00 62.79 ? 141 THR A CB  1 
ATOM   1086 O  OG1 . THR A 1 142 ? -1.070  -5.162  -12.413 1.00 63.56 ? 141 THR A OG1 1 
ATOM   1087 C  CG2 . THR A 1 142 ? -0.121  -7.216  -11.675 1.00 62.39 ? 141 THR A CG2 1 
ATOM   1088 N  N   . GLY A 1 143 ? -4.310  -5.411  -10.774 1.00 60.87 ? 142 GLY A N   1 
ATOM   1089 C  CA  . GLY A 1 143 ? -5.191  -4.368  -11.343 1.00 62.29 ? 142 GLY A CA  1 
ATOM   1090 C  C   . GLY A 1 143 ? -4.470  -3.924  -12.612 1.00 62.30 ? 142 GLY A C   1 
ATOM   1091 O  O   . GLY A 1 143 ? -3.835  -4.721  -13.300 1.00 63.90 ? 142 GLY A O   1 
ATOM   1092 N  N   . ASN A 1 144 ? -4.445  -2.669  -12.935 1.00 61.31 ? 143 ASN A N   1 
ATOM   1093 C  CA  . ASN A 1 144 ? -3.667  -2.428  -14.104 1.00 60.54 ? 143 ASN A CA  1 
ATOM   1094 C  C   . ASN A 1 144 ? -3.135  -1.047  -13.939 1.00 60.30 ? 143 ASN A C   1 
ATOM   1095 O  O   . ASN A 1 144 ? -3.662  -0.126  -14.570 1.00 59.85 ? 143 ASN A O   1 
ATOM   1096 C  CB  . ASN A 1 144 ? -4.612  -2.464  -15.279 1.00 60.74 ? 143 ASN A CB  1 
ATOM   1097 C  CG  . ASN A 1 144 ? -3.904  -2.396  -16.572 1.00 64.73 ? 143 ASN A CG  1 
ATOM   1098 O  OD1 . ASN A 1 144 ? -3.321  -3.404  -16.977 1.00 69.82 ? 143 ASN A OD1 1 
ATOM   1099 N  ND2 . ASN A 1 144 ? -3.912  -1.214  -17.247 1.00 59.82 ? 143 ASN A ND2 1 
ATOM   1100 N  N   . ALA A 1 145 ? -2.162  -0.861  -13.050 1.00 57.88 ? 144 ALA A N   1 
ATOM   1101 C  CA  . ALA A 1 145 ? -1.996  0.485   -12.502 1.00 56.56 ? 144 ALA A CA  1 
ATOM   1102 C  C   . ALA A 1 145 ? -0.770  1.147   -13.040 1.00 55.34 ? 144 ALA A C   1 
ATOM   1103 O  O   . ALA A 1 145 ? -0.386  2.248   -12.637 1.00 54.07 ? 144 ALA A O   1 
ATOM   1104 C  CB  . ALA A 1 145 ? -2.043  0.494   -10.939 1.00 55.51 ? 144 ALA A CB  1 
ATOM   1105 N  N   . GLY A 1 146 ? -0.179  0.492   -14.030 1.00 56.33 ? 145 GLY A N   1 
ATOM   1106 C  CA  . GLY A 1 146 ? 0.963   1.111   -14.715 1.00 55.52 ? 145 GLY A CA  1 
ATOM   1107 C  C   . GLY A 1 146 ? 2.209   0.994   -13.894 1.00 54.48 ? 145 GLY A C   1 
ATOM   1108 O  O   . GLY A 1 146 ? 2.311   0.142   -13.042 1.00 56.05 ? 145 GLY A O   1 
ATOM   1109 N  N   . GLY A 1 147 ? 3.159   1.867   -14.153 1.00 54.01 ? 146 GLY A N   1 
ATOM   1110 C  CA  . GLY A 1 147 ? 4.389   1.878   -13.445 1.00 51.02 ? 146 GLY A CA  1 
ATOM   1111 C  C   . GLY A 1 147 ? 4.160   2.208   -11.984 1.00 50.50 ? 146 GLY A C   1 
ATOM   1112 O  O   . GLY A 1 147 ? 2.999   2.305   -11.526 1.00 51.61 ? 146 GLY A O   1 
ATOM   1113 N  N   . ARG A 1 148 ? 5.287   2.467   -11.310 1.00 46.97 ? 147 ARG A N   1 
ATOM   1114 C  CA  . ARG A 1 148 ? 5.457   2.478   -9.934  1.00 43.45 ? 147 ARG A CA  1 
ATOM   1115 C  C   . ARG A 1 148 ? 6.253   3.713   -9.871  1.00 44.78 ? 147 ARG A C   1 
ATOM   1116 O  O   . ARG A 1 148 ? 7.460   3.655   -10.091 1.00 45.88 ? 147 ARG A O   1 
ATOM   1117 C  CB  . ARG A 1 148 ? 6.370   1.271   -9.518  1.00 42.12 ? 147 ARG A CB  1 
ATOM   1118 C  CG  . ARG A 1 148 ? 5.711   -0.147  -9.655  1.00 38.14 ? 147 ARG A CG  1 
ATOM   1119 C  CD  . ARG A 1 148 ? 6.607   -1.326  -9.154  1.00 36.41 ? 147 ARG A CD  1 
ATOM   1120 N  NE  . ARG A 1 148 ? 5.930   -2.626  -9.435  1.00 32.98 ? 147 ARG A NE  1 
ATOM   1121 C  CZ  . ARG A 1 148 ? 6.209   -3.790  -8.847  1.00 33.09 ? 147 ARG A CZ  1 
ATOM   1122 N  NH1 . ARG A 1 148 ? 5.517   -4.870  -9.173  1.00 30.37 ? 147 ARG A NH1 1 
ATOM   1123 N  NH2 . ARG A 1 148 ? 7.180   -3.903  -7.932  1.00 35.51 ? 147 ARG A NH2 1 
ATOM   1124 N  N   . VAL A 1 149 ? 5.620   4.824   -9.530  1.00 44.25 ? 148 VAL A N   1 
ATOM   1125 C  CA  . VAL A 1 149 ? 6.255   6.128   -9.536  1.00 44.06 ? 148 VAL A CA  1 
ATOM   1126 C  C   . VAL A 1 149 ? 6.928   6.400   -8.202  1.00 44.96 ? 148 VAL A C   1 
ATOM   1127 O  O   . VAL A 1 149 ? 7.826   7.305   -8.041  1.00 45.23 ? 148 VAL A O   1 
ATOM   1128 C  CB  . VAL A 1 149 ? 5.198   7.256   -9.816  1.00 44.87 ? 148 VAL A CB  1 
ATOM   1129 C  CG1 . VAL A 1 149 ? 4.428   6.939   -11.043 1.00 46.35 ? 148 VAL A CG1 1 
ATOM   1130 C  CG2 . VAL A 1 149 ? 4.190   7.375   -8.673  1.00 42.70 ? 148 VAL A CG2 1 
ATOM   1131 N  N   . ALA A 1 150 ? 6.511   5.656   -7.190  1.00 44.48 ? 149 ALA A N   1 
ATOM   1132 C  CA  . ALA A 1 150 ? 7.205   5.827   -5.882  1.00 43.49 ? 149 ALA A CA  1 
ATOM   1133 C  C   . ALA A 1 150 ? 6.985   4.648   -4.996  1.00 41.95 ? 149 ALA A C   1 
ATOM   1134 O  O   . ALA A 1 150 ? 5.951   3.959   -5.129  1.00 42.55 ? 149 ALA A O   1 
ATOM   1135 C  CB  . ALA A 1 150 ? 6.717   7.169   -5.158  1.00 44.33 ? 149 ALA A CB  1 
ATOM   1136 N  N   . CYS A 1 151 ? 7.875   4.467   -4.025  1.00 40.27 ? 150 CYS A N   1 
ATOM   1137 C  CA  . CYS A 1 151 ? 7.701   3.366   -3.049  1.00 39.96 ? 150 CYS A CA  1 
ATOM   1138 C  C   . CYS A 1 151 ? 8.555   3.687   -1.834  1.00 38.63 ? 150 CYS A C   1 
ATOM   1139 O  O   . CYS A 1 151 ? 9.449   4.507   -1.902  1.00 36.32 ? 150 CYS A O   1 
ATOM   1140 C  CB  . CYS A 1 151 ? 8.014   1.949   -3.664  1.00 40.09 ? 150 CYS A CB  1 
ATOM   1141 S  SG  . CYS A 1 151 ? 9.756   1.872   -4.359  1.00 44.44 ? 150 CYS A SG  1 
ATOM   1142 N  N   . GLY A 1 152 ? 8.198   3.112   -0.696  1.00 37.82 ? 151 GLY A N   1 
ATOM   1143 C  CA  . GLY A 1 152 ? 9.039   3.245   0.508   1.00 37.85 ? 151 GLY A CA  1 
ATOM   1144 C  C   . GLY A 1 152 ? 8.776   2.009   1.354   1.00 36.19 ? 151 GLY A C   1 
ATOM   1145 O  O   . GLY A 1 152 ? 7.721   1.391   1.200   1.00 35.62 ? 151 GLY A O   1 
ATOM   1146 N  N   . VAL A 1 153 ? 9.748   1.619   2.183   1.00 36.54 ? 152 VAL A N   1 
ATOM   1147 C  CA  . VAL A 1 153 ? 9.533   0.466   3.088   1.00 32.89 ? 152 VAL A CA  1 
ATOM   1148 C  C   . VAL A 1 153 ? 8.762   0.849   4.340   1.00 31.95 ? 152 VAL A C   1 
ATOM   1149 O  O   . VAL A 1 153 ? 8.988   1.904   4.928   1.00 29.75 ? 152 VAL A O   1 
ATOM   1150 C  CB  . VAL A 1 153 ? 10.720  -0.526  3.232   1.00 35.24 ? 152 VAL A CB  1 
ATOM   1151 C  CG1 . VAL A 1 153 ? 11.947  -0.321  2.200   1.00 30.42 ? 152 VAL A CG1 1 
ATOM   1152 C  CG2 . VAL A 1 153 ? 11.060  -1.121  4.731   1.00 28.75 ? 152 VAL A CG2 1 
ATOM   1153 N  N   . ILE A 1 154 ? 7.803   0.017   4.700   1.00 29.57 ? 153 ILE A N   1 
ATOM   1154 C  CA  . ILE A 1 154 ? 7.099   0.212   5.976   1.00 28.34 ? 153 ILE A CA  1 
ATOM   1155 C  C   . ILE A 1 154 ? 7.961   -0.033  7.171   1.00 27.28 ? 153 ILE A C   1 
ATOM   1156 O  O   . ILE A 1 154 ? 8.413   -1.146  7.440   1.00 31.23 ? 153 ILE A O   1 
ATOM   1157 C  CB  . ILE A 1 154 ? 5.834   -0.557  5.936   1.00 29.22 ? 153 ILE A CB  1 
ATOM   1158 C  CG1 . ILE A 1 154 ? 5.128   -0.165  4.620   1.00 26.49 ? 153 ILE A CG1 1 
ATOM   1159 C  CG2 . ILE A 1 154 ? 4.939   -0.312  7.208   1.00 27.11 ? 153 ILE A CG2 1 
ATOM   1160 C  CD1 . ILE A 1 154 ? 4.018   -1.043  4.283   1.00 20.19 ? 153 ILE A CD1 1 
ATOM   1161 N  N   . GLY A 1 155 ? 8.275   1.026   7.876   1.00 26.84 ? 154 GLY A N   1 
ATOM   1162 C  CA  . GLY A 1 155 ? 9.015   0.969   9.099   1.00 27.23 ? 154 GLY A CA  1 
ATOM   1163 C  C   . GLY A 1 155 ? 8.256   1.120   10.451  1.00 28.86 ? 154 GLY A C   1 
ATOM   1164 O  O   . GLY A 1 155 ? 7.185   1.645   10.542  1.00 28.94 ? 154 GLY A O   1 
ATOM   1165 N  N   . ILE A 1 156 ? 8.878   0.689   11.529  1.00 29.54 ? 155 ILE A N   1 
ATOM   1166 C  CA  . ILE A 1 156 ? 8.341   0.905   12.858  1.00 30.93 ? 155 ILE A CA  1 
ATOM   1167 C  C   . ILE A 1 156 ? 8.464   2.371   13.173  1.00 30.95 ? 155 ILE A C   1 
ATOM   1168 O  O   . ILE A 1 156 ? 9.537   2.978   13.050  1.00 30.04 ? 155 ILE A O   1 
ATOM   1169 C  CB  . ILE A 1 156 ? 9.070   0.054   13.918  1.00 30.87 ? 155 ILE A CB  1 
ATOM   1170 C  CG1 . ILE A 1 156 ? 8.696   -1.395  13.746  1.00 27.14 ? 155 ILE A CG1 1 
ATOM   1171 C  CG2 . ILE A 1 156 ? 8.550   0.416   15.339  1.00 32.81 ? 155 ILE A CG2 1 
ATOM   1172 C  CD1 . ILE A 1 156 ? 9.738   -2.316  14.269  1.00 28.77 ? 155 ILE A CD1 1 
ATOM   1173 N  N   . LEU A 1 157 ? 7.333   2.942   13.547  1.00 33.20 ? 156 LEU A N   1 
ATOM   1174 C  CA  . LEU A 1 157 ? 7.193   4.360   13.993  1.00 35.42 ? 156 LEU A CA  1 
ATOM   1175 C  C   . LEU A 1 157 ? 7.350   4.436   15.525  1.00 36.45 ? 156 LEU A C   1 
ATOM   1176 O  O   . LEU A 1 157 ? 7.880   5.411   16.078  1.00 39.04 ? 156 LEU A O   1 
ATOM   1177 C  CB  . LEU A 1 157 ? 5.873   4.913   13.533  1.00 36.06 ? 156 LEU A CB  1 
ATOM   1178 C  CG  . LEU A 1 157 ? 5.616   6.380   13.811  1.00 38.77 ? 156 LEU A CG  1 
ATOM   1179 C  CD1 . LEU A 1 157 ? 6.661   7.210   13.228  1.00 37.22 ? 156 LEU A CD1 1 
ATOM   1180 C  CD2 . LEU A 1 157 ? 4.226   6.694   13.180  1.00 42.68 ? 156 LEU A CD2 1 
ATOM   1181 O  OXT . LEU A 1 157 ? 7.167   3.485   16.297  1.00 36.94 ? 156 LEU A OXT 1 
HETATM 1182 CU CU  . CU  B 2 .   ? 1.046   -2.460  -7.274  1.00 49.67 ? 171 CU  A CU  1 
HETATM 1183 ZN ZN  . ZN  C 3 .   ? -3.315  -6.887  -5.924  1.00 41.68 ? 172 ZN  A ZN  1 
HETATM 1184 CU CU  . CU  D 2 .   ? 12.384  -3.777  29.539  1.00 36.01 ? 181 CU  A CU  1 
HETATM 1185 O  O   . HOH E 4 .   ? 12.011  3.270   2.290   1.00 26.34 ? 182 HOH A O   1 
HETATM 1186 O  O   . HOH E 4 .   ? 4.352   -6.607  10.382  1.00 28.92 ? 183 HOH A O   1 
HETATM 1187 O  O   . HOH E 4 .   ? 9.752   4.385   4.618   1.00 31.25 ? 184 HOH A O   1 
HETATM 1188 O  O   . HOH E 4 .   ? -0.770  -6.278  15.276  1.00 34.14 ? 185 HOH A O   1 
HETATM 1189 O  O   . HOH E 4 .   ? 9.949   5.508   6.827   1.00 34.51 ? 186 HOH A O   1 
HETATM 1190 O  O   . HOH E 4 .   ? 1.244   -17.379 2.637   1.00 34.74 ? 187 HOH A O   1 
HETATM 1191 O  O   . HOH E 4 .   ? -2.171  -4.654  13.641  1.00 35.23 ? 188 HOH A O   1 
HETATM 1192 O  O   . HOH E 4 .   ? -1.788  -10.968 10.615  1.00 36.22 ? 189 HOH A O   1 
HETATM 1193 O  O   . HOH E 4 .   ? -9.996  2.697   -3.716  1.00 36.28 ? 190 HOH A O   1 
HETATM 1194 O  O   . HOH E 4 .   ? -4.385  -4.669  13.658  1.00 37.22 ? 191 HOH A O   1 
HETATM 1195 O  O   . HOH E 4 .   ? 4.002   -10.628 7.291   1.00 37.28 ? 192 HOH A O   1 
HETATM 1196 O  O   . HOH E 4 .   ? -9.832  -0.247  3.364   1.00 38.05 ? 193 HOH A O   1 
HETATM 1197 O  O   . HOH E 4 .   ? 2.803   -14.052 5.657   1.00 39.04 ? 194 HOH A O   1 
HETATM 1198 O  O   . HOH E 4 .   ? 4.559   -10.838 13.973  1.00 40.82 ? 195 HOH A O   1 
HETATM 1199 O  O   . HOH E 4 .   ? 11.469  5.893   1.703   1.00 41.01 ? 196 HOH A O   1 
HETATM 1200 O  O   . HOH E 4 .   ? 4.552   -14.327 7.789   1.00 41.99 ? 197 HOH A O   1 
HETATM 1201 O  O   . HOH E 4 .   ? -2.537  5.797   10.908  1.00 42.09 ? 198 HOH A O   1 
HETATM 1202 O  O   . HOH E 4 .   ? 2.664   -12.356 -0.847  1.00 42.15 ? 199 HOH A O   1 
HETATM 1203 O  O   . HOH E 4 .   ? -2.053  -6.229  19.966  1.00 43.29 ? 200 HOH A O   1 
HETATM 1204 O  O   . HOH E 4 .   ? -8.060  7.742   1.933   1.00 43.47 ? 201 HOH A O   1 
HETATM 1205 O  O   . HOH E 4 .   ? 0.179   -13.534 -5.454  1.00 44.31 ? 202 HOH A O   1 
HETATM 1206 O  O   . HOH E 4 .   ? 10.100  5.958   -4.476  1.00 44.70 ? 203 HOH A O   1 
HETATM 1207 O  O   . HOH E 4 .   ? -1.746  2.288   18.188  1.00 44.73 ? 204 HOH A O   1 
HETATM 1208 O  O   . HOH E 4 .   ? 11.791  2.703   -9.184  1.00 45.40 ? 205 HOH A O   1 
HETATM 1209 O  O   . HOH E 4 .   ? 8.367   -5.182  17.755  1.00 45.44 ? 206 HOH A O   1 
HETATM 1210 O  O   . HOH E 4 .   ? -11.970 -6.582  2.946   1.00 45.63 ? 207 HOH A O   1 
HETATM 1211 O  O   . HOH E 4 .   ? -4.746  12.317  6.568   1.00 45.67 ? 208 HOH A O   1 
HETATM 1212 O  O   . HOH E 4 .   ? -10.529 5.549   -4.172  1.00 45.91 ? 209 HOH A O   1 
HETATM 1213 O  O   . HOH E 4 .   ? -16.845 -9.679  -1.612  1.00 46.45 ? 210 HOH A O   1 
HETATM 1214 O  O   . HOH E 4 .   ? -5.965  -6.451  10.395  1.00 46.58 ? 211 HOH A O   1 
HETATM 1215 O  O   . HOH E 4 .   ? 5.087   -7.138  14.010  1.00 46.88 ? 212 HOH A O   1 
HETATM 1216 O  O   . HOH E 4 .   ? -11.315 0.770   16.171  1.00 49.57 ? 213 HOH A O   1 
HETATM 1217 O  O   . HOH E 4 .   ? -12.659 -6.750  11.272  1.00 50.01 ? 214 HOH A O   1 
HETATM 1218 O  O   . HOH E 4 .   ? 8.094   -7.170  -9.623  1.00 50.05 ? 215 HOH A O   1 
HETATM 1219 O  O   . HOH E 4 .   ? -1.268  4.708   18.581  1.00 50.71 ? 216 HOH A O   1 
HETATM 1220 O  O   . HOH E 4 .   ? -3.002  -12.772 -8.132  1.00 51.57 ? 217 HOH A O   1 
HETATM 1221 O  O   . HOH E 4 .   ? -5.702  6.009   14.561  1.00 52.14 ? 218 HOH A O   1 
HETATM 1222 O  O   . HOH E 4 .   ? -4.906  -20.165 -4.897  1.00 52.86 ? 219 HOH A O   1 
HETATM 1223 O  O   . HOH E 4 .   ? -12.921 1.768   23.355  1.00 53.43 ? 220 HOH A O   1 
HETATM 1224 O  O   . HOH E 4 .   ? -8.150  -5.084  17.956  1.00 53.95 ? 221 HOH A O   1 
HETATM 1225 O  O   . HOH E 4 .   ? -2.622  -9.765  13.310  1.00 54.15 ? 222 HOH A O   1 
HETATM 1226 O  O   . HOH E 4 .   ? 13.877  -9.171  -3.398  1.00 54.80 ? 223 HOH A O   1 
HETATM 1227 O  O   . HOH E 4 .   ? 0.539   6.227   15.476  1.00 55.88 ? 224 HOH A O   1 
HETATM 1228 O  O   . HOH E 4 .   ? -12.021 -15.668 -1.080  1.00 55.90 ? 225 HOH A O   1 
HETATM 1229 O  O   . HOH E 4 .   ? 4.063   -11.232 20.718  1.00 57.20 ? 226 HOH A O   1 
HETATM 1230 O  O   . HOH E 4 .   ? -10.251 -4.722  20.111  1.00 58.62 ? 227 HOH A O   1 
HETATM 1231 O  O   . HOH E 4 .   ? 2.316   7.975   15.128  1.00 58.77 ? 228 HOH A O   1 
HETATM 1232 O  O   . HOH E 4 .   ? -10.511 -9.398  8.275   1.00 59.54 ? 229 HOH A O   1 
HETATM 1233 O  O   . HOH E 4 .   ? 4.509   -6.324  25.874  1.00 60.01 ? 230 HOH A O   1 
HETATM 1234 O  O   . HOH E 4 .   ? -15.980 -4.042  -5.676  1.00 61.12 ? 231 HOH A O   1 
HETATM 1235 O  O   . HOH E 4 .   ? -2.104  -1.467  20.771  1.00 62.66 ? 232 HOH A O   1 
HETATM 1236 O  O   . HOH E 4 .   ? -8.535  1.721   18.740  1.00 62.79 ? 233 HOH A O   1 
HETATM 1237 O  O   . HOH E 4 .   ? -9.767  -8.160  17.167  1.00 63.46 ? 234 HOH A O   1 
HETATM 1238 O  O   . HOH E 4 .   ? -12.552 -2.042  7.261   1.00 63.60 ? 235 HOH A O   1 
HETATM 1239 O  O   . HOH E 4 .   ? -13.846 -7.146  16.538  1.00 65.05 ? 236 HOH A O   1 
HETATM 1240 O  O   . HOH E 4 .   ? 3.845   -12.449 -3.150  1.00 65.30 ? 237 HOH A O   1 
# 
